data_7VGH
#
_entry.id   7VGH
#
_cell.length_a   1.00
_cell.length_b   1.00
_cell.length_c   1.00
_cell.angle_alpha   90.00
_cell.angle_beta   90.00
_cell.angle_gamma   90.00
#
_symmetry.space_group_name_H-M   'P 1'
#
loop_
_entity.id
_entity.type
_entity.pdbx_description
1 polymer 'Cell cycle control protein 50B'
2 polymer 'Phospholipid-transporting ATPase IC'
3 branched alpha-D-mannopyranose-(1-3)-alpha-D-mannopyranose-(1-4)-2-acetamido-2-deoxy-beta-D-glucopyranose-(1-4)-2-acetamido-2-deoxy-beta-D-glucopyranose
4 branched alpha-D-mannopyranose-(1-6)-alpha-D-mannopyranose-(1-6)-[alpha-D-mannopyranose-(1-3)]alpha-D-mannopyranose-(1-4)-2-acetamido-2-deoxy-beta-D-glucopyranose-(1-4)-2-acetamido-2-deoxy-beta-D-glucopyranose
5 branched 2-acetamido-2-deoxy-beta-D-glucopyranose-(1-4)-2-acetamido-2-deoxy-beta-D-glucopyranose
6 non-polymer 2-acetamido-2-deoxy-beta-D-glucopyranose
7 non-polymer 'MAGNESIUM ION'
#
loop_
_entity_poly.entity_id
_entity_poly.type
_entity_poly.pdbx_seq_one_letter_code
_entity_poly.pdbx_strand_id
1 'polypeptide(L)'
;MSHHHHHHGSGSMTWSATARGAHQPDNTAFTQQRLPAWQPLLSASIALPLFFCAGLAFIGLGLGLYYSSNGIKELEYDYT
GDPGTGNCSVCAAAGQGRALPPPCSCAWYFSLPELFQGPVYLYYELTNFYQNNRRYGVSRDDAQLSGLPSALRHPVNECA
PYQRSAAGLPIAPCGAIANSLFNDSFSLWHQRQPGGPYVEVPLDRSGIAWWTDYHVKFRNPPLVNGSLALAFQGTAPPPN
WRRPVYELSPDPNNTGFINQDFVVWMRTAALPTFRKLYARIRQGNYSAGLPRGAYRVNITYNYPVRAFGGHKLLIFSSIS
WMGGKNPFLGIAYLVVGSLCILTGFVMLVVYIRYQDQDDDDEE
;
A
2 'polypeptide(L)'
;MASWSHPQFEKGGGARGGSGGGSWSHPQFEKGFDYKDDDDKGTMSTERDSETTFDEDSQPNDEVVPYSDDETEDELDDQG
SAVEPEQNRVNREAEENREPFRKECTWQVKANDRKYHEQPHFMNTKFLCIKESKYANNAIKTYKYNAFTFIPMNLFEQFK
RAANLYFLALLILQAVPQISTLAWYTTLVPLLVVLGVTAIKDLVDDVARHKMDKEINNRTCEVIKDGRFKVAKWKEIQVG
DVIRLKKNDFVPADILLLSSSEPNSLCYVETAELDGETNLKFKMSLEITDQYLQREDTLATFDGFIECEEPNNRLDKFTG
TLFWRNTSFPLDADKILLRGCVIRNTDFCHGLVIFAGADTKIMKNSGKTRFKRTKIDYLMNYMVYTIFVVLILLSAGLAI
GHAYWEAQVGNSSWYLYDGEDDTPSYRGFLIFWGYIIVLNTMVPISLYVSVEVIRLGQSHFINWDLQMYYAEKDTPAKAR
TTTLNEQLGQIHYIFS(PHD)KTGTLTQNIMTFKKCCINGQIYGDHRDASQHNHNKIEQVDFSWNTYADGKLAFYDHYLI
EQIQSGKEPEVRQFFFLLAVCHTVMVDRTDGQLNYQAASPDEGALVNAARNFGFAFLARTQNTITISELGTERTYNVLAI
LDFNSDRKRMSIIVRTPEGNIKLYCKGADTVIYERLHRMNPTKQETQDALDIFANETLRTLCLCYKEIEEKEFTEWNKKF
MAASVASTNRDEALDKVYEEIEKDLILLGATAIEDKLQDGVPETISKLAKADIKIWVLTGDKKETAENIGFACELLTEDT
TICYGEDINSLLHARMENQRNRGGVYAKFAPPVQESFFPPGGNRALIITGSWLNEILLEKKTKRNKILKLKFPRTEEERR
MRTQSKRRLEAKKEQRQKNFVDLACECSAVICCRVTPKQKAMVVDLVKRYKKAITLAIGDGANDVNMIKTAHIGVGISGQ
EGMQAVMSSDYSFAQFRYLQRLLLVHGRWSYIRMCKFLRYFFYKNFAFTLVHFWYSFFNGYSAQTAYEDWFITLYNVLYT
SLPVLLMGLLDQDVSDKLSLRFPGLYIVGQRDLLFNYKRFFVSLLHGVLTSMILFFIPLGAYLQTVGQDGEAPSDYQSFA
VTIASALVITVNFQIGLDTSYWTFVNAFSIFGSIALYFGIMFDFHSAGIHVLFPSAFQFTGTASNALRQPYIWLTIILAV
AVCLLPVVAIRFLSMTIWPSESDKIQKHRKRLKAEEQWQRRQQVFRRGVSTRRSAYAFSHQRGYADLISSGRSIRKKRSP
LDAIVADGTAEYRRTGDS
;
B
#
loop_
_chem_comp.id
_chem_comp.type
_chem_comp.name
_chem_comp.formula
MAN D-saccharide, alpha linking alpha-D-mannopyranose 'C6 H12 O6'
MG non-polymer 'MAGNESIUM ION' 'Mg 2'
NAG D-saccharide, beta linking 2-acetamido-2-deoxy-beta-D-glucopyranose 'C8 H15 N O6'
#
# COMPACT_ATOMS: atom_id res chain seq x y z
N ARG A 20 3.91 12.18 -31.12
CA ARG A 20 3.85 10.77 -31.50
C ARG A 20 3.19 9.95 -30.41
N GLY A 21 2.23 9.11 -30.80
CA GLY A 21 1.52 8.28 -29.86
C GLY A 21 0.39 9.02 -29.18
N ALA A 22 -0.78 8.41 -29.13
CA ALA A 22 -1.93 9.04 -28.51
C ALA A 22 -1.99 8.86 -27.01
N HIS A 23 -1.06 8.11 -26.41
CA HIS A 23 -1.13 7.84 -24.99
C HIS A 23 0.22 7.88 -24.27
N GLN A 24 1.31 8.27 -24.94
CA GLN A 24 2.57 8.39 -24.25
C GLN A 24 2.51 9.50 -23.23
N PRO A 25 3.01 9.30 -22.01
CA PRO A 25 3.03 10.40 -21.04
C PRO A 25 3.92 11.55 -21.46
N ASP A 26 3.92 12.61 -20.64
CA ASP A 26 4.48 13.90 -21.08
C ASP A 26 6.00 13.94 -21.06
N ASN A 27 6.64 13.16 -20.18
CA ASN A 27 8.10 13.10 -20.06
C ASN A 27 8.69 14.48 -19.74
N THR A 28 8.32 14.97 -18.55
CA THR A 28 9.00 16.10 -17.95
C THR A 28 9.92 15.61 -16.84
N ALA A 29 10.54 16.55 -16.14
CA ALA A 29 11.50 16.18 -15.10
C ALA A 29 10.79 15.62 -13.87
N PHE A 30 9.71 16.27 -13.45
CA PHE A 30 9.03 15.85 -12.23
C PHE A 30 8.27 14.54 -12.45
N THR A 31 7.55 14.44 -13.56
CA THR A 31 6.66 13.30 -13.79
C THR A 31 7.40 11.98 -13.94
N GLN A 32 8.72 12.00 -14.13
CA GLN A 32 9.50 10.79 -14.25
C GLN A 32 10.47 10.60 -13.09
N GLN A 33 10.31 11.36 -12.02
CA GLN A 33 11.17 11.26 -10.83
C GLN A 33 12.64 11.49 -11.21
N ARG A 34 12.90 12.67 -11.76
CA ARG A 34 14.24 13.01 -12.25
C ARG A 34 14.66 14.42 -11.86
N LEU A 35 13.98 15.03 -10.90
CA LEU A 35 14.33 16.39 -10.50
C LEU A 35 15.75 16.42 -9.95
N PRO A 36 16.55 17.43 -10.31
CA PRO A 36 17.89 17.54 -9.74
C PRO A 36 17.82 17.67 -8.22
N ALA A 37 18.73 16.97 -7.54
CA ALA A 37 18.69 16.96 -6.09
C ALA A 37 20.07 16.67 -5.54
N TRP A 38 20.50 17.46 -4.56
CA TRP A 38 21.74 17.22 -3.87
C TRP A 38 21.56 16.09 -2.86
N GLN A 39 22.46 15.11 -2.89
CA GLN A 39 22.34 13.96 -2.00
C GLN A 39 23.39 14.07 -0.90
N PRO A 40 23.00 14.41 0.32
CA PRO A 40 23.99 14.54 1.40
C PRO A 40 24.24 13.22 2.11
N LEU A 41 25.49 12.78 2.14
CA LEU A 41 25.89 11.63 2.94
C LEU A 41 26.64 12.14 4.16
N LEU A 42 26.24 11.66 5.33
CA LEU A 42 26.84 12.14 6.58
C LEU A 42 28.25 11.60 6.67
N SER A 43 29.21 12.39 6.21
CA SER A 43 30.60 11.94 6.14
C SER A 43 31.22 11.99 7.53
N ALA A 44 32.52 11.71 7.60
CA ALA A 44 33.27 11.85 8.83
C ALA A 44 34.07 13.14 8.90
N SER A 45 34.13 13.90 7.81
CA SER A 45 34.78 15.20 7.80
C SER A 45 33.84 16.32 8.16
N ILE A 46 32.59 16.00 8.50
CA ILE A 46 31.61 16.98 8.92
C ILE A 46 31.19 16.77 10.37
N ALA A 47 31.18 15.52 10.83
CA ALA A 47 30.78 15.25 12.20
C ALA A 47 31.82 15.77 13.19
N LEU A 48 33.09 15.45 12.97
CA LEU A 48 34.12 15.85 13.93
C LEU A 48 34.29 17.36 14.03
N PRO A 49 34.42 18.12 12.93
CA PRO A 49 34.51 19.57 13.09
C PRO A 49 33.30 20.17 13.77
N LEU A 50 32.11 19.62 13.53
CA LEU A 50 30.92 20.11 14.20
C LEU A 50 31.03 19.92 15.71
N PHE A 51 31.31 18.70 16.15
CA PHE A 51 31.35 18.44 17.58
C PHE A 51 32.57 19.05 18.27
N PHE A 52 33.54 19.55 17.52
CA PHE A 52 34.62 20.27 18.18
C PHE A 52 34.40 21.77 18.21
N CYS A 53 34.03 22.37 17.06
CA CYS A 53 33.78 23.80 17.04
C CYS A 53 32.58 24.17 17.91
N ALA A 54 31.49 23.41 17.81
CA ALA A 54 30.31 23.72 18.62
C ALA A 54 30.63 23.58 20.10
N GLY A 55 31.38 22.54 20.48
CA GLY A 55 31.77 22.39 21.86
C GLY A 55 32.61 23.55 22.37
N LEU A 56 33.58 23.98 21.56
CA LEU A 56 34.42 25.11 21.99
C LEU A 56 33.59 26.38 22.14
N ALA A 57 32.71 26.65 21.18
CA ALA A 57 31.85 27.83 21.26
C ALA A 57 30.96 27.78 22.50
N PHE A 58 30.38 26.61 22.78
CA PHE A 58 29.54 26.47 23.94
C PHE A 58 30.32 26.70 25.23
N ILE A 59 31.55 26.18 25.32
CA ILE A 59 32.36 26.41 26.50
C ILE A 59 32.60 27.90 26.71
N GLY A 60 33.04 28.59 25.66
CA GLY A 60 33.33 30.01 25.81
C GLY A 60 32.09 30.81 26.21
N LEU A 61 30.98 30.56 25.51
CA LEU A 61 29.76 31.31 25.76
C LEU A 61 29.23 31.05 27.16
N GLY A 62 29.25 29.79 27.59
CA GLY A 62 28.77 29.47 28.92
C GLY A 62 29.64 30.05 30.02
N LEU A 63 30.96 30.06 29.81
CA LEU A 63 31.83 30.70 30.79
C LEU A 63 31.54 32.19 30.89
N GLY A 64 31.32 32.84 29.75
CA GLY A 64 30.93 34.24 29.78
C GLY A 64 29.65 34.47 30.56
N LEU A 65 28.64 33.64 30.29
CA LEU A 65 27.38 33.76 31.02
C LEU A 65 27.56 33.53 32.51
N TYR A 66 28.36 32.53 32.88
CA TYR A 66 28.55 32.22 34.29
C TYR A 66 29.21 33.38 35.02
N TYR A 67 30.23 33.99 34.41
CA TYR A 67 30.86 35.13 35.09
C TYR A 67 29.99 36.37 35.08
N SER A 68 29.17 36.57 34.05
CA SER A 68 28.27 37.72 34.07
C SER A 68 27.12 37.54 35.06
N SER A 69 26.76 36.30 35.38
CA SER A 69 25.66 36.06 36.32
C SER A 69 26.09 36.08 37.77
N ASN A 70 27.38 36.28 38.05
CA ASN A 70 27.88 36.23 39.41
C ASN A 70 28.36 37.58 39.94
N GLY A 71 28.40 38.60 39.10
CA GLY A 71 28.82 39.92 39.55
C GLY A 71 27.65 40.80 39.93
N ILE A 72 26.50 40.19 40.18
CA ILE A 72 25.26 40.90 40.50
C ILE A 72 24.92 40.64 41.95
N LYS A 73 24.67 41.72 42.70
CA LYS A 73 24.45 41.65 44.13
C LYS A 73 22.97 41.84 44.45
N GLU A 74 22.45 41.00 45.34
CA GLU A 74 21.04 41.02 45.71
C GLU A 74 20.90 41.05 47.22
N LEU A 75 19.75 41.54 47.69
CA LEU A 75 19.50 41.64 49.12
C LEU A 75 18.01 41.46 49.39
N GLU A 76 17.67 40.53 50.29
CA GLU A 76 16.29 40.14 50.57
C GLU A 76 16.00 40.26 52.05
N TYR A 77 14.70 40.30 52.40
CA TYR A 77 14.35 40.25 53.82
C TYR A 77 13.32 39.20 54.21
N ASP A 78 12.31 38.95 53.38
CA ASP A 78 11.19 38.09 53.79
C ASP A 78 10.47 38.68 55.00
N TYR A 79 9.80 39.80 54.75
CA TYR A 79 9.12 40.56 55.79
C TYR A 79 7.78 39.96 56.19
N THR A 80 7.53 38.69 55.91
CA THR A 80 6.35 38.02 56.44
C THR A 80 6.44 37.96 57.96
N GLY A 81 5.29 38.03 58.62
CA GLY A 81 5.26 38.03 60.06
C GLY A 81 4.90 36.68 60.66
N ASP A 82 4.98 35.62 59.86
CA ASP A 82 4.53 34.30 60.30
C ASP A 82 5.29 33.77 61.50
N PRO A 83 6.63 33.72 61.52
CA PRO A 83 7.30 33.06 62.65
C PRO A 83 7.30 33.89 63.92
N GLY A 84 7.95 33.37 64.96
CA GLY A 84 8.07 34.13 66.20
C GLY A 84 8.94 35.36 66.04
N THR A 85 10.00 35.27 65.24
CA THR A 85 10.96 36.35 65.09
C THR A 85 10.66 37.18 63.85
N GLY A 86 10.98 38.46 63.93
CA GLY A 86 10.70 39.40 62.86
C GLY A 86 9.99 40.64 63.37
N ASN A 87 10.37 41.81 62.85
CA ASN A 87 9.75 43.06 63.29
C ASN A 87 8.26 43.06 63.01
N CYS A 88 7.87 42.62 61.81
CA CYS A 88 6.47 42.65 61.42
C CYS A 88 5.67 41.51 62.03
N SER A 89 6.32 40.51 62.63
CA SER A 89 5.60 39.42 63.29
C SER A 89 4.71 39.93 64.41
N VAL A 90 5.00 41.12 64.94
CA VAL A 90 4.17 41.70 65.98
C VAL A 90 2.76 41.95 65.48
N CYS A 91 2.56 42.03 64.17
CA CYS A 91 1.23 42.27 63.61
C CYS A 91 0.79 41.13 62.72
N ALA A 92 1.17 39.91 63.09
CA ALA A 92 0.62 38.73 62.44
C ALA A 92 -0.88 38.66 62.70
N ALA A 93 -1.66 38.45 61.66
CA ALA A 93 -3.11 38.55 61.74
C ALA A 93 -3.71 37.19 62.09
N ALA A 94 -5.04 37.11 62.01
CA ALA A 94 -5.75 35.85 62.20
C ALA A 94 -6.87 35.80 61.16
N GLY A 95 -7.77 34.83 61.30
CA GLY A 95 -8.79 34.61 60.30
C GLY A 95 -10.07 35.39 60.53
N GLN A 96 -9.99 36.71 60.54
CA GLN A 96 -11.19 37.53 60.62
C GLN A 96 -11.18 38.61 59.54
N GLY A 97 -10.00 39.10 59.21
CA GLY A 97 -9.84 40.22 58.32
C GLY A 97 -9.59 41.48 59.13
N ARG A 98 -8.32 41.88 59.25
CA ARG A 98 -7.96 43.02 60.09
C ARG A 98 -7.14 44.04 59.31
N ALA A 99 -7.39 44.15 58.00
CA ALA A 99 -6.86 45.27 57.24
C ALA A 99 -7.56 46.57 57.62
N LEU A 100 -8.85 46.50 57.96
CA LEU A 100 -9.58 47.70 58.34
C LEU A 100 -8.98 48.42 59.55
N PRO A 101 -8.54 47.75 60.61
CA PRO A 101 -7.81 48.45 61.68
C PRO A 101 -6.47 48.96 61.18
N PRO A 102 -5.69 49.62 62.02
CA PRO A 102 -4.36 50.11 61.62
C PRO A 102 -3.61 49.09 60.78
N PRO A 103 -2.88 49.53 59.76
CA PRO A 103 -2.21 48.60 58.86
C PRO A 103 -0.94 48.02 59.46
N CYS A 104 -0.77 48.21 60.77
CA CYS A 104 0.37 47.70 61.53
C CYS A 104 1.68 47.99 60.82
N SER A 105 1.86 49.25 60.43
CA SER A 105 3.03 49.65 59.67
C SER A 105 4.30 49.31 60.43
N CYS A 106 5.04 48.32 59.94
CA CYS A 106 6.30 47.94 60.54
C CYS A 106 7.44 48.59 59.77
N ALA A 107 8.67 48.25 60.14
CA ALA A 107 9.84 48.83 59.50
C ALA A 107 11.02 47.91 59.74
N TRP A 108 12.09 48.14 59.00
CA TRP A 108 13.30 47.36 59.23
C TRP A 108 14.52 48.09 58.71
N TYR A 109 15.64 47.85 59.40
CA TYR A 109 16.84 48.67 59.30
C TYR A 109 17.97 47.85 58.72
N PHE A 110 18.89 48.50 58.02
CA PHE A 110 20.09 47.81 57.56
C PHE A 110 21.19 48.82 57.32
N SER A 111 22.39 48.29 57.06
CA SER A 111 23.56 49.09 56.80
C SER A 111 24.26 48.55 55.56
N LEU A 112 24.93 49.45 54.84
CA LEU A 112 25.65 49.09 53.63
C LEU A 112 27.10 49.52 53.79
N PRO A 113 28.07 48.59 53.68
CA PRO A 113 29.48 48.98 53.77
C PRO A 113 30.08 49.44 52.46
N GLU A 114 29.39 49.25 51.35
CA GLU A 114 29.95 49.52 50.03
C GLU A 114 28.86 50.16 49.18
N LEU A 115 29.10 50.22 47.87
CA LEU A 115 28.23 50.88 46.93
C LEU A 115 27.44 49.85 46.12
N PHE A 116 26.52 50.36 45.28
CA PHE A 116 25.76 49.55 44.33
C PHE A 116 25.92 50.11 42.92
N GLN A 117 27.17 50.34 42.50
CA GLN A 117 27.45 51.04 41.24
C GLN A 117 26.60 50.49 40.10
N GLY A 118 25.75 51.37 39.53
CA GLY A 118 24.72 50.98 38.60
C GLY A 118 23.35 51.25 39.17
N PRO A 119 22.36 51.48 38.30
CA PRO A 119 21.00 51.70 38.78
C PRO A 119 20.47 50.50 39.55
N VAL A 120 19.64 50.78 40.56
CA VAL A 120 19.17 49.79 41.51
C VAL A 120 17.68 49.57 41.31
N TYR A 121 17.27 48.30 41.31
CA TYR A 121 15.88 47.91 41.12
C TYR A 121 15.33 47.28 42.38
N LEU A 122 14.06 47.55 42.68
CA LEU A 122 13.39 47.09 43.88
C LEU A 122 12.15 46.31 43.46
N TYR A 123 12.09 45.03 43.88
CA TYR A 123 11.01 44.10 43.58
C TYR A 123 10.38 43.60 44.87
N TYR A 124 9.17 43.06 44.74
CA TYR A 124 8.53 42.29 45.79
C TYR A 124 8.21 40.89 45.26
N GLU A 125 8.38 39.89 46.13
CA GLU A 125 8.28 38.49 45.75
C GLU A 125 7.20 37.80 46.57
N LEU A 126 6.41 36.97 45.90
CA LEU A 126 5.41 36.13 46.53
C LEU A 126 5.72 34.67 46.23
N THR A 127 5.41 33.80 47.18
CA THR A 127 5.61 32.37 47.00
C THR A 127 4.30 31.64 47.28
N ASN A 128 4.18 30.45 46.69
CA ASN A 128 3.00 29.61 46.81
C ASN A 128 1.75 30.27 46.23
N PHE A 129 1.95 31.28 45.39
CA PHE A 129 0.85 32.02 44.77
C PHE A 129 0.69 31.52 43.34
N TYR A 130 -0.41 30.81 43.09
CA TYR A 130 -0.64 30.20 41.77
C TYR A 130 -1.39 31.18 40.89
N GLN A 131 -0.62 32.09 40.27
CA GLN A 131 -1.19 33.04 39.34
C GLN A 131 -1.33 32.46 37.93
N ASN A 132 -0.90 31.21 37.72
CA ASN A 132 -1.03 30.56 36.42
C ASN A 132 -2.07 29.45 36.44
N ASN A 133 -2.94 29.43 37.45
CA ASN A 133 -4.06 28.51 37.44
C ASN A 133 -4.97 28.82 36.26
N ARG A 134 -5.51 27.77 35.63
CA ARG A 134 -6.27 27.97 34.41
C ARG A 134 -7.55 28.75 34.67
N ARG A 135 -8.30 28.36 35.70
CA ARG A 135 -9.54 29.07 36.01
C ARG A 135 -9.26 30.51 36.42
N TYR A 136 -8.18 30.73 37.18
CA TYR A 136 -7.85 32.07 37.63
C TYR A 136 -7.38 32.95 36.48
N GLY A 137 -6.55 32.41 35.59
CA GLY A 137 -5.92 33.23 34.57
C GLY A 137 -6.87 33.76 33.52
N VAL A 138 -7.94 33.02 33.22
CA VAL A 138 -8.86 33.43 32.17
C VAL A 138 -9.98 34.30 32.71
N SER A 139 -9.99 34.58 34.01
CA SER A 139 -11.06 35.35 34.63
C SER A 139 -10.77 36.85 34.47
N ARG A 140 -10.83 37.31 33.23
CA ARG A 140 -10.60 38.71 32.93
C ARG A 140 -11.35 39.08 31.66
N ASP A 141 -11.60 40.36 31.49
CA ASP A 141 -12.33 40.89 30.33
C ASP A 141 -11.39 41.81 29.58
N ASP A 142 -10.72 41.27 28.57
CA ASP A 142 -9.75 42.05 27.81
C ASP A 142 -10.42 43.13 26.98
N ALA A 143 -11.62 42.85 26.45
CA ALA A 143 -12.30 43.81 25.59
C ALA A 143 -12.64 45.08 26.36
N GLN A 144 -13.30 44.94 27.51
CA GLN A 144 -13.61 46.10 28.34
C GLN A 144 -12.35 46.82 28.77
N LEU A 145 -11.35 46.05 29.20
CA LEU A 145 -10.10 46.63 29.69
C LEU A 145 -9.36 47.37 28.60
N SER A 146 -9.62 47.08 27.33
CA SER A 146 -9.01 47.84 26.25
C SER A 146 -9.50 49.28 26.25
N GLY A 147 -10.80 49.49 26.43
CA GLY A 147 -11.34 50.83 26.53
C GLY A 147 -12.46 51.17 25.57
N LEU A 148 -13.12 50.16 25.02
CA LEU A 148 -14.23 50.41 24.13
C LEU A 148 -15.37 51.08 24.90
N PRO A 149 -15.89 52.21 24.43
CA PRO A 149 -16.92 52.92 25.20
C PRO A 149 -18.21 52.15 25.35
N SER A 150 -18.45 51.14 24.52
CA SER A 150 -19.68 50.36 24.62
C SER A 150 -19.54 49.17 25.56
N ALA A 151 -18.37 48.53 25.60
CA ALA A 151 -18.18 47.31 26.37
C ALA A 151 -18.01 47.55 27.87
N LEU A 152 -17.93 48.81 28.30
CA LEU A 152 -17.72 49.08 29.72
C LEU A 152 -18.87 48.57 30.58
N ARG A 153 -20.10 48.78 30.13
CA ARG A 153 -21.25 48.44 30.95
C ARG A 153 -21.54 46.94 30.98
N HIS A 154 -21.20 46.22 29.91
CA HIS A 154 -21.54 44.80 29.82
C HIS A 154 -20.27 43.95 29.86
N PRO A 155 -19.89 43.41 31.01
CA PRO A 155 -18.75 42.50 31.08
C PRO A 155 -19.16 41.11 30.60
N VAL A 156 -18.19 40.21 30.59
CA VAL A 156 -18.40 38.87 30.08
C VAL A 156 -18.72 37.93 31.24
N ASN A 157 -19.28 36.77 30.92
CA ASN A 157 -19.68 35.80 31.93
C ASN A 157 -18.51 35.09 32.58
N GLU A 158 -17.29 35.25 32.05
CA GLU A 158 -16.15 34.52 32.59
C GLU A 158 -15.77 35.03 33.98
N CYS A 159 -15.86 36.34 34.22
CA CYS A 159 -15.57 36.86 35.57
C CYS A 159 -16.77 36.59 36.47
N ALA A 160 -17.08 35.30 36.60
CA ALA A 160 -18.39 34.89 37.12
C ALA A 160 -18.68 35.36 38.54
N PRO A 161 -17.82 35.12 39.53
CA PRO A 161 -18.13 35.59 40.88
C PRO A 161 -17.74 37.04 41.13
N TYR A 162 -17.23 37.73 40.12
CA TYR A 162 -16.83 39.13 40.22
C TYR A 162 -17.38 39.91 39.03
N GLN A 163 -18.59 39.55 38.60
CA GLN A 163 -19.25 40.19 37.48
C GLN A 163 -20.26 41.25 37.90
N ARG A 164 -21.05 40.98 38.92
CA ARG A 164 -22.07 41.89 39.40
C ARG A 164 -21.79 42.20 40.87
N SER A 165 -22.72 42.93 41.49
CA SER A 165 -22.55 43.39 42.86
C SER A 165 -23.73 42.98 43.72
N ALA A 166 -23.78 43.48 44.96
CA ALA A 166 -24.97 43.29 45.78
C ALA A 166 -26.12 44.12 45.25
N ALA A 167 -25.84 45.31 44.73
CA ALA A 167 -26.85 46.13 44.09
C ALA A 167 -27.08 45.75 42.62
N GLY A 168 -26.36 44.76 42.11
CA GLY A 168 -26.53 44.31 40.75
C GLY A 168 -25.83 45.14 39.70
N LEU A 169 -25.01 46.09 40.09
CA LEU A 169 -24.31 46.93 39.13
C LEU A 169 -23.11 46.20 38.54
N PRO A 170 -22.75 46.50 37.30
CA PRO A 170 -21.54 45.90 36.72
C PRO A 170 -20.28 46.43 37.39
N ILE A 171 -19.25 45.60 37.39
CA ILE A 171 -17.96 45.97 37.97
C ILE A 171 -17.08 46.55 36.88
N ALA A 172 -16.15 47.41 37.26
CA ALA A 172 -15.36 48.09 36.26
C ALA A 172 -14.27 47.19 35.68
N PRO A 173 -13.50 46.45 36.49
CA PRO A 173 -12.48 45.58 35.89
C PRO A 173 -12.99 44.23 35.39
N CYS A 174 -13.98 43.61 36.05
CA CYS A 174 -14.48 42.29 35.66
C CYS A 174 -13.36 41.25 35.64
N GLY A 175 -12.87 40.93 36.83
CA GLY A 175 -11.92 39.83 36.92
C GLY A 175 -11.57 39.50 38.35
N ALA A 176 -11.09 38.26 38.51
CA ALA A 176 -10.48 37.83 39.77
C ALA A 176 -9.03 38.23 39.86
N ILE A 177 -8.34 38.43 38.73
CA ILE A 177 -6.97 38.94 38.79
C ILE A 177 -6.97 40.38 39.27
N ALA A 178 -7.89 41.20 38.75
CA ALA A 178 -7.96 42.59 39.18
C ALA A 178 -8.52 42.71 40.59
N ASN A 179 -9.42 41.82 40.98
CA ASN A 179 -9.95 41.85 42.34
C ASN A 179 -8.85 41.61 43.36
N SER A 180 -7.98 40.63 43.11
CA SER A 180 -6.92 40.27 44.02
C SER A 180 -5.64 40.97 43.58
N LEU A 181 -5.51 42.22 44.01
CA LEU A 181 -4.39 43.07 43.65
C LEU A 181 -3.53 43.34 44.87
N PHE A 182 -2.22 43.39 44.67
CA PHE A 182 -1.28 43.63 45.75
C PHE A 182 -1.47 45.04 46.29
N ASN A 183 -1.77 45.17 47.58
CA ASN A 183 -2.03 46.49 48.13
C ASN A 183 -1.10 46.82 49.29
N ASP A 184 0.19 46.56 49.12
CA ASP A 184 1.20 46.99 50.07
C ASP A 184 1.83 48.29 49.61
N SER A 185 2.75 48.82 50.41
CA SER A 185 3.50 50.00 50.03
C SER A 185 4.81 50.02 50.81
N PHE A 186 5.79 50.74 50.26
CA PHE A 186 7.11 50.77 50.84
C PHE A 186 7.68 52.18 50.71
N SER A 187 8.56 52.53 51.65
CA SER A 187 9.28 53.79 51.56
C SER A 187 10.66 53.61 52.18
N LEU A 188 11.64 54.34 51.62
CA LEU A 188 13.04 54.15 51.97
C LEU A 188 13.62 55.46 52.48
N TRP A 189 14.41 55.36 53.54
CA TRP A 189 15.01 56.51 54.20
C TRP A 189 16.46 56.21 54.52
N HIS A 190 17.30 57.24 54.51
CA HIS A 190 18.74 57.10 54.68
C HIS A 190 19.22 58.16 55.65
N GLN A 191 20.26 57.83 56.43
CA GLN A 191 20.83 58.80 57.35
C GLN A 191 22.18 59.29 56.83
N ARG A 192 22.36 60.61 56.83
CA ARG A 192 23.58 61.20 56.29
C ARG A 192 24.70 61.21 57.32
N GLN A 193 24.50 61.93 58.43
CA GLN A 193 25.49 61.98 59.49
C GLN A 193 25.16 60.99 60.60
N PRO A 194 26.17 60.51 61.33
CA PRO A 194 25.90 59.61 62.46
C PRO A 194 25.06 60.28 63.54
N GLY A 195 23.84 59.77 63.74
CA GLY A 195 22.90 60.35 64.66
C GLY A 195 21.88 61.27 64.01
N GLY A 196 22.14 61.71 62.79
CA GLY A 196 21.22 62.56 62.07
C GLY A 196 19.93 61.84 61.73
N PRO A 197 18.84 62.58 61.62
CA PRO A 197 17.56 61.95 61.31
C PRO A 197 17.53 61.44 59.87
N TYR A 198 16.72 60.40 59.66
CA TYR A 198 16.58 59.84 58.32
C TYR A 198 15.86 60.81 57.41
N VAL A 199 16.18 60.72 56.11
CA VAL A 199 15.50 61.50 55.08
C VAL A 199 15.09 60.55 53.97
N GLU A 200 14.00 60.90 53.29
CA GLU A 200 13.44 60.06 52.24
C GLU A 200 14.14 60.32 50.92
N VAL A 201 14.39 59.25 50.18
CA VAL A 201 15.02 59.35 48.87
C VAL A 201 13.99 58.97 47.81
N PRO A 202 14.07 59.56 46.61
CA PRO A 202 13.00 59.35 45.63
C PRO A 202 12.96 57.93 45.10
N LEU A 203 11.77 57.53 44.67
CA LEU A 203 11.55 56.26 43.97
C LEU A 203 10.85 56.57 42.66
N ASP A 204 11.54 56.36 41.55
CA ASP A 204 10.92 56.61 40.24
C ASP A 204 9.92 55.50 39.97
N ARG A 205 8.65 55.75 40.29
CA ARG A 205 7.59 54.77 40.16
C ARG A 205 6.91 54.81 38.80
N SER A 206 7.58 55.30 37.77
CA SER A 206 6.99 55.49 36.46
C SER A 206 7.77 54.70 35.42
N GLY A 207 7.09 54.33 34.35
CA GLY A 207 7.71 53.52 33.30
C GLY A 207 8.18 52.17 33.80
N ILE A 208 7.36 51.50 34.59
CA ILE A 208 7.73 50.23 35.18
C ILE A 208 7.06 49.06 34.47
N ALA A 209 6.52 49.29 33.27
CA ALA A 209 5.88 48.24 32.49
C ALA A 209 6.35 48.35 31.05
N TRP A 210 5.93 47.39 30.24
CA TRP A 210 6.24 47.44 28.82
C TRP A 210 5.54 48.61 28.17
N TRP A 211 6.23 49.29 27.25
CA TRP A 211 5.66 50.46 26.61
C TRP A 211 4.39 50.13 25.85
N THR A 212 4.28 48.91 25.34
CA THR A 212 3.07 48.53 24.62
C THR A 212 1.89 48.28 25.55
N ASP A 213 2.15 47.89 26.80
CA ASP A 213 1.05 47.52 27.69
C ASP A 213 0.19 48.73 28.05
N TYR A 214 0.80 49.87 28.36
CA TYR A 214 0.01 51.04 28.73
C TYR A 214 -0.06 52.06 27.60
N HIS A 215 0.04 51.60 26.35
CA HIS A 215 -0.30 52.43 25.20
C HIS A 215 -1.13 51.71 24.15
N VAL A 216 -1.24 50.38 24.22
CA VAL A 216 -2.04 49.61 23.27
C VAL A 216 -3.04 48.73 24.01
N LYS A 217 -2.55 47.93 24.96
CA LYS A 217 -3.43 47.02 25.68
C LYS A 217 -4.49 47.76 26.48
N PHE A 218 -4.07 48.71 27.31
CA PHE A 218 -4.95 49.33 28.28
C PHE A 218 -5.13 50.80 27.92
N ARG A 219 -6.38 51.23 27.81
CA ARG A 219 -6.71 52.62 27.57
C ARG A 219 -8.01 52.92 28.30
N ASN A 220 -8.00 53.93 29.14
CA ASN A 220 -9.23 54.30 29.80
C ASN A 220 -10.14 55.05 28.82
N PRO A 221 -11.46 54.93 28.99
CA PRO A 221 -12.39 55.40 27.95
C PRO A 221 -12.33 56.91 27.80
N PRO A 222 -12.85 57.44 26.70
CA PRO A 222 -12.78 58.90 26.48
C PRO A 222 -13.58 59.67 27.53
N LEU A 223 -13.16 60.91 27.73
CA LEU A 223 -13.73 61.75 28.78
C LEU A 223 -15.06 62.34 28.32
N VAL A 224 -16.12 62.05 29.06
CA VAL A 224 -17.42 62.69 28.84
C VAL A 224 -17.52 63.91 29.75
N ASN A 225 -17.83 65.06 29.15
CA ASN A 225 -17.77 66.37 29.79
C ASN A 225 -16.39 66.68 30.36
N GLY A 226 -15.36 65.94 29.94
CA GLY A 226 -14.00 66.21 30.35
C GLY A 226 -13.66 65.82 31.76
N SER A 227 -13.84 64.55 32.11
CA SER A 227 -13.46 64.04 33.42
C SER A 227 -13.52 62.52 33.40
N LEU A 228 -12.49 61.88 33.97
CA LEU A 228 -12.49 60.43 34.07
C LEU A 228 -13.61 59.95 34.97
N ALA A 229 -13.84 60.65 36.09
CA ALA A 229 -14.85 60.22 37.05
C ALA A 229 -16.23 60.18 36.41
N LEU A 230 -16.54 61.17 35.58
CA LEU A 230 -17.87 61.27 34.98
C LEU A 230 -18.14 60.21 33.92
N ALA A 231 -17.20 59.31 33.65
CA ALA A 231 -17.38 58.29 32.63
C ALA A 231 -17.37 56.88 33.21
N PHE A 232 -17.58 56.74 34.53
CA PHE A 232 -17.57 55.43 35.17
C PHE A 232 -18.84 55.16 35.95
N GLN A 233 -19.95 55.81 35.61
CA GLN A 233 -21.18 55.64 36.36
C GLN A 233 -21.70 54.22 36.23
N GLY A 234 -22.32 53.73 37.31
CA GLY A 234 -22.83 52.38 37.34
C GLY A 234 -21.77 51.36 37.68
N THR A 235 -20.55 51.56 37.18
CA THR A 235 -19.48 50.59 37.39
C THR A 235 -19.03 50.64 38.83
N ALA A 236 -19.44 49.65 39.61
CA ALA A 236 -19.01 49.53 41.00
C ALA A 236 -17.57 49.05 41.08
N PRO A 237 -16.84 49.42 42.12
CA PRO A 237 -15.48 48.93 42.29
C PRO A 237 -15.48 47.46 42.66
N PRO A 238 -14.36 46.77 42.49
CA PRO A 238 -14.31 45.36 42.86
C PRO A 238 -14.58 45.20 44.35
N PRO A 239 -15.14 44.05 44.75
CA PRO A 239 -15.54 43.90 46.16
C PRO A 239 -14.40 44.08 47.15
N ASN A 240 -13.19 43.65 46.81
CA ASN A 240 -12.11 43.66 47.79
C ASN A 240 -11.32 44.96 47.83
N TRP A 241 -11.57 45.89 46.91
CA TRP A 241 -10.82 47.14 46.90
C TRP A 241 -11.40 48.10 47.95
N ARG A 242 -10.86 49.32 47.98
CA ARG A 242 -11.41 50.38 48.82
C ARG A 242 -11.44 51.71 48.09
N ARG A 243 -11.27 51.71 46.76
CA ARG A 243 -11.22 52.93 45.99
C ARG A 243 -11.70 52.64 44.58
N PRO A 244 -12.45 53.56 43.97
CA PRO A 244 -12.85 53.36 42.57
C PRO A 244 -11.63 53.35 41.67
N VAL A 245 -11.77 52.65 40.54
CA VAL A 245 -10.63 52.47 39.64
C VAL A 245 -10.10 53.82 39.19
N TYR A 246 -10.99 54.77 38.92
CA TYR A 246 -10.57 56.11 38.52
C TYR A 246 -10.02 56.93 39.67
N GLU A 247 -9.81 56.34 40.85
CA GLU A 247 -9.22 57.05 41.99
C GLU A 247 -7.92 56.43 42.45
N LEU A 248 -7.33 55.54 41.65
CA LEU A 248 -6.17 54.77 42.10
C LEU A 248 -4.95 55.64 42.35
N SER A 249 -4.91 56.86 41.81
CA SER A 249 -3.79 57.75 42.05
C SER A 249 -4.19 59.16 41.69
N PRO A 250 -3.81 60.17 42.48
CA PRO A 250 -4.16 61.57 42.17
C PRO A 250 -3.28 62.15 41.08
N ASP A 251 -3.37 61.57 39.88
CA ASP A 251 -2.61 62.03 38.73
C ASP A 251 -3.35 61.64 37.47
N PRO A 252 -3.81 62.61 36.67
CA PRO A 252 -4.59 62.26 35.48
C PRO A 252 -3.83 61.39 34.49
N ASN A 253 -2.52 61.58 34.34
CA ASN A 253 -1.77 60.78 33.39
C ASN A 253 -1.53 59.37 33.88
N ASN A 254 -1.73 59.10 35.17
CA ASN A 254 -1.55 57.76 35.74
C ASN A 254 -2.75 57.50 36.62
N THR A 255 -3.83 56.97 36.03
CA THR A 255 -5.07 56.72 36.74
C THR A 255 -5.99 55.90 35.85
N GLY A 256 -6.62 54.88 36.43
CA GLY A 256 -7.57 54.09 35.69
C GLY A 256 -6.99 52.78 35.22
N PHE A 257 -7.31 52.40 33.98
CA PHE A 257 -6.82 51.13 33.44
C PHE A 257 -5.34 51.18 33.12
N ILE A 258 -4.69 52.35 33.18
CA ILE A 258 -3.29 52.47 32.84
C ILE A 258 -2.43 52.77 34.07
N ASN A 259 -2.96 52.53 35.27
CA ASN A 259 -2.15 52.67 36.47
C ASN A 259 -1.00 51.68 36.44
N GLN A 260 0.20 52.17 36.77
CA GLN A 260 1.40 51.36 36.62
C GLN A 260 1.33 50.09 37.47
N ASP A 261 0.92 50.23 38.73
CA ASP A 261 0.78 49.05 39.58
C ASP A 261 -0.27 48.09 39.04
N PHE A 262 -1.40 48.62 38.57
CA PHE A 262 -2.45 47.75 38.06
C PHE A 262 -2.01 47.01 36.81
N VAL A 263 -1.34 47.70 35.89
CA VAL A 263 -0.92 47.04 34.66
C VAL A 263 0.22 46.06 34.93
N VAL A 264 1.10 46.37 35.88
CA VAL A 264 2.16 45.44 36.24
C VAL A 264 1.58 44.18 36.87
N TRP A 265 0.58 44.34 37.74
CA TRP A 265 0.01 43.18 38.41
C TRP A 265 -0.72 42.25 37.43
N MET A 266 -1.27 42.79 36.36
CA MET A 266 -2.11 41.99 35.47
C MET A 266 -1.32 41.12 34.51
N ARG A 267 -0.04 41.39 34.32
CA ARG A 267 0.81 40.54 33.48
C ARG A 267 1.20 39.33 34.31
N THR A 268 0.47 38.22 34.12
CA THR A 268 0.58 37.07 35.01
C THR A 268 1.95 36.41 34.91
N ALA A 269 2.26 35.63 35.93
CA ALA A 269 3.55 34.95 36.05
C ALA A 269 3.44 33.49 35.64
N ALA A 270 4.59 32.86 35.43
CA ALA A 270 4.63 31.52 34.88
C ALA A 270 4.73 30.43 35.94
N LEU A 271 5.35 30.71 37.07
CA LEU A 271 5.61 29.74 38.12
C LEU A 271 5.00 30.19 39.44
N PRO A 272 4.81 29.30 40.41
CA PRO A 272 4.16 29.69 41.66
C PRO A 272 5.05 30.46 42.61
N THR A 273 6.25 30.83 42.21
CA THR A 273 7.13 31.69 43.00
C THR A 273 7.68 32.75 42.07
N PHE A 274 7.15 33.97 42.18
CA PHE A 274 7.46 35.03 41.22
C PHE A 274 7.77 36.32 41.96
N ARG A 275 8.36 37.26 41.24
CA ARG A 275 8.56 38.61 41.72
C ARG A 275 8.04 39.58 40.68
N LYS A 276 7.75 40.80 41.12
CA LYS A 276 7.25 41.83 40.21
C LYS A 276 7.94 43.15 40.51
N LEU A 277 8.14 43.95 39.46
CA LEU A 277 8.91 45.18 39.61
C LEU A 277 8.11 46.22 40.37
N TYR A 278 8.74 46.85 41.35
CA TYR A 278 8.10 47.89 42.13
C TYR A 278 8.68 49.27 41.84
N ALA A 279 10.01 49.42 41.82
CA ALA A 279 10.56 50.75 41.57
C ALA A 279 12.03 50.62 41.16
N ARG A 280 12.63 51.76 40.84
CA ARG A 280 14.06 51.84 40.56
C ARG A 280 14.59 53.18 41.06
N ILE A 281 15.83 53.16 41.53
CA ILE A 281 16.45 54.31 42.19
C ILE A 281 17.50 54.87 41.23
N ARG A 282 17.14 55.92 40.49
CA ARG A 282 18.09 56.55 39.58
C ARG A 282 17.95 58.08 39.55
N GLN A 283 17.40 58.69 40.59
CA GLN A 283 17.03 60.09 40.51
C GLN A 283 18.23 61.01 40.70
N GLY A 284 17.94 62.31 40.78
CA GLY A 284 18.98 63.32 40.61
C GLY A 284 20.00 63.36 41.73
N ASN A 285 19.57 63.19 42.98
CA ASN A 285 20.46 63.43 44.12
C ASN A 285 21.71 62.56 44.04
N TYR A 286 21.56 61.29 43.70
CA TYR A 286 22.71 60.42 43.53
C TYR A 286 22.36 59.39 42.46
N SER A 287 22.76 59.67 41.23
CA SER A 287 22.57 58.75 40.11
C SER A 287 23.72 57.74 40.06
N ALA A 288 23.83 57.00 41.16
CA ALA A 288 24.79 55.91 41.30
C ALA A 288 24.16 54.90 42.25
N GLY A 289 24.96 54.00 42.78
CA GLY A 289 24.46 53.08 43.77
C GLY A 289 24.20 53.78 45.10
N LEU A 290 23.59 53.04 46.01
CA LEU A 290 23.29 53.57 47.33
C LEU A 290 24.58 53.75 48.11
N PRO A 291 24.91 54.95 48.58
CA PRO A 291 26.16 55.13 49.32
C PRO A 291 26.14 54.39 50.65
N ARG A 292 27.33 54.06 51.12
CA ARG A 292 27.47 53.31 52.37
C ARG A 292 26.87 54.11 53.52
N GLY A 293 26.27 53.40 54.47
CA GLY A 293 25.67 54.07 55.60
C GLY A 293 24.53 53.26 56.15
N ALA A 294 23.56 53.97 56.73
CA ALA A 294 22.43 53.36 57.43
C ALA A 294 21.13 53.73 56.74
N TYR A 295 20.28 52.73 56.51
CA TYR A 295 19.02 52.88 55.82
C TYR A 295 17.91 52.21 56.61
N ARG A 296 16.71 52.76 56.48
CA ARG A 296 15.49 52.21 57.05
C ARG A 296 14.44 52.12 55.97
N VAL A 297 13.58 51.10 56.05
CA VAL A 297 12.44 51.00 55.15
C VAL A 297 11.18 50.82 55.98
N ASN A 298 10.19 51.68 55.72
CA ASN A 298 8.84 51.52 56.22
C ASN A 298 8.00 50.67 55.28
N ILE A 299 7.28 49.72 55.85
CA ILE A 299 6.41 48.83 55.11
C ILE A 299 4.97 49.13 55.54
N THR A 300 4.01 48.58 54.81
CA THR A 300 2.60 48.74 55.18
C THR A 300 1.92 47.39 54.95
N TYR A 301 1.87 46.59 56.00
CA TYR A 301 1.40 45.21 55.93
C TYR A 301 -0.11 45.21 55.73
N ASN A 302 -0.56 44.94 54.51
CA ASN A 302 -1.97 44.92 54.17
C ASN A 302 -2.42 43.67 53.44
N TYR A 303 -1.52 42.95 52.77
CA TYR A 303 -1.91 41.80 51.98
C TYR A 303 -1.83 40.54 52.83
N PRO A 304 -2.93 39.81 53.00
CA PRO A 304 -2.88 38.58 53.80
C PRO A 304 -2.50 37.36 52.99
N VAL A 305 -1.46 36.63 53.41
CA VAL A 305 -0.98 35.49 52.64
C VAL A 305 -0.78 34.27 53.53
N ARG A 306 -0.78 34.47 54.84
CA ARG A 306 -0.52 33.35 55.75
C ARG A 306 -1.63 32.31 55.77
N ALA A 307 -2.80 32.62 55.20
CA ALA A 307 -3.92 31.68 55.26
C ALA A 307 -3.61 30.38 54.54
N PHE A 308 -2.96 30.46 53.37
CA PHE A 308 -2.61 29.28 52.60
C PHE A 308 -1.13 28.92 52.71
N GLY A 309 -0.36 29.65 53.50
CA GLY A 309 1.04 29.32 53.71
C GLY A 309 1.96 29.96 52.71
N GLY A 310 1.73 31.23 52.40
CA GLY A 310 2.54 31.94 51.44
C GLY A 310 3.77 32.54 52.07
N HIS A 311 4.31 33.56 51.40
CA HIS A 311 5.45 34.31 51.90
C HIS A 311 5.52 35.62 51.15
N LYS A 312 6.23 36.59 51.73
CA LYS A 312 6.39 37.91 51.14
C LYS A 312 7.83 38.34 51.33
N LEU A 313 8.45 38.82 50.25
CA LEU A 313 9.85 39.21 50.31
C LEU A 313 10.07 40.54 49.59
N LEU A 314 11.06 41.29 50.04
CA LEU A 314 11.56 42.46 49.35
C LEU A 314 12.92 42.13 48.75
N ILE A 315 13.23 42.74 47.60
CA ILE A 315 14.46 42.41 46.89
C ILE A 315 15.05 43.69 46.31
N PHE A 316 16.28 44.00 46.71
CA PHE A 316 17.10 45.02 46.07
C PHE A 316 18.11 44.32 45.17
N SER A 317 18.26 44.80 43.94
CA SER A 317 19.18 44.15 43.03
C SER A 317 19.67 45.14 41.97
N SER A 318 20.59 44.67 41.13
CA SER A 318 21.00 45.38 39.93
C SER A 318 20.87 44.42 38.75
N ILE A 319 21.32 44.82 37.57
CA ILE A 319 21.15 44.04 36.35
C ILE A 319 22.45 44.02 35.56
N SER A 320 22.43 43.30 34.46
CA SER A 320 23.54 43.23 33.51
C SER A 320 22.94 43.01 32.13
N TRP A 321 23.77 42.60 31.17
CA TRP A 321 23.25 42.36 29.83
C TRP A 321 22.31 41.18 29.79
N MET A 322 22.59 40.14 30.60
CA MET A 322 21.74 38.96 30.60
C MET A 322 20.45 39.19 31.37
N GLY A 323 20.51 39.95 32.46
CA GLY A 323 19.32 40.16 33.27
C GLY A 323 19.52 39.90 34.74
N GLY A 324 18.83 38.89 35.27
CA GLY A 324 18.80 38.64 36.70
C GLY A 324 20.05 37.98 37.26
N LYS A 325 19.86 37.07 38.22
CA LYS A 325 20.96 36.41 38.91
C LYS A 325 20.75 34.91 38.91
N ASN A 326 20.44 34.36 37.74
CA ASN A 326 20.26 32.92 37.59
C ASN A 326 21.58 32.30 37.16
N PRO A 327 22.15 31.36 37.91
CA PRO A 327 23.35 30.66 37.46
C PRO A 327 23.10 29.37 36.70
N PHE A 328 21.83 29.04 36.41
CA PHE A 328 21.51 27.76 35.79
C PHE A 328 22.07 27.66 34.39
N LEU A 329 21.80 28.66 33.55
CA LEU A 329 22.01 28.49 32.12
C LEU A 329 23.48 28.42 31.76
N GLY A 330 24.33 29.18 32.46
CA GLY A 330 25.76 29.08 32.22
C GLY A 330 26.31 27.71 32.56
N ILE A 331 25.89 27.16 33.70
CA ILE A 331 26.33 25.82 34.09
C ILE A 331 25.84 24.79 33.07
N ALA A 332 24.62 24.97 32.57
CA ALA A 332 24.11 24.07 31.54
C ALA A 332 24.96 24.13 30.29
N TYR A 333 25.38 25.33 29.89
CA TYR A 333 26.24 25.45 28.71
C TYR A 333 27.59 24.77 28.95
N LEU A 334 28.18 24.94 30.14
CA LEU A 334 29.44 24.27 30.42
C LEU A 334 29.30 22.75 30.35
N VAL A 335 28.23 22.22 30.93
CA VAL A 335 28.02 20.77 30.88
C VAL A 335 27.86 20.31 29.45
N VAL A 336 27.08 21.03 28.64
CA VAL A 336 26.85 20.61 27.27
C VAL A 336 28.14 20.64 26.47
N GLY A 337 28.96 21.67 26.66
CA GLY A 337 30.23 21.74 25.94
C GLY A 337 31.19 20.62 26.33
N SER A 338 31.27 20.32 27.63
CA SER A 338 32.13 19.22 28.06
C SER A 338 31.67 17.90 27.45
N LEU A 339 30.36 17.62 27.50
CA LEU A 339 29.86 16.41 26.89
C LEU A 339 30.13 16.39 25.39
N CYS A 340 30.03 17.55 24.74
CA CYS A 340 30.26 17.62 23.31
C CYS A 340 31.68 17.23 22.96
N ILE A 341 32.68 17.79 23.66
CA ILE A 341 34.05 17.44 23.32
C ILE A 341 34.36 16.00 23.67
N LEU A 342 33.78 15.47 24.76
CA LEU A 342 34.04 14.08 25.10
C LEU A 342 33.48 13.14 24.03
N THR A 343 32.25 13.40 23.58
CA THR A 343 31.70 12.62 22.48
C THR A 343 32.50 12.80 21.20
N GLY A 344 33.10 13.97 21.01
CA GLY A 344 33.98 14.16 19.86
C GLY A 344 35.15 13.20 19.88
N PHE A 345 35.82 13.11 21.03
CA PHE A 345 36.93 12.16 21.14
C PHE A 345 36.47 10.72 20.98
N VAL A 346 35.33 10.36 21.57
CA VAL A 346 34.83 9.00 21.43
C VAL A 346 34.58 8.66 19.97
N MET A 347 33.93 9.58 19.25
CA MET A 347 33.64 9.34 17.83
C MET A 347 34.92 9.25 17.02
N LEU A 348 35.91 10.10 17.32
CA LEU A 348 37.17 10.03 16.58
C LEU A 348 37.84 8.68 16.77
N VAL A 349 37.86 8.17 18.01
CA VAL A 349 38.48 6.87 18.27
C VAL A 349 37.73 5.77 17.54
N VAL A 350 36.39 5.78 17.62
CA VAL A 350 35.61 4.75 16.93
C VAL A 350 35.87 4.80 15.43
N TYR A 351 35.91 6.00 14.85
CA TYR A 351 36.16 6.12 13.43
C TYR A 351 37.52 5.57 13.05
N ILE A 352 38.55 5.89 13.84
CA ILE A 352 39.88 5.43 13.48
C ILE A 352 39.99 3.92 13.57
N ARG A 353 39.40 3.32 14.61
CA ARG A 353 39.51 1.87 14.75
C ARG A 353 38.72 1.10 13.70
N TYR A 354 37.81 1.75 12.98
CA TYR A 354 36.95 1.08 12.00
C TYR A 354 37.24 1.63 10.61
N GLN A 355 37.97 0.86 9.81
CA GLN A 355 38.23 1.24 8.42
C GLN A 355 38.27 -0.02 7.56
N ASP A 356 37.25 -0.18 6.72
CA ASP A 356 37.12 -1.34 5.84
C ASP A 356 37.19 -2.65 6.64
N GLN A 357 36.39 -2.71 7.69
CA GLN A 357 36.35 -3.88 8.56
C GLN A 357 34.95 -4.47 8.59
N ASP B 57 -11.04 -48.64 -8.20
CA ASP B 57 -9.68 -48.15 -8.04
C ASP B 57 -9.32 -47.14 -9.13
N SER B 58 -10.26 -46.27 -9.47
CA SER B 58 -10.06 -45.32 -10.55
C SER B 58 -8.99 -44.29 -10.17
N GLN B 59 -7.79 -44.47 -10.68
CA GLN B 59 -6.66 -43.60 -10.38
C GLN B 59 -6.80 -42.27 -11.09
N PRO B 60 -6.09 -41.23 -10.62
CA PRO B 60 -6.12 -39.95 -11.32
C PRO B 60 -5.67 -40.09 -12.76
N ASN B 61 -6.34 -39.35 -13.65
CA ASN B 61 -6.12 -39.46 -15.09
C ASN B 61 -4.99 -38.55 -15.57
N ASP B 62 -4.72 -37.46 -14.86
CA ASP B 62 -3.77 -36.43 -15.23
C ASP B 62 -3.87 -36.03 -16.71
N GLU B 63 -5.08 -36.09 -17.26
CA GLU B 63 -5.32 -35.57 -18.60
C GLU B 63 -6.69 -34.89 -18.70
N VAL B 64 -7.36 -34.60 -17.59
CA VAL B 64 -8.80 -34.41 -17.60
C VAL B 64 -9.24 -33.01 -17.19
N VAL B 65 -8.48 -32.28 -16.38
CA VAL B 65 -8.95 -31.02 -15.80
C VAL B 65 -10.26 -31.26 -15.05
N PRO B 66 -10.21 -31.80 -13.84
CA PRO B 66 -11.45 -32.28 -13.19
C PRO B 66 -12.40 -31.17 -12.81
N TYR B 67 -13.19 -30.71 -13.77
CA TYR B 67 -14.20 -29.69 -13.49
C TYR B 67 -15.25 -30.18 -12.51
N SER B 68 -15.41 -31.50 -12.39
CA SER B 68 -16.26 -32.08 -11.37
C SER B 68 -15.59 -31.92 -10.01
N ASP B 69 -16.20 -32.48 -8.98
CA ASP B 69 -15.68 -32.45 -7.60
C ASP B 69 -15.23 -31.05 -7.19
N ASP B 70 -16.00 -30.04 -7.59
CA ASP B 70 -15.76 -28.66 -7.21
C ASP B 70 -16.98 -27.95 -6.67
N GLU B 71 -18.19 -28.42 -6.95
CA GLU B 71 -19.41 -27.76 -6.49
C GLU B 71 -19.52 -27.84 -4.97
N THR B 72 -19.66 -26.68 -4.35
CA THR B 72 -19.80 -26.56 -2.89
C THR B 72 -18.81 -27.41 -2.11
N GLU B 104 -32.29 -30.35 -17.46
CA GLU B 104 -33.32 -31.30 -17.09
C GLU B 104 -34.01 -30.90 -15.80
N CYS B 105 -33.88 -29.62 -15.45
CA CYS B 105 -34.46 -29.09 -14.22
C CYS B 105 -35.13 -27.74 -14.48
N THR B 106 -35.90 -27.66 -15.56
CA THR B 106 -36.85 -26.58 -15.81
C THR B 106 -36.16 -25.21 -15.85
N TRP B 107 -35.33 -25.02 -16.88
CA TRP B 107 -34.84 -23.67 -17.17
C TRP B 107 -35.74 -22.94 -18.17
N GLN B 108 -36.24 -23.63 -19.20
CA GLN B 108 -37.41 -23.20 -19.96
C GLN B 108 -37.19 -21.84 -20.65
N VAL B 109 -36.32 -21.86 -21.67
CA VAL B 109 -36.04 -20.63 -22.41
C VAL B 109 -37.11 -20.33 -23.48
N LYS B 110 -37.39 -21.28 -24.37
CA LYS B 110 -38.32 -21.10 -25.48
C LYS B 110 -38.00 -19.82 -26.27
N ALA B 111 -36.87 -19.86 -26.97
CA ALA B 111 -36.28 -18.64 -27.54
C ALA B 111 -37.10 -18.00 -28.66
N ASN B 112 -38.13 -17.24 -28.27
CA ASN B 112 -38.77 -16.15 -29.00
C ASN B 112 -39.86 -15.56 -28.13
N ASP B 113 -40.43 -14.42 -28.55
CA ASP B 113 -41.52 -13.78 -27.82
C ASP B 113 -41.11 -13.48 -26.39
N ARG B 114 -40.19 -12.53 -26.28
CA ARG B 114 -39.58 -12.09 -25.03
C ARG B 114 -40.54 -12.08 -23.86
N LYS B 115 -41.74 -11.55 -24.08
CA LYS B 115 -42.74 -11.37 -23.02
C LYS B 115 -43.07 -12.68 -22.30
N TYR B 116 -42.71 -13.81 -22.91
CA TYR B 116 -42.97 -15.09 -22.26
C TYR B 116 -42.17 -15.24 -20.97
N HIS B 117 -40.97 -14.69 -20.92
CA HIS B 117 -40.16 -14.78 -19.71
C HIS B 117 -40.49 -13.72 -18.68
N GLU B 118 -41.39 -12.80 -19.01
CA GLU B 118 -41.78 -11.74 -18.10
C GLU B 118 -42.96 -12.14 -17.20
N GLN B 119 -43.37 -13.40 -17.25
CA GLN B 119 -44.50 -13.86 -16.47
C GLN B 119 -44.21 -13.72 -14.98
N PRO B 120 -45.21 -13.37 -14.16
CA PRO B 120 -44.96 -13.13 -12.74
C PRO B 120 -44.42 -14.34 -11.99
N HIS B 121 -44.85 -15.55 -12.34
CA HIS B 121 -44.45 -16.72 -11.56
C HIS B 121 -42.98 -17.05 -11.75
N PHE B 122 -42.42 -16.79 -12.93
CA PHE B 122 -41.01 -17.03 -13.15
C PHE B 122 -40.15 -16.12 -12.28
N MET B 123 -40.52 -14.84 -12.17
CA MET B 123 -39.69 -13.87 -11.48
C MET B 123 -39.92 -13.91 -9.98
N ASN B 124 -38.85 -13.74 -9.21
CA ASN B 124 -38.90 -13.85 -7.77
C ASN B 124 -39.53 -12.62 -7.15
N THR B 125 -39.63 -12.62 -5.82
CA THR B 125 -40.20 -11.53 -5.05
C THR B 125 -39.23 -11.13 -3.95
N LYS B 126 -39.10 -9.83 -3.73
CA LYS B 126 -38.25 -9.30 -2.66
C LYS B 126 -39.13 -8.59 -1.62
N PHE B 127 -38.46 -7.96 -0.66
CA PHE B 127 -39.17 -7.36 0.47
C PHE B 127 -40.15 -6.29 -0.01
N LEU B 128 -39.68 -5.34 -0.80
CA LEU B 128 -40.52 -4.28 -1.35
C LEU B 128 -40.88 -4.62 -2.79
N CYS B 129 -41.50 -3.66 -3.48
CA CYS B 129 -41.90 -3.85 -4.87
C CYS B 129 -40.71 -4.08 -5.80
N ILE B 130 -39.48 -3.95 -5.30
CA ILE B 130 -38.29 -4.06 -6.14
C ILE B 130 -37.94 -5.54 -6.21
N LYS B 131 -38.58 -6.23 -7.16
CA LYS B 131 -38.28 -7.62 -7.47
C LYS B 131 -37.91 -7.69 -8.95
N GLU B 132 -36.79 -8.33 -9.26
CA GLU B 132 -36.25 -8.15 -10.60
C GLU B 132 -36.67 -9.23 -11.60
N SER B 133 -36.20 -10.46 -11.42
CA SER B 133 -36.40 -11.51 -12.41
C SER B 133 -35.76 -12.82 -11.96
N LYS B 134 -35.86 -13.84 -12.79
CA LYS B 134 -35.01 -15.02 -12.70
C LYS B 134 -33.94 -15.06 -13.77
N TYR B 135 -34.25 -14.61 -14.98
CA TYR B 135 -33.32 -14.64 -16.10
C TYR B 135 -32.55 -13.33 -16.12
N ALA B 136 -31.26 -13.39 -15.77
CA ALA B 136 -30.47 -12.17 -15.63
C ALA B 136 -30.22 -11.51 -16.98
N ASN B 137 -29.94 -10.22 -16.93
CA ASN B 137 -29.64 -9.43 -18.11
C ASN B 137 -28.22 -9.72 -18.58
N ASN B 138 -27.88 -9.26 -19.78
CA ASN B 138 -26.58 -9.51 -20.36
C ASN B 138 -25.54 -8.46 -20.02
N ALA B 139 -25.90 -7.47 -19.21
CA ALA B 139 -24.94 -6.45 -18.83
C ALA B 139 -23.91 -7.01 -17.86
N ILE B 140 -22.80 -6.30 -17.73
CA ILE B 140 -21.71 -6.66 -16.83
C ILE B 140 -21.44 -5.47 -15.91
N LYS B 141 -21.34 -5.74 -14.61
CA LYS B 141 -21.01 -4.72 -13.63
C LYS B 141 -19.77 -5.14 -12.86
N THR B 142 -18.85 -4.19 -12.67
CA THR B 142 -17.65 -4.45 -11.88
C THR B 142 -17.51 -3.39 -10.80
N TYR B 143 -17.97 -2.17 -11.10
CA TYR B 143 -17.97 -1.09 -10.13
C TYR B 143 -18.78 -1.47 -8.90
N LYS B 144 -18.48 -0.82 -7.78
CA LYS B 144 -19.07 -1.16 -6.50
C LYS B 144 -20.09 -0.15 -5.99
N TYR B 145 -19.85 1.15 -6.18
CA TYR B 145 -20.75 2.19 -5.66
C TYR B 145 -21.80 2.50 -6.72
N ASN B 146 -23.03 2.11 -6.46
CA ASN B 146 -24.14 2.45 -7.36
C ASN B 146 -24.57 3.88 -7.07
N ALA B 147 -25.73 4.27 -7.62
CA ALA B 147 -26.14 5.66 -7.58
C ALA B 147 -26.34 6.16 -6.15
N PHE B 148 -26.96 5.35 -5.29
CA PHE B 148 -27.36 5.87 -3.98
C PHE B 148 -27.09 4.90 -2.84
N THR B 149 -26.04 4.08 -2.95
CA THR B 149 -25.48 3.41 -1.79
C THR B 149 -24.04 3.84 -1.54
N PHE B 150 -23.63 4.96 -2.14
CA PHE B 150 -22.29 5.48 -1.93
C PHE B 150 -22.13 6.10 -0.55
N ILE B 151 -23.22 6.58 0.05
CA ILE B 151 -23.13 7.18 1.38
C ILE B 151 -22.99 6.10 2.45
N PRO B 152 -23.87 5.10 2.54
CA PRO B 152 -23.72 4.11 3.62
C PRO B 152 -22.49 3.22 3.44
N MET B 153 -22.32 2.65 2.25
CA MET B 153 -21.30 1.65 2.05
C MET B 153 -19.89 2.24 2.15
N ASN B 154 -19.70 3.48 1.74
CA ASN B 154 -18.37 4.08 1.85
C ASN B 154 -18.04 4.46 3.28
N LEU B 155 -19.02 4.91 4.06
CA LEU B 155 -18.78 5.29 5.44
C LEU B 155 -18.62 4.09 6.36
N PHE B 156 -19.13 2.92 5.97
CA PHE B 156 -18.91 1.72 6.78
C PHE B 156 -17.47 1.24 6.65
N GLU B 157 -16.94 1.19 5.42
CA GLU B 157 -15.55 0.85 5.23
C GLU B 157 -14.63 1.98 5.67
N GLN B 158 -15.18 3.17 5.85
CA GLN B 158 -14.38 4.32 6.28
C GLN B 158 -14.00 4.22 7.75
N PHE B 159 -14.88 3.61 8.56
CA PHE B 159 -14.65 3.46 9.98
C PHE B 159 -13.99 2.14 10.35
N LYS B 160 -13.50 1.39 9.36
CA LYS B 160 -12.60 0.29 9.68
C LYS B 160 -11.29 0.79 10.25
N ARG B 161 -10.98 2.06 10.05
CA ARG B 161 -9.83 2.70 10.67
C ARG B 161 -10.19 3.13 12.09
N ALA B 162 -9.33 2.80 13.04
CA ALA B 162 -9.64 3.11 14.43
C ALA B 162 -9.63 4.61 14.69
N ALA B 163 -8.75 5.34 14.00
CA ALA B 163 -8.63 6.77 14.23
C ALA B 163 -9.95 7.49 14.01
N ASN B 164 -10.80 6.99 13.13
CA ASN B 164 -12.09 7.63 12.91
C ASN B 164 -13.02 7.44 14.10
N LEU B 165 -12.98 6.25 14.71
CA LEU B 165 -13.72 6.05 15.96
C LEU B 165 -13.18 6.94 17.06
N TYR B 166 -11.85 7.13 17.10
CA TYR B 166 -11.24 8.04 18.05
C TYR B 166 -11.79 9.45 17.89
N PHE B 167 -11.77 9.96 16.65
CA PHE B 167 -12.25 11.31 16.39
C PHE B 167 -13.74 11.43 16.70
N LEU B 168 -14.53 10.41 16.38
CA LEU B 168 -15.96 10.48 16.64
C LEU B 168 -16.25 10.47 18.14
N ALA B 169 -15.51 9.66 18.90
CA ALA B 169 -15.66 9.68 20.35
C ALA B 169 -15.32 11.06 20.91
N LEU B 170 -14.25 11.66 20.41
CA LEU B 170 -13.91 13.02 20.86
C LEU B 170 -14.98 14.02 20.48
N LEU B 171 -15.56 13.87 19.29
CA LEU B 171 -16.65 14.76 18.88
C LEU B 171 -17.84 14.66 19.81
N ILE B 172 -18.22 13.45 20.19
CA ILE B 172 -19.32 13.27 21.12
C ILE B 172 -18.96 13.84 22.49
N LEU B 173 -17.71 13.67 22.91
CA LEU B 173 -17.29 14.14 24.22
C LEU B 173 -17.33 15.67 24.30
N GLN B 174 -16.88 16.35 23.25
CA GLN B 174 -16.71 17.80 23.29
C GLN B 174 -18.03 18.55 23.15
N ALA B 175 -19.16 17.84 23.09
CA ALA B 175 -20.46 18.48 22.96
C ALA B 175 -21.27 18.48 24.25
N VAL B 176 -20.76 17.89 25.31
CA VAL B 176 -21.45 17.87 26.60
C VAL B 176 -21.23 19.21 27.29
N PRO B 177 -22.31 19.91 27.68
CA PRO B 177 -22.13 21.28 28.19
C PRO B 177 -21.29 21.40 29.45
N GLN B 178 -21.35 20.43 30.36
CA GLN B 178 -20.63 20.56 31.62
C GLN B 178 -19.13 20.65 31.41
N ILE B 179 -18.61 20.09 30.33
CA ILE B 179 -17.22 20.31 29.92
C ILE B 179 -17.16 20.55 28.41
N SER B 180 -17.03 21.81 28.03
CA SER B 180 -16.98 22.17 26.61
C SER B 180 -15.69 22.87 26.23
N THR B 181 -15.22 23.81 27.05
CA THR B 181 -13.95 24.52 26.92
C THR B 181 -13.78 25.13 25.53
N LEU B 182 -14.87 25.23 24.76
CA LEU B 182 -14.78 25.66 23.37
C LEU B 182 -16.05 26.41 22.99
N ALA B 183 -15.95 27.11 21.87
CA ALA B 183 -17.06 27.84 21.26
C ALA B 183 -17.99 26.87 20.53
N TRP B 184 -18.83 27.42 19.66
CA TRP B 184 -19.82 26.62 18.94
C TRP B 184 -19.13 25.54 18.10
N TYR B 185 -19.95 24.70 17.48
CA TYR B 185 -19.48 23.44 16.91
C TYR B 185 -18.63 23.73 15.67
N THR B 186 -17.39 24.12 15.93
CA THR B 186 -16.36 24.22 14.90
C THR B 186 -15.40 23.05 14.93
N THR B 187 -15.69 22.03 15.73
CA THR B 187 -14.91 20.80 15.73
C THR B 187 -15.56 19.69 14.92
N LEU B 188 -16.73 19.96 14.35
CA LEU B 188 -17.41 19.04 13.44
C LEU B 188 -16.95 19.22 12.00
N VAL B 189 -16.80 20.47 11.55
CA VAL B 189 -16.47 20.74 10.15
C VAL B 189 -15.15 20.12 9.73
N PRO B 190 -14.05 20.23 10.50
CA PRO B 190 -12.82 19.55 10.07
C PRO B 190 -12.98 18.05 9.92
N LEU B 191 -13.77 17.42 10.79
CA LEU B 191 -14.01 15.99 10.63
C LEU B 191 -14.73 15.70 9.33
N LEU B 192 -15.70 16.55 8.95
CA LEU B 192 -16.41 16.34 7.69
C LEU B 192 -15.49 16.54 6.49
N VAL B 193 -14.59 17.52 6.55
CA VAL B 193 -13.66 17.73 5.44
C VAL B 193 -12.72 16.54 5.30
N VAL B 194 -12.17 16.08 6.42
CA VAL B 194 -11.29 14.92 6.41
C VAL B 194 -12.03 13.70 5.89
N LEU B 195 -13.29 13.55 6.27
CA LEU B 195 -14.08 12.39 5.88
C LEU B 195 -14.60 12.48 4.46
N GLY B 196 -14.57 13.66 3.85
CA GLY B 196 -15.02 13.83 2.49
C GLY B 196 -13.91 13.76 1.46
N VAL B 197 -12.69 14.12 1.86
CA VAL B 197 -11.55 13.99 0.94
C VAL B 197 -11.39 12.54 0.51
N THR B 198 -11.43 11.61 1.47
CA THR B 198 -11.30 10.20 1.13
C THR B 198 -12.46 9.72 0.27
N ALA B 199 -13.67 10.24 0.51
CA ALA B 199 -14.81 9.87 -0.31
C ALA B 199 -14.62 10.30 -1.77
N ILE B 200 -14.15 11.52 -1.99
CA ILE B 200 -13.87 11.96 -3.36
C ILE B 200 -12.81 11.08 -3.99
N LYS B 201 -11.74 10.79 -3.24
CA LYS B 201 -10.65 10.00 -3.79
C LYS B 201 -11.11 8.59 -4.15
N ASP B 202 -12.02 8.01 -3.37
CA ASP B 202 -12.52 6.68 -3.63
C ASP B 202 -13.71 6.68 -4.58
N LEU B 203 -14.21 7.85 -4.96
CA LEU B 203 -15.21 7.94 -6.01
C LEU B 203 -14.59 8.11 -7.38
N VAL B 204 -13.42 8.75 -7.46
CA VAL B 204 -12.76 8.92 -8.76
C VAL B 204 -12.42 7.56 -9.37
N ASP B 205 -11.87 6.64 -8.55
CA ASP B 205 -11.56 5.30 -9.04
C ASP B 205 -12.81 4.58 -9.52
N ASP B 206 -13.92 4.72 -8.78
CA ASP B 206 -15.15 4.07 -9.18
C ASP B 206 -15.64 4.60 -10.51
N VAL B 207 -15.53 5.91 -10.73
CA VAL B 207 -15.90 6.47 -12.03
C VAL B 207 -15.03 5.90 -13.13
N ALA B 208 -13.72 5.79 -12.87
CA ALA B 208 -12.81 5.25 -13.87
C ALA B 208 -13.20 3.83 -14.27
N ARG B 209 -13.49 2.98 -13.30
CA ARG B 209 -13.85 1.61 -13.66
C ARG B 209 -15.26 1.54 -14.23
N HIS B 210 -16.13 2.48 -13.87
CA HIS B 210 -17.46 2.52 -14.45
C HIS B 210 -17.44 2.90 -15.92
N LYS B 211 -16.43 3.67 -16.34
CA LYS B 211 -16.30 3.93 -17.78
C LYS B 211 -15.48 2.84 -18.48
N MET B 212 -14.56 2.18 -17.77
CA MET B 212 -13.91 1.00 -18.31
C MET B 212 -14.90 -0.12 -18.59
N ASP B 213 -15.94 -0.22 -17.77
CA ASP B 213 -16.97 -1.24 -17.92
C ASP B 213 -17.88 -0.97 -19.13
N LYS B 214 -17.81 0.22 -19.71
CA LYS B 214 -18.69 0.58 -20.81
C LYS B 214 -18.28 -0.10 -22.12
N GLU B 215 -16.99 -0.36 -22.31
CA GLU B 215 -16.51 -0.86 -23.59
C GLU B 215 -17.14 -2.21 -23.93
N ILE B 216 -17.14 -3.14 -22.97
CA ILE B 216 -17.62 -4.49 -23.24
C ILE B 216 -19.11 -4.53 -23.52
N ASN B 217 -19.85 -3.46 -23.26
CA ASN B 217 -21.29 -3.45 -23.42
C ASN B 217 -21.75 -2.82 -24.72
N ASN B 218 -20.82 -2.43 -25.60
CA ASN B 218 -21.14 -1.71 -26.83
C ASN B 218 -20.42 -2.32 -28.02
N ARG B 219 -20.50 -3.64 -28.17
CA ARG B 219 -19.70 -4.33 -29.17
C ARG B 219 -20.47 -4.73 -30.42
N THR B 220 -21.75 -4.38 -30.53
CA THR B 220 -22.50 -4.40 -31.79
C THR B 220 -22.52 -5.78 -32.43
N CYS B 221 -23.21 -6.70 -31.77
CA CYS B 221 -23.58 -7.97 -32.39
C CYS B 221 -24.78 -7.72 -33.32
N GLU B 222 -25.35 -8.79 -33.88
CA GLU B 222 -26.52 -8.69 -34.72
C GLU B 222 -27.60 -9.61 -34.20
N VAL B 223 -28.82 -9.08 -34.04
CA VAL B 223 -29.91 -9.84 -33.44
C VAL B 223 -31.14 -9.71 -34.33
N ILE B 224 -32.08 -10.64 -34.16
CA ILE B 224 -33.36 -10.58 -34.85
C ILE B 224 -34.34 -9.83 -33.95
N LYS B 225 -34.72 -8.62 -34.36
CA LYS B 225 -35.62 -7.83 -33.53
C LYS B 225 -37.06 -8.20 -33.77
N ASP B 226 -37.56 -7.95 -34.97
CA ASP B 226 -38.87 -8.45 -35.39
C ASP B 226 -38.82 -9.14 -36.75
N GLY B 227 -38.03 -8.62 -37.67
CA GLY B 227 -37.89 -9.19 -39.00
C GLY B 227 -36.51 -9.74 -39.25
N ARG B 228 -35.70 -8.94 -39.93
CA ARG B 228 -34.37 -9.34 -40.38
C ARG B 228 -33.36 -9.20 -39.24
N PHE B 229 -32.08 -9.29 -39.57
CA PHE B 229 -31.01 -9.04 -38.61
C PHE B 229 -30.71 -7.54 -38.54
N LYS B 230 -30.54 -7.04 -37.32
CA LYS B 230 -30.24 -5.64 -37.08
C LYS B 230 -29.10 -5.54 -36.09
N VAL B 231 -28.28 -4.50 -36.27
CA VAL B 231 -27.15 -4.29 -35.37
C VAL B 231 -27.66 -3.88 -34.00
N ALA B 232 -27.06 -4.43 -32.96
CA ALA B 232 -27.53 -4.19 -31.61
C ALA B 232 -26.36 -4.29 -30.64
N LYS B 233 -26.52 -3.67 -29.48
CA LYS B 233 -25.49 -3.70 -28.46
C LYS B 233 -25.52 -5.03 -27.73
N TRP B 234 -24.39 -5.36 -27.08
CA TRP B 234 -24.30 -6.58 -26.30
C TRP B 234 -25.26 -6.53 -25.11
N LYS B 235 -25.39 -5.37 -24.48
CA LYS B 235 -26.13 -5.27 -23.23
C LYS B 235 -27.62 -5.49 -23.37
N GLU B 236 -28.15 -5.54 -24.60
CA GLU B 236 -29.58 -5.73 -24.80
C GLU B 236 -29.90 -7.08 -25.42
N ILE B 237 -29.04 -8.07 -25.22
CA ILE B 237 -29.31 -9.45 -25.62
C ILE B 237 -29.94 -10.17 -24.44
N GLN B 238 -31.13 -10.71 -24.63
CA GLN B 238 -31.84 -11.38 -23.55
C GLN B 238 -31.96 -12.87 -23.84
N VAL B 239 -32.20 -13.63 -22.79
CA VAL B 239 -32.23 -15.08 -22.88
C VAL B 239 -33.44 -15.48 -23.74
N GLY B 240 -33.17 -15.97 -24.95
CA GLY B 240 -34.23 -16.33 -25.86
C GLY B 240 -34.16 -15.62 -27.19
N ASP B 241 -32.97 -15.18 -27.59
CA ASP B 241 -32.77 -14.38 -28.79
C ASP B 241 -31.93 -15.15 -29.80
N VAL B 242 -32.35 -15.09 -31.07
CA VAL B 242 -31.57 -15.65 -32.16
C VAL B 242 -30.50 -14.65 -32.55
N ILE B 243 -29.24 -15.08 -32.57
CA ILE B 243 -28.13 -14.20 -32.89
C ILE B 243 -27.31 -14.78 -34.03
N ARG B 244 -26.53 -13.91 -34.66
CA ARG B 244 -25.68 -14.23 -35.79
C ARG B 244 -24.29 -13.65 -35.55
N LEU B 245 -23.25 -14.44 -35.84
CA LEU B 245 -21.88 -14.04 -35.57
C LEU B 245 -21.02 -14.30 -36.79
N LYS B 246 -20.01 -13.45 -36.97
CA LYS B 246 -19.06 -13.55 -38.07
C LYS B 246 -17.70 -13.98 -37.54
N LYS B 247 -16.79 -14.28 -38.46
CA LYS B 247 -15.49 -14.81 -38.08
C LYS B 247 -14.69 -13.76 -37.31
N ASN B 248 -13.81 -14.26 -36.44
CA ASN B 248 -12.94 -13.45 -35.58
C ASN B 248 -13.72 -12.59 -34.59
N ASP B 249 -15.02 -12.81 -34.44
CA ASP B 249 -15.84 -12.04 -33.52
C ASP B 249 -16.08 -12.84 -32.25
N PHE B 250 -16.06 -12.14 -31.12
CA PHE B 250 -16.27 -12.78 -29.83
C PHE B 250 -17.71 -13.30 -29.73
N VAL B 251 -17.88 -14.34 -28.92
CA VAL B 251 -19.20 -14.92 -28.65
C VAL B 251 -19.80 -14.15 -27.47
N PRO B 252 -20.97 -13.56 -27.62
CA PRO B 252 -21.47 -12.64 -26.59
C PRO B 252 -22.06 -13.33 -25.36
N ALA B 253 -22.63 -14.51 -25.54
CA ALA B 253 -23.27 -15.22 -24.44
C ALA B 253 -23.30 -16.70 -24.77
N ASP B 254 -23.65 -17.51 -23.77
CA ASP B 254 -23.77 -18.95 -23.97
C ASP B 254 -24.88 -19.24 -24.96
N ILE B 255 -24.54 -19.73 -26.15
CA ILE B 255 -25.50 -19.94 -27.20
C ILE B 255 -25.48 -21.41 -27.62
N LEU B 256 -26.60 -21.83 -28.22
CA LEU B 256 -26.73 -23.15 -28.82
C LEU B 256 -26.59 -22.98 -30.33
N LEU B 257 -25.52 -23.52 -30.89
CA LEU B 257 -25.31 -23.43 -32.33
C LEU B 257 -26.37 -24.24 -33.06
N LEU B 258 -26.94 -23.63 -34.11
CA LEU B 258 -27.99 -24.29 -34.88
C LEU B 258 -27.76 -24.26 -36.39
N SER B 259 -26.87 -23.42 -36.89
CA SER B 259 -26.58 -23.38 -38.32
C SER B 259 -25.30 -22.58 -38.54
N SER B 260 -24.66 -22.85 -39.67
CA SER B 260 -23.47 -22.10 -40.07
C SER B 260 -23.37 -22.13 -41.59
N SER B 261 -22.23 -21.68 -42.10
CA SER B 261 -21.98 -21.64 -43.54
C SER B 261 -20.96 -22.67 -43.98
N GLU B 262 -20.76 -23.71 -43.19
CA GLU B 262 -19.82 -24.78 -43.50
C GLU B 262 -20.56 -26.06 -43.85
N PRO B 263 -19.92 -26.98 -44.57
CA PRO B 263 -20.57 -28.27 -44.85
C PRO B 263 -20.97 -28.95 -43.55
N ASN B 264 -22.19 -29.48 -43.54
CA ASN B 264 -22.82 -30.08 -42.36
C ASN B 264 -22.95 -29.10 -41.20
N SER B 265 -22.66 -27.82 -41.43
CA SER B 265 -22.90 -26.73 -40.47
C SER B 265 -22.18 -27.00 -39.14
N LEU B 266 -20.86 -27.00 -39.21
CA LEU B 266 -20.04 -27.07 -38.00
C LEU B 266 -19.22 -25.79 -37.89
N CYS B 267 -18.61 -25.60 -36.73
CA CYS B 267 -17.89 -24.37 -36.44
C CYS B 267 -16.58 -24.70 -35.76
N TYR B 268 -15.59 -23.83 -35.94
CA TYR B 268 -14.30 -23.95 -35.27
C TYR B 268 -14.13 -22.77 -34.33
N VAL B 269 -13.75 -23.07 -33.09
CA VAL B 269 -13.65 -22.06 -32.04
C VAL B 269 -12.30 -22.24 -31.36
N GLU B 270 -11.83 -21.17 -30.72
CA GLU B 270 -10.71 -21.30 -29.81
C GLU B 270 -11.06 -20.70 -28.45
N THR B 271 -10.43 -21.28 -27.42
CA THR B 271 -10.80 -21.12 -26.03
C THR B 271 -9.60 -20.71 -25.18
N ALA B 272 -8.72 -19.89 -25.73
CA ALA B 272 -7.50 -19.53 -25.00
C ALA B 272 -7.77 -18.68 -23.78
N GLU B 273 -9.00 -18.17 -23.62
CA GLU B 273 -9.38 -17.40 -22.45
C GLU B 273 -10.28 -18.19 -21.50
N LEU B 274 -10.41 -19.50 -21.70
CA LEU B 274 -11.23 -20.32 -20.81
C LEU B 274 -10.40 -21.37 -20.07
N ASP B 275 -9.55 -22.10 -20.78
CA ASP B 275 -8.73 -23.12 -20.12
C ASP B 275 -7.28 -23.11 -20.62
N GLY B 276 -6.85 -22.03 -21.27
CA GLY B 276 -5.45 -21.89 -21.60
C GLY B 276 -4.96 -22.74 -22.75
N GLU B 277 -5.84 -23.44 -23.46
CA GLU B 277 -5.43 -24.22 -24.60
C GLU B 277 -5.16 -23.32 -25.79
N THR B 278 -4.38 -23.84 -26.74
CA THR B 278 -3.97 -23.06 -27.90
C THR B 278 -4.42 -23.66 -29.22
N ASN B 279 -5.02 -24.85 -29.24
CA ASN B 279 -5.49 -25.46 -30.45
C ASN B 279 -6.99 -25.22 -30.61
N LEU B 280 -7.48 -25.45 -31.84
CA LEU B 280 -8.86 -25.16 -32.18
C LEU B 280 -9.75 -26.37 -31.90
N LYS B 281 -10.93 -26.10 -31.36
CA LYS B 281 -11.95 -27.12 -31.14
C LYS B 281 -13.04 -26.99 -32.19
N PHE B 282 -13.73 -28.08 -32.47
CA PHE B 282 -14.79 -28.10 -33.45
C PHE B 282 -16.12 -28.43 -32.78
N LYS B 283 -17.11 -27.58 -33.00
CA LYS B 283 -18.47 -27.78 -32.50
C LYS B 283 -19.38 -28.18 -33.65
N MET B 284 -20.10 -29.28 -33.48
CA MET B 284 -20.99 -29.78 -34.51
C MET B 284 -22.42 -29.39 -34.15
N SER B 285 -23.08 -28.69 -35.06
CA SER B 285 -24.47 -28.31 -34.82
C SER B 285 -25.38 -29.53 -34.89
N LEU B 286 -26.59 -29.37 -34.39
CA LEU B 286 -27.57 -30.44 -34.46
C LEU B 286 -27.92 -30.73 -35.92
N GLU B 287 -28.24 -32.00 -36.20
CA GLU B 287 -28.50 -32.42 -37.57
C GLU B 287 -29.82 -31.85 -38.09
N ILE B 288 -30.85 -31.85 -37.25
CA ILE B 288 -32.19 -31.48 -37.72
C ILE B 288 -32.23 -30.02 -38.14
N THR B 289 -31.56 -29.14 -37.38
CA THR B 289 -31.58 -27.72 -37.72
C THR B 289 -30.73 -27.40 -38.93
N ASP B 290 -29.78 -28.28 -39.27
CA ASP B 290 -28.92 -28.05 -40.43
C ASP B 290 -29.73 -28.05 -41.71
N GLN B 291 -30.71 -28.96 -41.81
CA GLN B 291 -31.48 -29.14 -43.03
C GLN B 291 -32.76 -28.31 -43.07
N TYR B 292 -32.99 -27.46 -42.08
CA TYR B 292 -34.20 -26.64 -42.05
C TYR B 292 -33.94 -25.15 -42.12
N LEU B 293 -33.14 -24.59 -41.23
CA LEU B 293 -33.16 -23.13 -41.09
C LEU B 293 -32.29 -22.47 -42.16
N GLN B 294 -30.96 -22.55 -42.01
CA GLN B 294 -30.00 -22.29 -43.09
C GLN B 294 -30.11 -20.91 -43.71
N ARG B 295 -31.06 -20.09 -43.26
CA ARG B 295 -31.42 -18.86 -43.97
C ARG B 295 -32.19 -17.95 -43.02
N GLU B 296 -32.23 -16.67 -43.38
CA GLU B 296 -32.77 -15.65 -42.49
C GLU B 296 -34.28 -15.81 -42.29
N ASP B 297 -35.03 -16.00 -43.39
CA ASP B 297 -36.49 -15.99 -43.30
C ASP B 297 -37.01 -17.13 -42.44
N THR B 298 -36.48 -18.33 -42.62
CA THR B 298 -36.87 -19.43 -41.75
C THR B 298 -36.36 -19.22 -40.33
N LEU B 299 -35.21 -18.55 -40.18
CA LEU B 299 -34.72 -18.22 -38.85
C LEU B 299 -35.65 -17.27 -38.13
N ALA B 300 -36.44 -16.49 -38.88
CA ALA B 300 -37.45 -15.67 -38.23
C ALA B 300 -38.72 -16.47 -38.01
N THR B 301 -38.55 -17.68 -37.47
CA THR B 301 -39.65 -18.54 -37.06
C THR B 301 -39.08 -19.66 -36.20
N PHE B 302 -39.46 -19.70 -34.92
CA PHE B 302 -38.92 -20.74 -34.06
C PHE B 302 -39.84 -20.92 -32.86
N ASP B 303 -40.06 -22.18 -32.47
CA ASP B 303 -40.91 -22.50 -31.35
C ASP B 303 -40.23 -23.41 -30.33
N GLY B 304 -38.96 -23.74 -30.52
CA GLY B 304 -38.35 -24.78 -29.73
C GLY B 304 -38.26 -24.42 -28.25
N PHE B 305 -38.36 -25.45 -27.42
CA PHE B 305 -38.11 -25.35 -25.99
C PHE B 305 -36.74 -25.95 -25.70
N ILE B 306 -36.13 -25.49 -24.61
CA ILE B 306 -34.91 -26.10 -24.08
C ILE B 306 -35.17 -26.42 -22.61
N GLU B 307 -34.78 -27.62 -22.20
CA GLU B 307 -34.98 -28.03 -20.82
C GLU B 307 -33.63 -28.31 -20.17
N CYS B 308 -32.68 -27.42 -20.39
CA CYS B 308 -31.35 -27.56 -19.83
C CYS B 308 -31.39 -27.42 -18.31
N GLU B 309 -30.23 -27.58 -17.69
CA GLU B 309 -30.08 -27.46 -16.25
C GLU B 309 -29.97 -25.99 -15.86
N GLU B 310 -29.87 -25.75 -14.56
CA GLU B 310 -29.62 -24.41 -14.06
C GLU B 310 -28.12 -24.12 -14.11
N PRO B 311 -27.73 -22.85 -14.12
CA PRO B 311 -26.30 -22.51 -14.18
C PRO B 311 -25.53 -23.24 -13.09
N ASN B 312 -24.41 -23.87 -13.49
CA ASN B 312 -23.75 -24.86 -12.66
C ASN B 312 -22.25 -24.72 -12.52
N ASN B 313 -21.57 -24.01 -13.43
CA ASN B 313 -20.11 -23.94 -13.45
C ASN B 313 -19.49 -25.34 -13.62
N ARG B 314 -19.77 -25.94 -14.78
CA ARG B 314 -19.13 -27.18 -15.17
C ARG B 314 -18.28 -27.06 -16.43
N LEU B 315 -18.68 -26.21 -17.37
CA LEU B 315 -17.89 -25.87 -18.56
C LEU B 315 -17.74 -27.02 -19.55
N ASP B 316 -18.19 -28.23 -19.20
CA ASP B 316 -18.04 -29.31 -20.17
C ASP B 316 -19.18 -30.33 -20.20
N LYS B 317 -20.32 -30.09 -19.54
CA LYS B 317 -21.34 -31.14 -19.50
C LYS B 317 -22.63 -30.74 -20.21
N PHE B 318 -23.32 -29.69 -19.74
CA PHE B 318 -24.54 -29.18 -20.35
C PHE B 318 -25.53 -30.27 -20.78
N THR B 319 -26.14 -30.98 -19.82
CA THR B 319 -27.24 -31.84 -20.18
C THR B 319 -28.47 -31.00 -20.53
N GLY B 320 -29.38 -31.60 -21.31
CA GLY B 320 -30.59 -30.91 -21.70
C GLY B 320 -31.16 -31.48 -22.98
N THR B 321 -32.35 -30.98 -23.34
CA THR B 321 -33.06 -31.42 -24.53
C THR B 321 -33.47 -30.20 -25.34
N LEU B 322 -34.18 -30.46 -26.45
CA LEU B 322 -34.69 -29.43 -27.33
C LEU B 322 -36.04 -29.90 -27.86
N PHE B 323 -37.10 -29.17 -27.52
CA PHE B 323 -38.45 -29.45 -28.00
C PHE B 323 -38.75 -28.66 -29.27
N TRP B 324 -37.90 -28.81 -30.28
CA TRP B 324 -38.06 -28.03 -31.51
C TRP B 324 -39.41 -28.30 -32.13
N ARG B 325 -39.73 -29.57 -32.36
CA ARG B 325 -41.07 -30.02 -32.72
C ARG B 325 -41.07 -31.54 -32.79
N ASN B 326 -42.19 -32.18 -32.49
CA ASN B 326 -42.41 -33.53 -33.01
C ASN B 326 -41.34 -34.54 -32.60
N THR B 327 -41.38 -35.02 -31.35
CA THR B 327 -40.35 -35.91 -30.79
C THR B 327 -39.02 -35.17 -30.58
N SER B 328 -39.02 -34.31 -29.57
CA SER B 328 -37.86 -33.53 -29.12
C SER B 328 -36.58 -34.35 -29.11
N PHE B 329 -35.46 -33.67 -29.38
CA PHE B 329 -34.09 -34.17 -29.59
C PHE B 329 -33.17 -33.81 -28.43
N PRO B 330 -32.34 -34.73 -27.95
CA PRO B 330 -31.47 -34.43 -26.81
C PRO B 330 -30.29 -33.55 -27.22
N LEU B 331 -29.50 -33.17 -26.21
CA LEU B 331 -28.38 -32.25 -26.41
C LEU B 331 -27.23 -32.64 -25.50
N ASP B 332 -26.02 -32.22 -25.89
CA ASP B 332 -24.84 -32.41 -25.05
C ASP B 332 -23.86 -31.28 -25.34
N ALA B 333 -22.70 -31.34 -24.68
CA ALA B 333 -21.75 -30.23 -24.71
C ALA B 333 -21.12 -29.99 -26.07
N ASP B 334 -21.28 -30.91 -27.03
CA ASP B 334 -20.69 -30.70 -28.34
C ASP B 334 -21.44 -29.65 -29.16
N LYS B 335 -22.62 -29.23 -28.72
CA LYS B 335 -23.44 -28.26 -29.43
C LYS B 335 -23.62 -27.00 -28.60
N ILE B 336 -22.55 -26.53 -27.96
CA ILE B 336 -22.61 -25.37 -27.08
C ILE B 336 -21.37 -24.52 -27.30
N LEU B 337 -21.57 -23.21 -27.39
CA LEU B 337 -20.49 -22.25 -27.38
C LEU B 337 -20.59 -21.41 -26.11
N LEU B 338 -19.45 -21.19 -25.46
CA LEU B 338 -19.40 -20.41 -24.23
C LEU B 338 -19.01 -18.97 -24.54
N ARG B 339 -18.87 -18.16 -23.50
CA ARG B 339 -18.78 -16.71 -23.70
C ARG B 339 -17.39 -16.29 -24.19
N GLY B 340 -16.35 -16.58 -23.42
CA GLY B 340 -15.05 -16.05 -23.75
C GLY B 340 -14.35 -16.69 -24.94
N CYS B 341 -15.09 -17.45 -25.74
CA CYS B 341 -14.55 -18.17 -26.87
C CYS B 341 -14.65 -17.29 -28.12
N VAL B 342 -13.78 -17.54 -29.10
CA VAL B 342 -13.85 -16.75 -30.34
C VAL B 342 -13.86 -17.67 -31.55
N ILE B 343 -14.68 -17.28 -32.54
CA ILE B 343 -14.88 -18.06 -33.76
C ILE B 343 -13.68 -17.91 -34.69
N ARG B 344 -13.36 -18.98 -35.41
CA ARG B 344 -12.26 -18.96 -36.36
C ARG B 344 -12.59 -19.86 -37.55
N ASN B 345 -12.19 -19.40 -38.74
CA ASN B 345 -12.23 -20.19 -39.97
C ASN B 345 -13.65 -20.59 -40.36
N THR B 346 -14.65 -19.83 -39.93
CA THR B 346 -16.01 -19.96 -40.42
C THR B 346 -16.56 -18.58 -40.68
N ASP B 347 -17.19 -18.38 -41.84
CA ASP B 347 -17.64 -17.03 -42.21
C ASP B 347 -18.68 -16.50 -41.24
N PHE B 348 -19.67 -17.33 -40.87
CA PHE B 348 -20.70 -16.89 -39.94
C PHE B 348 -21.41 -18.11 -39.38
N CYS B 349 -22.23 -17.84 -38.36
CA CYS B 349 -23.02 -18.88 -37.69
C CYS B 349 -24.18 -18.24 -36.96
N HIS B 350 -25.16 -19.07 -36.60
CA HIS B 350 -26.35 -18.63 -35.90
C HIS B 350 -26.49 -19.40 -34.60
N GLY B 351 -27.28 -18.85 -33.67
CA GLY B 351 -27.43 -19.52 -32.39
C GLY B 351 -28.60 -19.00 -31.59
N LEU B 352 -29.02 -19.83 -30.62
CA LEU B 352 -30.03 -19.48 -29.63
C LEU B 352 -29.34 -19.14 -28.31
N VAL B 353 -29.68 -17.99 -27.74
CA VAL B 353 -29.14 -17.59 -26.45
C VAL B 353 -29.81 -18.42 -25.36
N ILE B 354 -29.00 -19.01 -24.48
CA ILE B 354 -29.48 -19.86 -23.40
C ILE B 354 -29.23 -19.24 -22.04
N PHE B 355 -28.03 -18.72 -21.81
CA PHE B 355 -27.67 -18.00 -20.61
C PHE B 355 -27.26 -16.58 -20.98
N ALA B 356 -27.09 -15.73 -19.97
CA ALA B 356 -26.64 -14.37 -20.22
C ALA B 356 -26.10 -13.77 -18.94
N GLY B 357 -25.25 -12.76 -19.10
CA GLY B 357 -24.78 -11.99 -17.97
C GLY B 357 -24.05 -12.85 -16.94
N ALA B 358 -24.43 -12.68 -15.68
CA ALA B 358 -23.80 -13.40 -14.59
C ALA B 358 -24.29 -14.83 -14.45
N ASP B 359 -24.97 -15.35 -15.48
CA ASP B 359 -25.41 -16.74 -15.49
C ASP B 359 -24.59 -17.61 -16.42
N THR B 360 -23.68 -17.02 -17.21
CA THR B 360 -22.83 -17.80 -18.10
C THR B 360 -21.91 -18.70 -17.28
N LYS B 361 -21.43 -19.77 -17.92
CA LYS B 361 -20.59 -20.73 -17.25
C LYS B 361 -19.19 -20.18 -16.95
N ILE B 362 -18.84 -19.01 -17.48
CA ILE B 362 -17.57 -18.38 -17.14
C ILE B 362 -17.73 -17.31 -16.07
N MET B 363 -18.94 -16.80 -15.85
CA MET B 363 -19.19 -15.85 -14.78
C MET B 363 -19.51 -16.54 -13.46
N LYS B 364 -19.65 -17.86 -13.46
CA LYS B 364 -19.82 -18.61 -12.22
C LYS B 364 -18.51 -18.94 -11.55
N ASN B 365 -17.39 -18.76 -12.24
CA ASN B 365 -16.08 -19.14 -11.70
C ASN B 365 -15.39 -17.99 -10.97
N SER B 366 -15.66 -16.76 -11.38
CA SER B 366 -15.15 -15.58 -10.67
C SER B 366 -16.16 -15.20 -9.60
N GLY B 367 -15.74 -15.20 -8.34
CA GLY B 367 -16.66 -14.95 -7.25
C GLY B 367 -16.01 -14.31 -6.05
N LYS B 368 -16.85 -13.64 -5.26
CA LYS B 368 -16.50 -13.11 -3.94
C LYS B 368 -15.35 -12.11 -4.03
N THR B 369 -15.64 -10.99 -4.68
CA THR B 369 -14.78 -9.81 -4.57
C THR B 369 -14.84 -9.28 -3.14
N ARG B 370 -13.68 -8.94 -2.58
CA ARG B 370 -13.57 -8.56 -1.18
C ARG B 370 -12.94 -7.16 -1.07
N PHE B 371 -12.85 -6.68 0.15
CA PHE B 371 -12.24 -5.38 0.45
C PHE B 371 -10.81 -5.62 0.93
N LYS B 372 -9.85 -5.06 0.21
CA LYS B 372 -8.44 -5.32 0.45
C LYS B 372 -7.82 -4.21 1.29
N ARG B 373 -7.14 -4.59 2.36
CA ARG B 373 -6.43 -3.67 3.23
C ARG B 373 -4.97 -4.07 3.29
N THR B 374 -4.08 -3.08 3.26
CA THR B 374 -2.66 -3.39 3.26
C THR B 374 -2.20 -3.78 4.66
N LYS B 375 -0.94 -4.18 4.75
CA LYS B 375 -0.37 -4.68 6.00
C LYS B 375 -0.02 -3.57 6.98
N ILE B 376 0.11 -2.33 6.52
CA ILE B 376 0.44 -1.22 7.40
C ILE B 376 -0.80 -0.74 8.17
N ASP B 377 -1.99 -0.95 7.62
CA ASP B 377 -3.20 -0.53 8.32
C ASP B 377 -3.42 -1.32 9.60
N TYR B 378 -3.16 -2.62 9.56
CA TYR B 378 -3.26 -3.42 10.77
C TYR B 378 -2.24 -3.01 11.81
N LEU B 379 -1.17 -2.34 11.41
CA LEU B 379 -0.21 -1.81 12.37
C LEU B 379 -0.69 -0.47 12.95
N MET B 380 -1.19 0.41 12.08
CA MET B 380 -1.72 1.69 12.55
C MET B 380 -2.86 1.49 13.54
N ASN B 381 -3.68 0.45 13.35
CA ASN B 381 -4.76 0.22 14.29
C ASN B 381 -4.24 -0.05 15.69
N TYR B 382 -3.20 -0.88 15.81
CA TYR B 382 -2.62 -1.16 17.12
C TYR B 382 -1.96 0.08 17.70
N MET B 383 -1.32 0.90 16.85
CA MET B 383 -0.79 2.17 17.32
C MET B 383 -1.88 3.02 17.95
N VAL B 384 -3.01 3.14 17.27
CA VAL B 384 -4.09 3.99 17.79
C VAL B 384 -4.63 3.43 19.10
N TYR B 385 -4.76 2.11 19.19
CA TYR B 385 -5.26 1.52 20.44
C TYR B 385 -4.30 1.78 21.61
N THR B 386 -3.00 1.59 21.39
CA THR B 386 -2.08 1.81 22.50
C THR B 386 -2.00 3.28 22.88
N ILE B 387 -2.10 4.20 21.92
CA ILE B 387 -2.11 5.62 22.26
C ILE B 387 -3.37 5.98 23.04
N PHE B 388 -4.51 5.37 22.68
CA PHE B 388 -5.73 5.62 23.44
C PHE B 388 -5.57 5.17 24.88
N VAL B 389 -4.99 3.99 25.10
CA VAL B 389 -4.78 3.51 26.46
C VAL B 389 -3.85 4.45 27.23
N VAL B 390 -2.76 4.88 26.60
CA VAL B 390 -1.82 5.77 27.27
C VAL B 390 -2.50 7.08 27.66
N LEU B 391 -3.31 7.64 26.76
CA LEU B 391 -4.01 8.88 27.05
C LEU B 391 -4.95 8.71 28.24
N ILE B 392 -5.70 7.63 28.27
CA ILE B 392 -6.63 7.41 29.39
C ILE B 392 -5.85 7.34 30.71
N LEU B 393 -4.77 6.57 30.74
CA LEU B 393 -4.02 6.43 31.99
C LEU B 393 -3.42 7.75 32.44
N LEU B 394 -2.84 8.52 31.51
CA LEU B 394 -2.23 9.80 31.90
C LEU B 394 -3.28 10.77 32.43
N SER B 395 -4.44 10.84 31.77
CA SER B 395 -5.49 11.74 32.24
C SER B 395 -5.97 11.32 33.63
N ALA B 396 -6.11 10.01 33.88
CA ALA B 396 -6.53 9.57 35.20
C ALA B 396 -5.51 9.95 36.27
N GLY B 397 -4.22 9.77 35.97
CA GLY B 397 -3.19 10.14 36.93
C GLY B 397 -3.23 11.63 37.27
N LEU B 398 -3.33 12.48 36.24
CA LEU B 398 -3.37 13.91 36.51
C LEU B 398 -4.64 14.31 37.25
N ALA B 399 -5.77 13.64 36.99
CA ALA B 399 -6.99 13.95 37.73
C ALA B 399 -6.83 13.61 39.21
N ILE B 400 -6.20 12.47 39.51
CA ILE B 400 -5.96 12.12 40.91
C ILE B 400 -5.07 13.18 41.55
N GLY B 401 -4.02 13.60 40.85
CA GLY B 401 -3.14 14.62 41.39
C GLY B 401 -3.87 15.91 41.70
N HIS B 402 -4.74 16.35 40.79
CA HIS B 402 -5.49 17.57 41.05
C HIS B 402 -6.44 17.39 42.23
N ALA B 403 -7.08 16.23 42.33
CA ALA B 403 -7.97 16.00 43.46
C ALA B 403 -7.22 16.12 44.77
N TYR B 404 -6.05 15.50 44.86
CA TYR B 404 -5.26 15.61 46.09
C TYR B 404 -4.82 17.05 46.34
N TRP B 405 -4.39 17.76 45.29
CA TRP B 405 -3.90 19.12 45.49
C TRP B 405 -5.02 20.06 45.93
N GLU B 406 -6.24 19.83 45.46
CA GLU B 406 -7.32 20.78 45.68
C GLU B 406 -7.63 20.93 47.16
N ALA B 407 -7.90 19.83 47.85
CA ALA B 407 -8.15 19.90 49.28
C ALA B 407 -6.89 19.67 50.10
N GLN B 408 -5.81 20.30 49.70
CA GLN B 408 -4.66 20.50 50.57
C GLN B 408 -4.15 21.94 50.50
N VAL B 409 -4.15 22.54 49.31
CA VAL B 409 -3.76 23.93 49.13
C VAL B 409 -4.79 24.74 48.36
N GLY B 410 -5.61 24.12 47.52
CA GLY B 410 -6.56 24.84 46.71
C GLY B 410 -7.72 25.45 47.47
N ASN B 411 -8.39 24.65 48.31
CA ASN B 411 -9.50 25.18 49.09
C ASN B 411 -8.98 25.83 50.35
N SER B 412 -7.94 26.64 50.21
CA SER B 412 -7.48 27.53 51.27
C SER B 412 -7.08 28.89 50.74
N SER B 413 -7.14 29.13 49.44
CA SER B 413 -6.69 30.37 48.82
C SER B 413 -7.88 31.26 48.55
N TRP B 414 -7.86 32.46 49.10
CA TRP B 414 -8.97 33.38 48.93
C TRP B 414 -9.00 34.00 47.53
N TYR B 415 -7.97 33.80 46.71
CA TYR B 415 -7.96 34.37 45.37
C TYR B 415 -8.44 33.40 44.30
N LEU B 416 -8.42 32.10 44.55
CA LEU B 416 -9.05 31.12 43.67
C LEU B 416 -10.46 30.78 44.18
N TYR B 417 -11.28 31.80 44.31
CA TYR B 417 -12.64 31.61 44.84
C TYR B 417 -13.64 31.51 43.70
N ASP B 418 -14.64 30.66 43.90
CA ASP B 418 -15.70 30.44 42.93
C ASP B 418 -17.05 30.44 43.64
N GLY B 419 -18.09 30.81 42.90
CA GLY B 419 -19.43 30.71 43.44
C GLY B 419 -19.92 29.29 43.61
N GLU B 420 -19.17 28.31 43.13
CA GLU B 420 -19.55 26.91 43.20
C GLU B 420 -19.25 26.36 44.59
N ASP B 421 -19.66 25.11 44.81
CA ASP B 421 -19.38 24.41 46.06
C ASP B 421 -18.94 22.97 45.79
N ASP B 422 -18.24 22.76 44.68
CA ASP B 422 -17.91 21.41 44.24
C ASP B 422 -16.91 20.76 45.18
N THR B 423 -17.20 19.54 45.61
CA THR B 423 -16.29 18.79 46.46
C THR B 423 -15.04 18.42 45.67
N PRO B 424 -13.92 18.18 46.36
CA PRO B 424 -12.66 17.92 45.65
C PRO B 424 -12.73 16.75 44.67
N SER B 425 -13.44 15.68 45.04
CA SER B 425 -13.55 14.53 44.14
C SER B 425 -14.22 14.93 42.84
N TYR B 426 -15.27 15.74 42.92
CA TYR B 426 -15.94 16.21 41.71
C TYR B 426 -15.01 17.11 40.89
N ARG B 427 -14.17 17.89 41.57
CA ARG B 427 -13.18 18.70 40.87
C ARG B 427 -12.21 17.82 40.08
N GLY B 428 -11.73 16.75 40.70
CA GLY B 428 -10.86 15.83 39.98
C GLY B 428 -11.56 15.17 38.81
N PHE B 429 -12.82 14.79 39.02
CA PHE B 429 -13.59 14.19 37.93
C PHE B 429 -13.74 15.14 36.76
N LEU B 430 -13.92 16.44 37.03
CA LEU B 430 -14.00 17.40 35.93
C LEU B 430 -12.66 17.66 35.27
N ILE B 431 -11.57 17.71 36.04
CA ILE B 431 -10.26 17.88 35.42
C ILE B 431 -9.84 16.69 34.58
N PHE B 432 -10.38 15.50 34.87
CA PHE B 432 -10.11 14.34 34.02
C PHE B 432 -10.46 14.63 32.56
N TRP B 433 -11.67 15.14 32.33
CA TRP B 433 -12.09 15.44 30.96
C TRP B 433 -11.31 16.60 30.36
N GLY B 434 -10.97 17.59 31.17
CA GLY B 434 -10.16 18.70 30.66
C GLY B 434 -8.81 18.24 30.16
N TYR B 435 -8.16 17.36 30.91
CA TYR B 435 -6.89 16.80 30.44
C TYR B 435 -7.06 15.88 29.24
N ILE B 436 -8.17 15.13 29.18
CA ILE B 436 -8.40 14.34 27.98
C ILE B 436 -8.46 15.25 26.76
N ILE B 437 -9.21 16.35 26.86
CA ILE B 437 -9.33 17.28 25.73
C ILE B 437 -7.99 17.92 25.40
N VAL B 438 -7.21 18.28 26.41
CA VAL B 438 -5.93 18.94 26.17
C VAL B 438 -4.95 18.00 25.48
N LEU B 439 -4.82 16.78 26.00
CA LEU B 439 -3.83 15.83 25.48
C LEU B 439 -4.36 15.01 24.31
N ASN B 440 -5.58 15.26 23.85
CA ASN B 440 -6.12 14.51 22.72
C ASN B 440 -5.35 14.71 21.42
N THR B 441 -4.52 15.74 21.32
CA THR B 441 -3.90 16.05 20.03
C THR B 441 -2.77 15.11 19.67
N MET B 442 -2.62 14.00 20.39
CA MET B 442 -1.93 12.83 19.84
C MET B 442 -2.85 12.19 18.81
N VAL B 443 -2.30 11.78 17.69
CA VAL B 443 -3.09 11.30 16.55
C VAL B 443 -4.04 12.42 16.14
N PRO B 444 -3.54 13.48 15.52
CA PRO B 444 -4.41 14.60 15.14
C PRO B 444 -5.22 14.29 13.90
N ILE B 445 -6.10 15.24 13.56
CA ILE B 445 -7.06 15.04 12.49
C ILE B 445 -6.40 14.96 11.11
N SER B 446 -5.18 15.45 10.98
CA SER B 446 -4.48 15.40 9.69
C SER B 446 -3.60 14.16 9.58
N LEU B 447 -4.16 12.99 9.83
CA LEU B 447 -3.43 11.73 9.69
C LEU B 447 -3.79 10.99 8.43
N TYR B 448 -5.07 10.88 8.12
CA TYR B 448 -5.54 10.23 6.91
C TYR B 448 -5.79 11.21 5.78
N VAL B 449 -5.42 12.47 5.95
CA VAL B 449 -5.41 13.40 4.83
C VAL B 449 -4.05 13.44 4.16
N SER B 450 -2.99 13.12 4.89
CA SER B 450 -1.65 13.08 4.33
C SER B 450 -1.33 11.72 3.72
N VAL B 451 -1.79 10.64 4.36
CA VAL B 451 -1.61 9.30 3.79
C VAL B 451 -2.27 9.21 2.42
N GLU B 452 -3.49 9.73 2.31
CA GLU B 452 -4.19 9.69 1.03
C GLU B 452 -3.46 10.46 -0.05
N VAL B 453 -2.93 11.64 0.30
CA VAL B 453 -2.17 12.43 -0.67
C VAL B 453 -0.93 11.68 -1.12
N ILE B 454 -0.22 11.06 -0.18
CA ILE B 454 1.01 10.35 -0.52
C ILE B 454 0.70 9.18 -1.46
N ARG B 455 -0.33 8.40 -1.14
CA ARG B 455 -0.63 7.23 -1.96
C ARG B 455 -1.18 7.64 -3.32
N LEU B 456 -1.98 8.70 -3.39
CA LEU B 456 -2.44 9.18 -4.69
C LEU B 456 -1.27 9.65 -5.54
N GLY B 457 -0.31 10.35 -4.93
CA GLY B 457 0.86 10.78 -5.69
C GLY B 457 1.67 9.63 -6.23
N GLN B 458 1.90 8.60 -5.41
CA GLN B 458 2.67 7.46 -5.90
C GLN B 458 1.92 6.69 -6.97
N SER B 459 0.60 6.55 -6.82
CA SER B 459 -0.20 5.89 -7.84
C SER B 459 -0.11 6.63 -9.16
N HIS B 460 -0.17 7.96 -9.12
CA HIS B 460 -0.01 8.70 -10.36
C HIS B 460 1.41 8.68 -10.88
N PHE B 461 2.40 8.42 -10.02
CA PHE B 461 3.74 8.17 -10.51
C PHE B 461 3.82 6.88 -11.32
N ILE B 462 3.05 5.86 -10.91
CA ILE B 462 3.12 4.56 -11.59
C ILE B 462 2.74 4.68 -13.06
N ASN B 463 1.66 5.40 -13.36
CA ASN B 463 1.14 5.42 -14.72
C ASN B 463 1.66 6.58 -15.54
N TRP B 464 2.59 7.37 -15.02
CA TRP B 464 3.33 8.32 -15.84
C TRP B 464 4.64 7.76 -16.32
N ASP B 465 4.99 6.54 -15.93
CA ASP B 465 6.29 5.97 -16.23
C ASP B 465 6.43 5.73 -17.73
N LEU B 466 7.31 6.48 -18.38
CA LEU B 466 7.57 6.27 -19.80
C LEU B 466 8.30 4.96 -20.04
N GLN B 467 8.98 4.44 -19.03
CA GLN B 467 9.74 3.21 -19.13
C GLN B 467 8.86 1.98 -18.87
N MET B 468 7.57 2.18 -18.65
CA MET B 468 6.59 1.12 -18.51
C MET B 468 5.54 1.15 -19.60
N TYR B 469 5.85 1.81 -20.72
CA TYR B 469 4.90 2.05 -21.79
C TYR B 469 5.26 1.18 -22.99
N TYR B 470 4.26 0.51 -23.55
CA TYR B 470 4.47 -0.44 -24.65
C TYR B 470 4.19 0.27 -25.97
N ALA B 471 5.21 0.34 -26.82
CA ALA B 471 5.12 1.17 -28.02
C ALA B 471 4.17 0.59 -29.05
N GLU B 472 4.27 -0.71 -29.32
CA GLU B 472 3.51 -1.30 -30.42
C GLU B 472 2.02 -1.26 -30.16
N LYS B 473 1.57 -1.73 -29.00
CA LYS B 473 0.14 -1.77 -28.72
C LYS B 473 -0.37 -0.50 -28.06
N ASP B 474 0.51 0.43 -27.68
CA ASP B 474 0.13 1.75 -27.19
C ASP B 474 -0.75 1.64 -25.94
N THR B 475 -0.14 1.12 -24.87
CA THR B 475 -0.79 1.00 -23.58
C THR B 475 0.11 1.61 -22.51
N PRO B 476 -0.41 2.47 -21.64
CA PRO B 476 0.43 3.23 -20.71
C PRO B 476 0.62 2.64 -19.31
N ALA B 477 0.15 1.42 -19.04
CA ALA B 477 0.42 0.73 -17.77
C ALA B 477 -0.10 1.52 -16.56
N LYS B 478 -1.43 1.61 -16.49
CA LYS B 478 -2.08 2.41 -15.45
C LYS B 478 -2.28 1.62 -14.15
N ALA B 479 -2.49 2.36 -13.07
CA ALA B 479 -2.80 1.82 -11.75
C ALA B 479 -4.24 2.12 -11.39
N ARG B 480 -4.93 1.16 -10.79
CA ARG B 480 -6.38 1.19 -10.72
C ARG B 480 -6.98 1.32 -9.33
N THR B 481 -6.18 1.30 -8.27
CA THR B 481 -6.81 1.26 -6.95
C THR B 481 -6.35 2.38 -6.02
N THR B 482 -5.10 2.81 -6.14
CA THR B 482 -4.53 3.92 -5.36
C THR B 482 -4.62 3.71 -3.84
N THR B 483 -4.83 2.47 -3.38
CA THR B 483 -4.89 2.21 -1.95
C THR B 483 -4.08 1.00 -1.49
N LEU B 484 -3.57 0.20 -2.42
CA LEU B 484 -2.77 -0.99 -2.12
C LEU B 484 -1.32 -0.76 -2.52
N ASN B 485 -0.81 0.44 -2.24
CA ASN B 485 0.35 0.92 -2.97
C ASN B 485 1.67 0.64 -2.24
N GLU B 486 1.67 0.63 -0.92
CA GLU B 486 2.86 0.22 -0.17
C GLU B 486 2.94 -1.28 0.01
N GLN B 487 1.91 -2.03 -0.39
CA GLN B 487 1.95 -3.48 -0.36
C GLN B 487 2.88 -4.04 -1.42
N LEU B 488 3.18 -3.26 -2.46
CA LEU B 488 4.02 -3.72 -3.57
C LEU B 488 5.45 -4.00 -3.15
N GLY B 489 5.87 -3.54 -1.97
CA GLY B 489 7.25 -3.74 -1.55
C GLY B 489 7.40 -4.75 -0.44
N GLN B 490 6.45 -5.68 -0.33
CA GLN B 490 6.48 -6.70 0.70
C GLN B 490 6.05 -8.06 0.18
N ILE B 491 6.28 -8.33 -1.10
CA ILE B 491 5.75 -9.53 -1.75
C ILE B 491 6.63 -10.73 -1.41
N HIS B 492 5.99 -11.86 -1.15
CA HIS B 492 6.67 -13.13 -0.88
C HIS B 492 6.56 -14.12 -2.02
N TYR B 493 5.42 -14.17 -2.70
CA TYR B 493 5.17 -15.17 -3.73
C TYR B 493 4.58 -14.51 -4.97
N ILE B 494 4.79 -15.14 -6.11
CA ILE B 494 4.16 -14.72 -7.36
C ILE B 494 3.59 -15.96 -8.04
N PHE B 495 2.33 -15.89 -8.44
CA PHE B 495 1.66 -16.94 -9.19
C PHE B 495 1.35 -16.39 -10.57
N SER B 496 1.69 -17.14 -11.61
CA SER B 496 1.51 -16.64 -12.97
C SER B 496 0.97 -17.68 -13.94
N PHD B 497 -0.03 -17.28 -14.72
CA PHD B 497 -0.57 -18.11 -15.76
C PHD B 497 0.50 -18.29 -16.87
O PHD B 497 1.50 -17.52 -16.91
CB PHD B 497 -1.86 -17.53 -16.34
CG PHD B 497 -2.40 -18.07 -17.64
OD1 PHD B 497 -2.11 -19.30 -17.94
OD2 PHD B 497 -3.10 -17.41 -18.46
P PHD B 497 -3.42 -20.36 -18.51
OP1 PHD B 497 -4.49 -20.22 -17.48
OP2 PHD B 497 -3.69 -19.64 -19.79
OP3 PHD B 497 -2.79 -21.71 -18.72
N LYS B 498 0.31 -19.26 -17.76
CA LYS B 498 1.30 -19.53 -18.79
C LYS B 498 0.90 -18.98 -20.15
N THR B 499 -0.24 -19.45 -20.67
CA THR B 499 -0.68 -19.04 -22.00
C THR B 499 -1.12 -17.57 -21.98
N GLY B 500 -0.43 -16.74 -22.74
CA GLY B 500 -0.75 -15.33 -22.85
C GLY B 500 -0.01 -14.44 -21.88
N THR B 501 0.54 -15.00 -20.80
CA THR B 501 1.32 -14.24 -19.83
C THR B 501 2.81 -14.42 -20.01
N LEU B 502 3.27 -15.65 -20.20
CA LEU B 502 4.68 -15.92 -20.45
C LEU B 502 4.99 -16.17 -21.91
N THR B 503 4.01 -16.57 -22.71
CA THR B 503 4.19 -16.85 -24.13
C THR B 503 3.38 -15.87 -24.96
N GLN B 504 3.74 -15.75 -26.25
CA GLN B 504 2.99 -14.91 -27.18
C GLN B 504 2.42 -15.70 -28.35
N ASN B 505 2.34 -17.03 -28.22
CA ASN B 505 1.53 -17.87 -29.10
C ASN B 505 2.08 -17.90 -30.54
N ILE B 506 3.37 -18.17 -30.69
CA ILE B 506 4.02 -18.31 -31.98
C ILE B 506 4.85 -19.59 -31.96
N MET B 507 4.90 -20.28 -33.10
CA MET B 507 5.49 -21.61 -33.17
C MET B 507 6.84 -21.66 -33.90
N THR B 508 6.92 -21.10 -35.11
CA THR B 508 8.18 -20.84 -35.81
C THR B 508 9.21 -21.96 -35.81
N PHE B 509 8.95 -23.04 -36.55
CA PHE B 509 9.91 -24.11 -36.82
C PHE B 509 11.35 -23.62 -36.97
N LYS B 510 12.29 -24.27 -36.27
CA LYS B 510 13.65 -23.75 -36.14
C LYS B 510 14.68 -24.57 -36.90
N LYS B 511 14.79 -25.87 -36.63
CA LYS B 511 15.84 -26.68 -37.24
C LYS B 511 15.40 -28.13 -37.29
N CYS B 512 16.10 -28.92 -38.09
CA CYS B 512 15.77 -30.32 -38.32
C CYS B 512 17.04 -31.13 -38.40
N CYS B 513 16.91 -32.44 -38.18
CA CYS B 513 18.03 -33.37 -38.18
C CYS B 513 17.71 -34.53 -39.12
N ILE B 514 18.27 -34.49 -40.33
CA ILE B 514 18.02 -35.50 -41.34
C ILE B 514 19.27 -36.37 -41.48
N ASN B 515 19.13 -37.65 -41.15
CA ASN B 515 20.17 -38.65 -41.39
C ASN B 515 21.51 -38.23 -40.80
N GLY B 516 21.54 -38.12 -39.48
CA GLY B 516 22.77 -37.82 -38.80
C GLY B 516 22.94 -36.36 -38.43
N GLN B 517 23.67 -35.62 -39.26
CA GLN B 517 23.99 -34.24 -38.93
C GLN B 517 22.72 -33.39 -38.84
N ILE B 518 22.73 -32.43 -37.92
CA ILE B 518 21.63 -31.48 -37.77
C ILE B 518 21.77 -30.42 -38.84
N TYR B 519 20.74 -29.62 -39.05
CA TYR B 519 20.73 -28.61 -40.09
C TYR B 519 20.41 -27.24 -39.52
N GLY B 520 21.12 -26.23 -40.01
CA GLY B 520 20.80 -24.85 -39.67
C GLY B 520 21.30 -24.37 -38.32
N ASP B 521 22.61 -24.31 -38.12
CA ASP B 521 23.11 -23.69 -36.90
C ASP B 521 23.13 -22.17 -37.05
N HIS B 522 24.01 -21.64 -37.89
CA HIS B 522 23.77 -20.34 -38.50
C HIS B 522 24.12 -20.36 -39.97
N ARG B 523 25.22 -21.01 -40.34
CA ARG B 523 25.60 -21.18 -41.74
C ARG B 523 25.76 -22.64 -42.12
N ASP B 524 26.53 -23.41 -41.36
CA ASP B 524 26.58 -24.87 -41.47
C ASP B 524 26.83 -25.33 -42.90
N ALA B 525 27.88 -24.79 -43.52
CA ALA B 525 28.12 -25.05 -44.94
C ALA B 525 29.59 -24.79 -45.24
N SER B 526 29.90 -24.72 -46.53
CA SER B 526 31.16 -24.22 -47.06
C SER B 526 30.97 -23.02 -47.96
N GLN B 527 29.90 -22.99 -48.73
CA GLN B 527 29.49 -21.78 -49.43
C GLN B 527 28.68 -20.90 -48.50
N HIS B 528 29.03 -19.62 -48.43
CA HIS B 528 28.39 -18.65 -47.53
C HIS B 528 28.47 -19.10 -46.07
N ASN B 529 29.50 -19.87 -45.73
CA ASN B 529 29.79 -20.18 -44.34
C ASN B 529 30.66 -19.13 -43.68
N HIS B 530 31.51 -18.46 -44.46
CA HIS B 530 32.33 -17.35 -43.97
C HIS B 530 31.79 -16.01 -44.43
N ASN B 531 30.61 -16.00 -45.05
CA ASN B 531 29.91 -14.76 -45.41
C ASN B 531 29.21 -14.25 -44.15
N LYS B 532 28.32 -13.27 -44.31
CA LYS B 532 27.55 -12.77 -43.19
C LYS B 532 26.53 -13.82 -42.76
N ILE B 533 25.68 -13.47 -41.80
CA ILE B 533 24.77 -14.44 -41.21
C ILE B 533 23.35 -13.97 -41.55
N GLU B 534 23.21 -13.38 -42.73
CA GLU B 534 21.92 -12.91 -43.22
C GLU B 534 21.05 -14.09 -43.66
N GLN B 535 19.78 -13.79 -43.94
CA GLN B 535 18.82 -14.81 -44.34
C GLN B 535 18.97 -15.16 -45.81
N VAL B 536 18.89 -16.45 -46.12
CA VAL B 536 18.97 -16.92 -47.49
C VAL B 536 17.60 -16.77 -48.15
N ASP B 537 17.60 -16.41 -49.43
CA ASP B 537 16.35 -16.16 -50.11
C ASP B 537 15.68 -17.46 -50.56
N PHE B 538 14.41 -17.34 -50.94
CA PHE B 538 13.64 -18.42 -51.53
C PHE B 538 13.00 -17.97 -52.82
N SER B 539 13.72 -17.13 -53.57
CA SER B 539 13.16 -16.53 -54.78
C SER B 539 13.25 -17.49 -55.96
N TRP B 540 12.75 -18.71 -55.78
CA TRP B 540 12.66 -19.67 -56.87
C TRP B 540 11.35 -20.43 -56.83
N ASN B 541 10.42 -20.09 -55.94
CA ASN B 541 9.10 -20.69 -55.87
C ASN B 541 8.04 -19.62 -56.10
N THR B 542 6.82 -20.08 -56.37
CA THR B 542 5.65 -19.21 -56.38
C THR B 542 4.92 -19.22 -55.05
N TYR B 543 5.46 -19.90 -54.04
CA TYR B 543 4.77 -20.11 -52.77
C TYR B 543 5.55 -19.62 -51.56
N ALA B 544 6.76 -19.11 -51.75
CA ALA B 544 7.62 -18.80 -50.61
C ALA B 544 7.01 -17.74 -49.71
N ASP B 545 6.44 -16.69 -50.30
CA ASP B 545 5.67 -15.63 -49.66
C ASP B 545 6.40 -14.93 -48.52
N GLY B 546 7.70 -15.21 -48.32
CA GLY B 546 8.51 -14.51 -47.35
C GLY B 546 7.96 -14.42 -45.95
N LYS B 547 7.86 -15.54 -45.24
CA LYS B 547 7.37 -15.56 -43.88
C LYS B 547 8.24 -16.36 -42.91
N LEU B 548 9.22 -17.10 -43.39
CA LEU B 548 10.10 -17.88 -42.53
C LEU B 548 11.52 -17.37 -42.67
N ALA B 549 12.27 -17.44 -41.57
CA ALA B 549 13.67 -17.05 -41.53
C ALA B 549 14.52 -18.30 -41.34
N PHE B 550 15.24 -18.69 -42.37
CA PHE B 550 16.17 -19.81 -42.30
C PHE B 550 17.54 -19.34 -42.75
N TYR B 551 18.57 -19.99 -42.20
CA TYR B 551 19.92 -19.49 -42.32
C TYR B 551 20.90 -20.51 -42.89
N ASP B 552 20.52 -21.78 -42.99
CA ASP B 552 21.40 -22.82 -43.52
C ASP B 552 21.38 -22.75 -45.03
N HIS B 553 22.41 -22.12 -45.60
CA HIS B 553 22.54 -22.11 -47.06
C HIS B 553 22.82 -23.51 -47.59
N TYR B 554 23.41 -24.39 -46.76
CA TYR B 554 23.73 -25.74 -47.22
C TYR B 554 22.48 -26.53 -47.56
N LEU B 555 21.45 -26.45 -46.71
CA LEU B 555 20.25 -27.25 -46.92
C LEU B 555 19.56 -26.87 -48.23
N ILE B 556 19.32 -25.57 -48.43
CA ILE B 556 18.67 -25.15 -49.66
C ILE B 556 19.58 -25.37 -50.87
N GLU B 557 20.89 -25.21 -50.70
CA GLU B 557 21.82 -25.45 -51.80
C GLU B 557 21.73 -26.90 -52.27
N GLN B 558 21.76 -27.83 -51.32
CA GLN B 558 21.63 -29.25 -51.67
C GLN B 558 20.26 -29.53 -52.27
N ILE B 559 19.20 -28.94 -51.70
CA ILE B 559 17.85 -29.17 -52.21
C ILE B 559 17.76 -28.75 -53.68
N GLN B 560 18.33 -27.58 -54.01
CA GLN B 560 18.39 -27.16 -55.40
C GLN B 560 19.21 -28.14 -56.23
N SER B 561 20.36 -28.56 -55.70
CA SER B 561 21.27 -29.42 -56.47
C SER B 561 20.64 -30.77 -56.77
N GLY B 562 19.77 -31.25 -55.89
CA GLY B 562 19.25 -32.61 -56.05
C GLY B 562 20.33 -33.66 -55.92
N LYS B 563 21.35 -33.40 -55.12
CA LYS B 563 22.46 -34.32 -54.95
C LYS B 563 22.19 -35.42 -53.93
N GLU B 564 21.01 -35.44 -53.33
CA GLU B 564 20.68 -36.44 -52.32
C GLU B 564 19.17 -36.63 -52.24
N PRO B 565 18.67 -37.84 -52.48
CA PRO B 565 17.23 -38.10 -52.36
C PRO B 565 16.74 -38.46 -50.96
N GLU B 566 17.60 -38.38 -49.94
CA GLU B 566 17.18 -38.68 -48.59
C GLU B 566 16.44 -37.53 -47.91
N VAL B 567 16.55 -36.32 -48.46
CA VAL B 567 15.87 -35.16 -47.91
C VAL B 567 14.61 -34.82 -48.70
N ARG B 568 14.62 -35.09 -50.01
CA ARG B 568 13.43 -34.88 -50.83
C ARG B 568 12.29 -35.76 -50.37
N GLN B 569 12.58 -36.84 -49.66
CA GLN B 569 11.54 -37.69 -49.09
C GLN B 569 11.07 -37.16 -47.75
N PHE B 570 11.99 -36.66 -46.93
CA PHE B 570 11.63 -36.21 -45.59
C PHE B 570 10.70 -35.00 -45.64
N PHE B 571 11.10 -33.96 -46.38
CA PHE B 571 10.30 -32.74 -46.42
C PHE B 571 8.96 -32.96 -47.08
N PHE B 572 8.80 -34.04 -47.84
CA PHE B 572 7.50 -34.37 -48.41
C PHE B 572 6.57 -34.96 -47.36
N LEU B 573 7.11 -35.66 -46.36
CA LEU B 573 6.27 -36.21 -45.31
C LEU B 573 5.56 -35.11 -44.54
N LEU B 574 6.26 -34.00 -44.29
CA LEU B 574 5.65 -32.89 -43.56
C LEU B 574 4.41 -32.38 -44.27
N ALA B 575 4.32 -32.56 -45.58
CA ALA B 575 3.21 -32.03 -46.36
C ALA B 575 2.07 -33.04 -46.56
N VAL B 576 2.17 -34.23 -45.98
CA VAL B 576 1.15 -35.25 -46.22
C VAL B 576 0.55 -35.75 -44.91
N CYS B 577 1.30 -35.64 -43.82
CA CYS B 577 0.89 -36.19 -42.52
C CYS B 577 0.38 -35.07 -41.64
N HIS B 578 -0.90 -34.74 -41.80
CA HIS B 578 -1.54 -33.70 -40.99
C HIS B 578 -3.04 -33.77 -41.24
N THR B 579 -3.77 -32.82 -40.67
CA THR B 579 -5.19 -32.66 -40.93
C THR B 579 -5.52 -31.25 -41.39
N VAL B 580 -4.52 -30.50 -41.86
CA VAL B 580 -4.75 -29.13 -42.28
C VAL B 580 -5.69 -29.10 -43.48
N MET B 581 -6.56 -28.10 -43.50
CA MET B 581 -7.44 -27.84 -44.63
C MET B 581 -7.07 -26.51 -45.27
N VAL B 582 -7.10 -26.46 -46.59
CA VAL B 582 -6.73 -25.27 -47.34
C VAL B 582 -7.98 -24.68 -47.98
N ASP B 583 -8.14 -23.36 -47.85
CA ASP B 583 -9.26 -22.63 -48.43
C ASP B 583 -8.67 -21.43 -49.16
N ARG B 584 -8.30 -21.64 -50.42
CA ARG B 584 -7.67 -20.58 -51.20
C ARG B 584 -8.69 -19.49 -51.51
N THR B 585 -8.45 -18.29 -50.98
CA THR B 585 -9.35 -17.17 -51.21
C THR B 585 -9.37 -16.78 -52.69
N ASP B 586 -8.23 -16.30 -53.18
CA ASP B 586 -8.10 -15.85 -54.57
C ASP B 586 -6.64 -16.06 -54.98
N GLY B 587 -6.38 -17.20 -55.63
CA GLY B 587 -5.06 -17.50 -56.14
C GLY B 587 -4.10 -17.88 -55.03
N GLN B 588 -3.71 -16.91 -54.22
CA GLN B 588 -2.83 -17.18 -53.09
C GLN B 588 -3.54 -18.09 -52.09
N LEU B 589 -2.82 -19.10 -51.61
CA LEU B 589 -3.39 -20.12 -50.74
C LEU B 589 -2.96 -19.90 -49.30
N ASN B 590 -3.92 -19.91 -48.39
CA ASN B 590 -3.68 -19.83 -46.96
C ASN B 590 -4.12 -21.13 -46.30
N TYR B 591 -3.58 -21.39 -45.13
CA TYR B 591 -3.71 -22.68 -44.46
C TYR B 591 -4.58 -22.55 -43.22
N GLN B 592 -5.62 -23.38 -43.13
CA GLN B 592 -6.50 -23.40 -41.97
C GLN B 592 -6.15 -24.62 -41.14
N ALA B 593 -5.17 -24.44 -40.25
CA ALA B 593 -4.66 -25.52 -39.44
C ALA B 593 -5.31 -25.50 -38.06
N ALA B 594 -5.82 -26.64 -37.63
CA ALA B 594 -6.50 -26.73 -36.34
C ALA B 594 -5.54 -26.69 -35.16
N SER B 595 -4.26 -27.02 -35.37
CA SER B 595 -3.32 -27.08 -34.27
C SER B 595 -2.11 -26.19 -34.54
N PRO B 596 -1.61 -25.51 -33.52
CA PRO B 596 -0.41 -24.68 -33.72
C PRO B 596 0.79 -25.48 -34.15
N ASP B 597 0.88 -26.74 -33.73
CA ASP B 597 2.06 -27.55 -33.97
C ASP B 597 2.08 -28.14 -35.37
N GLU B 598 0.96 -28.10 -36.10
CA GLU B 598 0.93 -28.59 -37.47
C GLU B 598 1.09 -27.49 -38.50
N GLY B 599 0.64 -26.27 -38.20
CA GLY B 599 0.80 -25.18 -39.15
C GLY B 599 2.24 -24.87 -39.46
N ALA B 600 3.11 -24.94 -38.45
CA ALA B 600 4.52 -24.63 -38.66
C ALA B 600 5.16 -25.60 -39.65
N LEU B 601 4.88 -26.90 -39.50
CA LEU B 601 5.50 -27.89 -40.37
C LEU B 601 5.03 -27.73 -41.81
N VAL B 602 3.73 -27.51 -42.02
CA VAL B 602 3.24 -27.37 -43.38
C VAL B 602 3.76 -26.08 -44.00
N ASN B 603 3.86 -25.01 -43.21
CA ASN B 603 4.43 -23.77 -43.74
C ASN B 603 5.88 -23.96 -44.15
N ALA B 604 6.67 -24.64 -43.32
CA ALA B 604 8.07 -24.91 -43.66
C ALA B 604 8.15 -25.75 -44.93
N ALA B 605 7.31 -26.77 -45.03
CA ALA B 605 7.30 -27.59 -46.23
C ALA B 605 6.97 -26.77 -47.47
N ARG B 606 5.96 -25.90 -47.36
CA ARG B 606 5.53 -25.11 -48.50
C ARG B 606 6.61 -24.14 -48.95
N ASN B 607 7.30 -23.50 -48.02
CA ASN B 607 8.35 -22.57 -48.41
C ASN B 607 9.73 -23.21 -48.41
N PHE B 608 9.79 -24.55 -48.47
CA PHE B 608 10.98 -25.26 -48.89
C PHE B 608 10.71 -26.05 -50.17
N GLY B 609 9.80 -25.56 -51.00
CA GLY B 609 9.29 -26.33 -52.12
C GLY B 609 8.00 -27.02 -51.71
N PHE B 610 7.76 -28.23 -52.21
CA PHE B 610 6.83 -29.20 -51.63
C PHE B 610 5.58 -28.55 -51.04
N ALA B 611 4.87 -27.79 -51.87
CA ALA B 611 3.65 -27.17 -51.40
C ALA B 611 2.53 -28.19 -51.26
N PHE B 612 1.47 -27.81 -50.58
CA PHE B 612 0.31 -28.68 -50.33
C PHE B 612 -0.94 -28.02 -50.89
N LEU B 613 -1.46 -28.57 -51.98
CA LEU B 613 -2.67 -28.13 -52.63
C LEU B 613 -3.87 -28.98 -52.15
N ALA B 614 -4.97 -28.94 -52.89
CA ALA B 614 -6.27 -29.43 -52.44
C ALA B 614 -6.22 -30.84 -51.86
N ARG B 615 -7.18 -31.11 -50.97
CA ARG B 615 -7.19 -32.27 -50.08
C ARG B 615 -8.60 -32.87 -50.02
N THR B 616 -9.19 -33.18 -51.18
CA THR B 616 -10.64 -33.24 -51.28
C THR B 616 -11.33 -34.21 -50.31
N GLN B 617 -11.26 -35.52 -50.53
CA GLN B 617 -11.74 -36.45 -49.51
C GLN B 617 -10.91 -37.71 -49.42
N ASN B 618 -10.30 -38.10 -50.54
CA ASN B 618 -9.53 -39.33 -50.63
C ASN B 618 -8.21 -39.13 -51.36
N THR B 619 -8.06 -38.03 -52.09
CA THR B 619 -6.88 -37.75 -52.87
C THR B 619 -6.37 -36.37 -52.50
N ILE B 620 -5.08 -36.26 -52.20
CA ILE B 620 -4.46 -34.99 -51.88
C ILE B 620 -3.38 -34.73 -52.91
N THR B 621 -3.27 -33.48 -53.34
CA THR B 621 -2.37 -33.09 -54.41
C THR B 621 -1.19 -32.32 -53.84
N ILE B 622 0.01 -32.67 -54.29
CA ILE B 622 1.25 -32.09 -53.80
C ILE B 622 2.03 -31.55 -55.00
N SER B 623 2.51 -30.32 -54.89
CA SER B 623 3.29 -29.69 -55.94
C SER B 623 4.78 -29.84 -55.61
N GLU B 624 5.31 -31.01 -55.90
CA GLU B 624 6.71 -31.31 -55.62
C GLU B 624 7.59 -30.52 -56.59
N LEU B 625 8.22 -29.46 -56.08
CA LEU B 625 9.15 -28.63 -56.86
C LEU B 625 8.50 -28.11 -58.13
N GLY B 626 7.24 -27.73 -58.03
CA GLY B 626 6.51 -27.20 -59.16
C GLY B 626 5.81 -28.24 -60.02
N THR B 627 6.05 -29.53 -59.79
CA THR B 627 5.40 -30.59 -60.54
C THR B 627 4.26 -31.15 -59.70
N GLU B 628 3.04 -31.07 -60.23
CA GLU B 628 1.87 -31.52 -59.49
C GLU B 628 1.76 -33.04 -59.53
N ARG B 629 1.38 -33.63 -58.40
CA ARG B 629 1.07 -35.04 -58.32
C ARG B 629 -0.17 -35.22 -57.46
N THR B 630 -0.89 -36.31 -57.68
CA THR B 630 -2.09 -36.64 -56.92
C THR B 630 -2.01 -38.07 -56.44
N TYR B 631 -1.98 -38.26 -55.13
CA TYR B 631 -1.99 -39.58 -54.53
C TYR B 631 -3.42 -39.89 -54.07
N ASN B 632 -3.61 -41.06 -53.47
CA ASN B 632 -4.90 -41.39 -52.88
C ASN B 632 -4.70 -42.01 -51.51
N VAL B 633 -5.45 -41.51 -50.53
CA VAL B 633 -5.28 -41.93 -49.16
C VAL B 633 -6.06 -43.22 -48.94
N LEU B 634 -5.40 -44.21 -48.32
CA LEU B 634 -6.07 -45.45 -47.96
C LEU B 634 -6.61 -45.42 -46.54
N ALA B 635 -5.84 -44.91 -45.60
CA ALA B 635 -6.32 -44.75 -44.23
C ALA B 635 -5.49 -43.67 -43.54
N ILE B 636 -6.10 -43.05 -42.55
CA ILE B 636 -5.47 -42.01 -41.74
C ILE B 636 -5.56 -42.48 -40.30
N LEU B 637 -4.49 -43.10 -39.81
CA LEU B 637 -4.41 -43.52 -38.41
C LEU B 637 -4.19 -42.26 -37.56
N ASP B 638 -5.25 -41.78 -36.94
CA ASP B 638 -5.32 -40.43 -36.42
C ASP B 638 -4.52 -40.27 -35.14
N PHE B 639 -4.45 -39.03 -34.67
CA PHE B 639 -3.79 -38.70 -33.42
C PHE B 639 -4.65 -39.11 -32.24
N ASN B 640 -4.00 -39.41 -31.12
CA ASN B 640 -4.69 -39.73 -29.88
C ASN B 640 -3.81 -39.27 -28.72
N SER B 641 -4.42 -39.09 -27.56
CA SER B 641 -3.68 -38.57 -26.41
C SER B 641 -2.72 -39.61 -25.85
N ASP B 642 -3.14 -40.87 -25.77
CA ASP B 642 -2.33 -41.91 -25.17
C ASP B 642 -1.53 -42.70 -26.19
N ARG B 643 -1.69 -42.36 -27.47
CA ARG B 643 -0.96 -42.99 -28.56
C ARG B 643 0.27 -42.12 -28.82
N LYS B 644 0.03 -40.83 -28.99
CA LYS B 644 1.10 -39.85 -29.19
C LYS B 644 1.79 -40.01 -30.53
N ARG B 645 1.07 -40.48 -31.56
CA ARG B 645 1.61 -40.52 -32.90
C ARG B 645 0.47 -40.53 -33.89
N MET B 646 0.78 -40.12 -35.11
CA MET B 646 -0.19 -40.04 -36.19
C MET B 646 0.46 -40.52 -37.48
N SER B 647 -0.30 -41.22 -38.31
CA SER B 647 0.27 -41.78 -39.52
C SER B 647 -0.81 -41.89 -40.61
N ILE B 648 -0.35 -42.10 -41.83
CA ILE B 648 -1.22 -42.16 -43.00
C ILE B 648 -0.68 -43.21 -43.96
N ILE B 649 -1.57 -43.76 -44.78
CA ILE B 649 -1.22 -44.73 -45.80
C ILE B 649 -1.71 -44.20 -47.14
N VAL B 650 -0.79 -44.04 -48.10
CA VAL B 650 -1.12 -43.46 -49.39
C VAL B 650 -0.62 -44.38 -50.49
N ARG B 651 -1.04 -44.08 -51.71
CA ARG B 651 -0.58 -44.79 -52.90
C ARG B 651 -0.20 -43.77 -53.98
N THR B 652 1.00 -43.92 -54.52
CA THR B 652 1.49 -43.02 -55.56
C THR B 652 0.93 -43.42 -56.93
N PRO B 653 0.96 -42.51 -57.90
CA PRO B 653 0.49 -42.86 -59.25
C PRO B 653 1.30 -43.96 -59.91
N GLU B 654 2.50 -44.25 -59.41
CA GLU B 654 3.33 -45.34 -59.93
C GLU B 654 2.93 -46.69 -59.36
N GLY B 655 1.73 -46.81 -58.80
CA GLY B 655 1.26 -48.08 -58.26
C GLY B 655 2.13 -48.60 -57.15
N ASN B 656 2.19 -47.88 -56.04
CA ASN B 656 3.02 -48.27 -54.91
C ASN B 656 2.50 -47.58 -53.66
N ILE B 657 2.21 -48.39 -52.64
CA ILE B 657 1.67 -47.90 -51.39
C ILE B 657 2.77 -47.66 -50.37
N LYS B 658 2.56 -46.67 -49.53
CA LYS B 658 3.53 -46.33 -48.49
C LYS B 658 2.81 -45.88 -47.23
N LEU B 659 3.50 -45.99 -46.09
CA LEU B 659 2.99 -45.52 -44.82
C LEU B 659 3.95 -44.48 -44.24
N TYR B 660 3.41 -43.36 -43.78
CA TYR B 660 4.20 -42.27 -43.21
C TYR B 660 3.70 -41.99 -41.80
N CYS B 661 4.62 -41.97 -40.83
CA CYS B 661 4.27 -41.82 -39.42
C CYS B 661 5.15 -40.78 -38.76
N LYS B 662 4.57 -40.06 -37.79
CA LYS B 662 5.32 -39.12 -36.97
C LYS B 662 4.77 -39.14 -35.55
N GLY B 663 5.65 -38.99 -34.58
CA GLY B 663 5.22 -39.03 -33.19
C GLY B 663 6.39 -38.94 -32.24
N ALA B 664 6.09 -39.16 -30.97
CA ALA B 664 7.10 -39.06 -29.93
C ALA B 664 8.16 -40.14 -30.09
N ASP B 665 9.39 -39.81 -29.70
CA ASP B 665 10.48 -40.76 -29.80
C ASP B 665 10.27 -41.96 -28.88
N THR B 666 9.75 -41.72 -27.68
CA THR B 666 9.64 -42.78 -26.68
C THR B 666 8.60 -43.82 -27.05
N VAL B 667 7.78 -43.57 -28.08
CA VAL B 667 6.80 -44.55 -28.52
C VAL B 667 7.23 -45.12 -29.86
N ILE B 668 7.98 -44.33 -30.63
CA ILE B 668 8.50 -44.82 -31.91
C ILE B 668 9.58 -45.86 -31.69
N TYR B 669 10.45 -45.64 -30.71
CA TYR B 669 11.60 -46.51 -30.49
C TYR B 669 11.21 -47.91 -30.03
N GLU B 670 9.94 -48.22 -29.89
CA GLU B 670 9.47 -49.59 -29.78
C GLU B 670 8.90 -50.12 -31.08
N ARG B 671 8.97 -49.34 -32.15
CA ARG B 671 8.37 -49.70 -33.43
C ARG B 671 9.36 -49.78 -34.58
N LEU B 672 10.54 -49.19 -34.44
CA LEU B 672 11.46 -49.08 -35.56
C LEU B 672 12.00 -50.45 -35.97
N HIS B 673 12.25 -50.59 -37.27
CA HIS B 673 12.85 -51.82 -37.79
C HIS B 673 14.25 -51.99 -37.23
N ARG B 674 14.64 -53.24 -37.01
CA ARG B 674 15.91 -53.55 -36.35
C ARG B 674 17.04 -53.68 -37.37
N MET B 675 17.15 -52.68 -38.24
CA MET B 675 18.30 -52.56 -39.13
C MET B 675 18.76 -51.14 -39.34
N ASN B 676 18.14 -50.16 -38.70
CA ASN B 676 18.37 -48.75 -38.98
C ASN B 676 19.76 -48.32 -38.52
N PRO B 677 20.71 -48.05 -39.43
CA PRO B 677 22.05 -47.67 -38.98
C PRO B 677 22.08 -46.35 -38.22
N THR B 678 21.29 -45.37 -38.65
CA THR B 678 21.33 -44.03 -38.06
C THR B 678 20.30 -43.87 -36.94
N LYS B 679 20.32 -44.80 -36.00
CA LYS B 679 19.50 -44.64 -34.79
C LYS B 679 20.27 -43.93 -33.69
N GLN B 680 21.52 -44.32 -33.46
CA GLN B 680 22.34 -43.64 -32.46
C GLN B 680 22.72 -42.24 -32.90
N GLU B 681 22.90 -42.03 -34.20
CA GLU B 681 23.26 -40.71 -34.69
C GLU B 681 22.15 -39.69 -34.41
N THR B 682 20.90 -40.08 -34.68
CA THR B 682 19.79 -39.17 -34.43
C THR B 682 19.47 -39.05 -32.95
N GLN B 683 19.53 -40.16 -32.22
CA GLN B 683 19.25 -40.11 -30.78
C GLN B 683 20.24 -39.19 -30.07
N ASP B 684 21.53 -39.32 -30.37
CA ASP B 684 22.52 -38.42 -29.82
C ASP B 684 22.38 -37.01 -30.35
N ALA B 685 21.61 -36.81 -31.42
CA ALA B 685 21.25 -35.49 -31.88
C ALA B 685 19.90 -35.02 -31.34
N LEU B 686 19.08 -35.94 -30.80
CA LEU B 686 17.84 -35.54 -30.19
C LEU B 686 18.05 -34.88 -28.83
N ASP B 687 19.20 -35.12 -28.19
CA ASP B 687 19.47 -34.50 -26.91
C ASP B 687 19.76 -33.01 -27.08
N ILE B 688 20.57 -32.67 -28.08
CA ILE B 688 20.93 -31.27 -28.31
C ILE B 688 19.67 -30.42 -28.39
N PHE B 689 18.72 -30.85 -29.23
CA PHE B 689 17.45 -30.15 -29.32
C PHE B 689 16.80 -30.03 -27.95
N ALA B 690 16.67 -31.15 -27.24
CA ALA B 690 16.08 -31.11 -25.91
C ALA B 690 16.98 -30.40 -24.92
N ASN B 691 18.27 -30.30 -25.19
CA ASN B 691 19.12 -29.46 -24.35
C ASN B 691 18.85 -28.00 -24.61
N GLU B 692 18.51 -27.65 -25.84
CA GLU B 692 17.84 -26.37 -26.06
C GLU B 692 16.41 -26.45 -25.56
N THR B 693 15.75 -25.31 -25.45
CA THR B 693 14.42 -25.25 -24.90
C THR B 693 13.41 -25.24 -26.05
N LEU B 694 13.18 -26.43 -26.60
CA LEU B 694 12.31 -26.57 -27.76
C LEU B 694 11.78 -27.99 -27.83
N ARG B 695 10.70 -28.16 -28.59
CA ARG B 695 9.89 -29.38 -28.59
C ARG B 695 10.08 -30.15 -29.88
N THR B 696 10.23 -31.47 -29.76
CA THR B 696 10.73 -32.31 -30.84
C THR B 696 9.72 -33.39 -31.22
N LEU B 697 9.84 -33.86 -32.46
CA LEU B 697 9.06 -34.98 -32.97
C LEU B 697 9.98 -35.89 -33.78
N CYS B 698 9.53 -37.12 -33.99
CA CYS B 698 10.32 -38.13 -34.69
C CYS B 698 9.52 -38.67 -35.88
N LEU B 699 10.21 -38.92 -37.00
CA LEU B 699 9.56 -39.27 -38.26
C LEU B 699 10.08 -40.59 -38.80
N CYS B 700 9.16 -41.38 -39.36
CA CYS B 700 9.52 -42.67 -39.94
C CYS B 700 8.55 -43.02 -41.05
N TYR B 701 8.92 -44.01 -41.85
CA TYR B 701 8.02 -44.51 -42.88
C TYR B 701 8.22 -46.01 -43.03
N LYS B 702 7.25 -46.63 -43.72
CA LYS B 702 7.23 -48.07 -43.89
C LYS B 702 6.75 -48.42 -45.29
N GLU B 703 7.35 -49.44 -45.88
CA GLU B 703 6.97 -49.88 -47.22
C GLU B 703 5.91 -50.98 -47.10
N ILE B 704 4.66 -50.63 -47.40
CA ILE B 704 3.57 -51.55 -47.30
C ILE B 704 3.35 -52.43 -48.55
N GLU B 705 4.21 -52.22 -49.54
CA GLU B 705 4.07 -52.88 -50.84
C GLU B 705 2.73 -52.60 -51.52
N GLU B 706 1.99 -53.67 -51.86
CA GLU B 706 0.70 -53.53 -52.51
C GLU B 706 -0.15 -54.79 -52.40
N LYS B 707 0.17 -55.64 -51.42
CA LYS B 707 -0.57 -56.87 -51.23
C LYS B 707 -0.99 -57.11 -49.78
N GLU B 708 0.00 -57.18 -48.89
CA GLU B 708 -0.25 -57.41 -47.48
C GLU B 708 -1.28 -56.42 -46.93
N PHE B 709 -1.24 -55.21 -47.47
CA PHE B 709 -2.17 -54.16 -47.07
C PHE B 709 -3.60 -54.69 -46.96
N THR B 710 -4.06 -55.40 -47.99
CA THR B 710 -5.48 -55.74 -48.11
C THR B 710 -6.00 -56.50 -46.90
N GLU B 711 -5.19 -57.40 -46.34
CA GLU B 711 -5.62 -58.16 -45.18
C GLU B 711 -5.98 -57.24 -44.02
N TRP B 712 -5.06 -56.35 -43.64
CA TRP B 712 -5.34 -55.39 -42.59
C TRP B 712 -6.40 -54.37 -43.01
N ASN B 713 -6.52 -54.11 -44.31
CA ASN B 713 -7.54 -53.18 -44.79
C ASN B 713 -8.93 -53.69 -44.47
N LYS B 714 -9.22 -54.94 -44.85
CA LYS B 714 -10.51 -55.51 -44.49
C LYS B 714 -10.56 -55.83 -43.00
N LYS B 715 -9.41 -56.01 -42.35
CA LYS B 715 -9.39 -56.23 -40.91
C LYS B 715 -9.93 -55.03 -40.16
N PHE B 716 -9.52 -53.81 -40.55
CA PHE B 716 -10.04 -52.64 -39.85
C PHE B 716 -11.30 -52.10 -40.50
N MET B 717 -11.67 -52.58 -41.69
CA MET B 717 -13.04 -52.47 -42.14
C MET B 717 -13.99 -53.21 -41.20
N ALA B 718 -13.61 -54.42 -40.81
CA ALA B 718 -14.44 -55.18 -39.88
C ALA B 718 -14.49 -54.52 -38.51
N ALA B 719 -13.40 -53.88 -38.09
CA ALA B 719 -13.30 -53.28 -36.77
C ALA B 719 -13.65 -51.80 -36.73
N SER B 720 -13.99 -51.20 -37.87
CA SER B 720 -14.35 -49.78 -37.87
C SER B 720 -15.80 -49.58 -37.44
N VAL B 721 -16.74 -50.12 -38.21
CA VAL B 721 -18.16 -49.92 -37.96
C VAL B 721 -18.58 -50.86 -36.83
N ALA B 722 -18.80 -50.29 -35.65
CA ALA B 722 -19.15 -51.07 -34.46
C ALA B 722 -20.18 -50.33 -33.62
N SER B 723 -20.39 -50.80 -32.40
CA SER B 723 -21.33 -50.18 -31.48
C SER B 723 -20.64 -49.48 -30.31
N THR B 724 -19.77 -50.19 -29.59
CA THR B 724 -19.17 -49.64 -28.38
C THR B 724 -17.66 -49.71 -28.38
N ASN B 725 -17.03 -50.06 -29.50
CA ASN B 725 -15.58 -50.23 -29.54
C ASN B 725 -14.95 -49.46 -30.70
N ARG B 726 -15.61 -48.40 -31.18
CA ARG B 726 -15.02 -47.60 -32.25
C ARG B 726 -13.73 -46.93 -31.80
N ASP B 727 -13.59 -46.64 -30.50
CA ASP B 727 -12.40 -46.00 -29.98
C ASP B 727 -11.38 -46.97 -29.40
N GLU B 728 -11.71 -48.26 -29.27
CA GLU B 728 -10.72 -49.16 -28.70
C GLU B 728 -10.43 -50.38 -29.55
N ALA B 729 -11.45 -50.95 -30.22
CA ALA B 729 -11.16 -52.01 -31.19
C ALA B 729 -10.39 -51.47 -32.37
N LEU B 730 -10.76 -50.28 -32.85
CA LEU B 730 -9.96 -49.62 -33.86
C LEU B 730 -8.56 -49.35 -33.35
N ASP B 731 -8.40 -49.10 -32.06
CA ASP B 731 -7.06 -48.93 -31.50
C ASP B 731 -6.29 -50.24 -31.53
N LYS B 732 -6.97 -51.36 -31.28
CA LYS B 732 -6.30 -52.66 -31.36
C LYS B 732 -5.85 -52.95 -32.78
N VAL B 733 -6.70 -52.67 -33.77
CA VAL B 733 -6.30 -52.93 -35.15
C VAL B 733 -5.30 -51.88 -35.63
N TYR B 734 -5.25 -50.72 -34.97
CA TYR B 734 -4.20 -49.75 -35.28
C TYR B 734 -2.83 -50.36 -34.98
N GLU B 735 -2.67 -50.93 -33.80
CA GLU B 735 -1.38 -51.44 -33.33
C GLU B 735 -1.08 -52.79 -33.96
N GLU B 736 -1.11 -52.81 -35.29
CA GLU B 736 -0.76 -54.01 -36.04
C GLU B 736 0.15 -53.75 -37.23
N ILE B 737 0.29 -52.50 -37.69
CA ILE B 737 1.25 -52.17 -38.74
C ILE B 737 2.19 -51.09 -38.19
N GLU B 738 2.48 -51.16 -36.89
CA GLU B 738 3.51 -50.33 -36.27
C GLU B 738 4.78 -51.12 -36.00
N LYS B 739 5.13 -52.03 -36.91
CA LYS B 739 6.38 -52.76 -36.87
C LYS B 739 7.18 -52.43 -38.12
N ASP B 740 8.52 -52.48 -37.98
CA ASP B 740 9.43 -52.22 -39.09
C ASP B 740 9.24 -50.81 -39.65
N LEU B 741 9.63 -49.83 -38.82
CA LEU B 741 9.36 -48.42 -39.03
C LEU B 741 10.63 -47.58 -39.19
N ILE B 742 11.49 -47.95 -40.14
CA ILE B 742 12.78 -47.30 -40.36
C ILE B 742 12.66 -45.78 -40.32
N LEU B 743 13.68 -45.13 -39.75
CA LEU B 743 13.62 -43.72 -39.41
C LEU B 743 13.82 -42.83 -40.64
N LEU B 744 13.58 -41.53 -40.44
CA LEU B 744 13.99 -40.51 -41.40
C LEU B 744 14.76 -39.38 -40.73
N GLY B 745 14.43 -39.10 -39.48
CA GLY B 745 15.04 -37.98 -38.77
C GLY B 745 14.04 -37.34 -37.83
N ALA B 746 14.49 -36.27 -37.19
CA ALA B 746 13.70 -35.57 -36.19
C ALA B 746 13.62 -34.09 -36.54
N THR B 747 12.60 -33.44 -36.00
CA THR B 747 12.35 -32.02 -36.24
C THR B 747 12.44 -31.26 -34.92
N ALA B 748 12.11 -29.97 -34.98
CA ALA B 748 12.21 -29.11 -33.81
C ALA B 748 11.32 -27.89 -34.00
N ILE B 749 10.66 -27.47 -32.92
CA ILE B 749 9.78 -26.31 -32.93
C ILE B 749 10.00 -25.57 -31.61
N GLU B 750 9.92 -24.24 -31.64
CA GLU B 750 10.37 -23.41 -30.53
C GLU B 750 9.30 -22.38 -30.18
N ASP B 751 8.81 -22.43 -28.94
CA ASP B 751 7.92 -21.39 -28.45
C ASP B 751 8.69 -20.08 -28.24
N LYS B 752 7.93 -18.99 -28.15
CA LYS B 752 8.42 -17.65 -28.41
C LYS B 752 8.09 -16.71 -27.24
N LEU B 753 8.52 -17.09 -26.03
CA LEU B 753 7.91 -16.61 -24.80
C LEU B 753 7.53 -15.14 -24.81
N GLN B 754 8.52 -14.24 -24.76
CA GLN B 754 8.40 -12.79 -24.86
C GLN B 754 9.80 -12.19 -24.78
N ASP B 755 9.90 -10.89 -24.97
CA ASP B 755 11.16 -10.18 -24.81
C ASP B 755 11.32 -9.80 -23.34
N GLY B 756 12.11 -10.59 -22.60
CA GLY B 756 12.50 -10.21 -21.25
C GLY B 756 12.04 -11.14 -20.15
N VAL B 757 11.37 -12.26 -20.43
CA VAL B 757 10.90 -13.14 -19.35
C VAL B 757 12.03 -13.73 -18.52
N PRO B 758 13.07 -14.33 -19.11
CA PRO B 758 14.06 -15.00 -18.25
C PRO B 758 14.90 -14.06 -17.41
N GLU B 759 15.27 -12.89 -17.94
CA GLU B 759 15.95 -11.90 -17.11
C GLU B 759 15.10 -11.48 -15.94
N THR B 760 13.79 -11.29 -16.18
CA THR B 760 12.89 -10.91 -15.11
C THR B 760 12.82 -11.99 -14.05
N ILE B 761 12.74 -13.25 -14.46
CA ILE B 761 12.67 -14.34 -13.49
C ILE B 761 13.96 -14.41 -12.68
N SER B 762 15.10 -14.22 -13.32
CA SER B 762 16.37 -14.25 -12.58
C SER B 762 16.44 -13.10 -11.57
N LYS B 763 16.07 -11.89 -12.00
CA LYS B 763 16.09 -10.74 -11.10
C LYS B 763 15.18 -10.97 -9.91
N LEU B 764 13.97 -11.49 -10.14
CA LEU B 764 13.04 -11.71 -9.05
C LEU B 764 13.46 -12.86 -8.15
N ALA B 765 14.21 -13.82 -8.68
CA ALA B 765 14.73 -14.89 -7.84
C ALA B 765 15.89 -14.42 -6.98
N LYS B 766 16.64 -13.41 -7.44
CA LYS B 766 17.68 -12.84 -6.59
C LYS B 766 17.10 -12.08 -5.40
N ALA B 767 15.92 -11.49 -5.58
CA ALA B 767 15.26 -10.71 -4.53
C ALA B 767 14.45 -11.55 -3.57
N ASP B 768 14.69 -12.86 -3.54
CA ASP B 768 14.07 -13.78 -2.57
C ASP B 768 12.56 -13.85 -2.75
N ILE B 769 12.09 -13.88 -4.00
CA ILE B 769 10.69 -14.11 -4.31
C ILE B 769 10.57 -15.47 -4.98
N LYS B 770 9.45 -16.15 -4.72
CA LYS B 770 9.21 -17.48 -5.26
C LYS B 770 8.13 -17.43 -6.33
N ILE B 771 8.36 -18.11 -7.44
CA ILE B 771 7.46 -18.09 -8.59
C ILE B 771 6.84 -19.46 -8.75
N TRP B 772 5.50 -19.51 -8.81
CA TRP B 772 4.75 -20.71 -9.13
C TRP B 772 3.94 -20.44 -10.40
N VAL B 773 3.93 -21.39 -11.32
CA VAL B 773 3.20 -21.26 -12.57
C VAL B 773 1.98 -22.17 -12.48
N LEU B 774 0.80 -21.56 -12.45
CA LEU B 774 -0.47 -22.29 -12.39
C LEU B 774 -1.15 -22.13 -13.74
N THR B 775 -1.21 -23.21 -14.51
CA THR B 775 -1.73 -23.16 -15.87
C THR B 775 -2.79 -24.24 -16.07
N GLY B 776 -3.72 -23.95 -16.95
CA GLY B 776 -4.73 -24.91 -17.38
C GLY B 776 -4.36 -25.68 -18.63
N ASP B 777 -3.13 -25.52 -19.13
CA ASP B 777 -2.70 -26.14 -20.36
C ASP B 777 -2.14 -27.53 -20.08
N LYS B 778 -1.77 -28.25 -21.14
CA LYS B 778 -1.34 -29.64 -21.03
C LYS B 778 -0.05 -29.75 -20.23
N LYS B 779 0.26 -30.98 -19.81
CA LYS B 779 1.44 -31.20 -18.99
C LYS B 779 2.73 -31.11 -19.79
N GLU B 780 2.73 -31.64 -21.01
CA GLU B 780 3.94 -31.60 -21.84
C GLU B 780 4.26 -30.17 -22.25
N THR B 781 3.25 -29.37 -22.57
CA THR B 781 3.50 -27.99 -22.96
C THR B 781 4.08 -27.18 -21.81
N ALA B 782 3.61 -27.42 -20.59
CA ALA B 782 4.15 -26.69 -19.44
C ALA B 782 5.35 -27.41 -18.84
N GLU B 783 6.27 -27.79 -19.70
CA GLU B 783 7.63 -28.22 -19.38
C GLU B 783 8.65 -27.51 -20.26
N ASN B 784 8.33 -27.32 -21.53
CA ASN B 784 9.20 -26.50 -22.37
C ASN B 784 9.20 -25.06 -21.92
N ILE B 785 8.09 -24.59 -21.36
CA ILE B 785 8.07 -23.25 -20.78
C ILE B 785 8.91 -23.22 -19.50
N GLY B 786 8.83 -24.27 -18.69
CA GLY B 786 9.63 -24.34 -17.49
C GLY B 786 11.12 -24.33 -17.79
N PHE B 787 11.55 -25.08 -18.81
CA PHE B 787 12.95 -25.06 -19.21
C PHE B 787 13.33 -23.78 -19.95
N ALA B 788 12.38 -23.17 -20.66
CA ALA B 788 12.71 -22.01 -21.49
C ALA B 788 12.97 -20.78 -20.65
N CYS B 789 12.13 -20.53 -19.66
CA CYS B 789 12.31 -19.38 -18.78
C CYS B 789 13.28 -19.69 -17.64
N GLU B 790 13.87 -20.90 -17.63
CA GLU B 790 14.90 -21.28 -16.69
C GLU B 790 14.42 -21.27 -15.24
N LEU B 791 13.14 -21.57 -15.04
CA LEU B 791 12.68 -21.91 -13.69
C LEU B 791 13.31 -23.21 -13.23
N LEU B 792 13.23 -24.23 -14.06
CA LEU B 792 13.84 -25.53 -13.80
C LEU B 792 14.77 -25.87 -14.96
N THR B 793 16.01 -26.22 -14.63
CA THR B 793 17.02 -26.47 -15.65
C THR B 793 17.71 -27.81 -15.43
N GLU B 794 18.80 -28.04 -16.16
CA GLU B 794 19.58 -29.25 -15.96
C GLU B 794 20.14 -29.29 -14.54
N ASP B 795 20.39 -30.50 -14.04
CA ASP B 795 20.68 -30.74 -12.64
C ASP B 795 19.54 -30.24 -11.75
N THR B 796 18.36 -30.79 -12.01
CA THR B 796 17.18 -30.49 -11.19
C THR B 796 16.21 -31.65 -11.34
N THR B 797 15.96 -32.36 -10.23
CA THR B 797 14.98 -33.43 -10.25
C THR B 797 13.57 -32.85 -10.36
N ILE B 798 12.70 -33.55 -11.09
CA ILE B 798 11.38 -33.03 -11.42
C ILE B 798 10.32 -33.50 -10.43
N CYS B 799 10.29 -34.80 -10.13
CA CYS B 799 9.49 -35.34 -9.02
C CYS B 799 8.00 -35.03 -9.20
N TYR B 800 7.41 -35.67 -10.21
CA TYR B 800 5.98 -35.56 -10.47
C TYR B 800 5.15 -35.99 -9.25
N GLY B 801 3.84 -35.74 -9.33
CA GLY B 801 2.96 -35.96 -8.21
C GLY B 801 2.77 -37.41 -7.83
N GLU B 802 2.99 -38.32 -8.77
CA GLU B 802 2.98 -39.75 -8.44
C GLU B 802 3.93 -40.05 -7.28
N ASP B 803 5.13 -39.48 -7.34
CA ASP B 803 6.09 -39.66 -6.25
C ASP B 803 5.65 -38.92 -5.00
N ILE B 804 5.04 -37.73 -5.17
CA ILE B 804 4.68 -36.90 -4.03
C ILE B 804 3.64 -37.59 -3.17
N ASN B 805 2.64 -38.20 -3.79
CA ASN B 805 1.61 -38.87 -3.01
C ASN B 805 2.22 -39.98 -2.15
N SER B 806 3.09 -40.78 -2.73
CA SER B 806 3.73 -41.86 -1.98
C SER B 806 4.58 -41.31 -0.84
N LEU B 807 5.39 -40.29 -1.13
CA LEU B 807 6.27 -39.73 -0.10
C LEU B 807 5.46 -39.15 1.05
N LEU B 808 4.41 -38.39 0.72
CA LEU B 808 3.61 -37.76 1.76
C LEU B 808 2.87 -38.82 2.58
N HIS B 809 2.34 -39.85 1.92
CA HIS B 809 1.69 -40.94 2.65
C HIS B 809 2.66 -41.65 3.57
N ALA B 810 3.89 -41.90 3.08
CA ALA B 810 4.88 -42.58 3.91
C ALA B 810 5.25 -41.75 5.13
N ARG B 811 5.40 -40.44 4.94
CA ARG B 811 5.80 -39.61 6.09
C ARG B 811 4.64 -39.39 7.05
N MET B 812 3.40 -39.38 6.56
CA MET B 812 2.26 -39.08 7.42
C MET B 812 1.75 -40.31 8.15
N GLU B 813 1.39 -41.37 7.41
CA GLU B 813 0.86 -42.57 8.05
C GLU B 813 1.88 -43.19 8.99
N ASN B 814 3.11 -43.37 8.51
CA ASN B 814 4.18 -43.80 9.39
C ASN B 814 4.70 -42.62 10.20
N GLN B 815 5.31 -42.95 11.34
CA GLN B 815 6.03 -41.98 12.16
C GLN B 815 5.12 -40.87 12.71
N ARG B 816 3.85 -41.19 12.99
CA ARG B 816 3.05 -40.37 13.87
C ARG B 816 3.06 -40.94 15.29
N ASN B 817 2.50 -42.12 15.46
CA ASN B 817 2.82 -43.03 16.56
C ASN B 817 2.81 -44.47 16.06
N ARG B 818 3.09 -44.65 14.77
CA ARG B 818 2.96 -45.94 14.11
C ARG B 818 4.00 -45.99 13.00
N GLY B 819 3.83 -46.92 12.07
CA GLY B 819 4.75 -47.08 10.96
C GLY B 819 5.53 -48.37 11.04
N GLY B 820 4.86 -49.43 11.49
CA GLY B 820 5.54 -50.67 11.77
C GLY B 820 5.99 -50.72 13.22
N VAL B 821 7.23 -50.35 13.47
CA VAL B 821 7.79 -50.32 14.82
C VAL B 821 7.56 -48.93 15.40
N TYR B 822 6.98 -48.89 16.60
CA TYR B 822 6.74 -47.63 17.28
C TYR B 822 8.06 -46.95 17.65
N ALA B 823 8.04 -45.62 17.63
CA ALA B 823 9.21 -44.82 17.95
C ALA B 823 9.16 -44.15 19.32
N LYS B 824 7.96 -43.81 19.80
CA LYS B 824 7.72 -43.14 21.08
C LYS B 824 8.23 -41.70 21.03
N PHE B 825 8.92 -41.33 19.94
CA PHE B 825 9.24 -39.95 19.65
C PHE B 825 8.58 -39.48 18.36
N ALA B 826 8.85 -40.16 17.25
CA ALA B 826 8.33 -39.84 15.92
C ALA B 826 8.41 -38.32 15.66
N PRO B 827 9.60 -37.73 15.71
CA PRO B 827 9.70 -36.28 15.66
C PRO B 827 9.39 -35.75 14.27
N PRO B 828 8.37 -34.89 14.15
CA PRO B 828 8.09 -34.22 12.88
C PRO B 828 8.80 -32.90 12.67
N VAL B 829 9.81 -32.58 13.50
CA VAL B 829 10.43 -31.25 13.46
C VAL B 829 11.45 -31.15 12.33
N GLN B 830 12.20 -32.21 12.07
CA GLN B 830 13.21 -32.17 11.03
C GLN B 830 12.53 -32.25 9.66
N GLU B 831 12.91 -31.33 8.77
CA GLU B 831 12.36 -31.30 7.41
C GLU B 831 13.08 -32.37 6.58
N SER B 832 12.81 -33.62 6.92
CA SER B 832 13.42 -34.76 6.27
C SER B 832 12.72 -35.12 4.95
N PHE B 833 11.94 -34.21 4.40
CA PHE B 833 11.32 -34.44 3.10
C PHE B 833 12.38 -34.77 2.05
N PHE B 834 13.31 -33.84 1.82
CA PHE B 834 14.41 -34.09 0.92
C PHE B 834 15.73 -33.75 1.59
N PRO B 835 16.79 -34.48 1.26
CA PRO B 835 18.12 -34.06 1.71
C PRO B 835 18.46 -32.70 1.17
N PRO B 836 19.27 -31.92 1.89
CA PRO B 836 19.52 -30.53 1.48
C PRO B 836 20.37 -30.41 0.23
N GLY B 837 19.78 -30.76 -0.92
CA GLY B 837 20.50 -30.68 -2.17
C GLY B 837 19.95 -29.59 -3.09
N GLY B 838 18.81 -29.02 -2.72
CA GLY B 838 18.22 -27.96 -3.52
C GLY B 838 17.81 -28.46 -4.89
N ASN B 839 17.49 -27.49 -5.75
CA ASN B 839 17.14 -27.70 -7.16
C ASN B 839 16.29 -28.96 -7.34
N ARG B 840 15.14 -28.95 -6.67
CA ARG B 840 14.14 -30.00 -6.83
C ARG B 840 12.84 -29.33 -7.27
N ALA B 841 12.46 -29.57 -8.52
CA ALA B 841 11.23 -28.99 -9.05
C ALA B 841 10.03 -29.81 -8.60
N LEU B 842 8.84 -29.39 -9.00
CA LEU B 842 7.62 -30.05 -8.54
C LEU B 842 6.54 -29.78 -9.58
N ILE B 843 6.24 -30.78 -10.40
CA ILE B 843 5.25 -30.67 -11.47
C ILE B 843 4.05 -31.53 -11.09
N ILE B 844 2.90 -30.90 -10.93
CA ILE B 844 1.71 -31.54 -10.39
C ILE B 844 0.55 -31.30 -11.34
N THR B 845 -0.21 -32.35 -11.63
CA THR B 845 -1.43 -32.23 -12.42
C THR B 845 -2.62 -32.01 -11.50
N GLY B 846 -3.69 -31.47 -12.07
CA GLY B 846 -4.87 -31.15 -11.27
C GLY B 846 -5.46 -32.36 -10.56
N SER B 847 -5.49 -33.50 -11.23
CA SER B 847 -6.04 -34.71 -10.62
C SER B 847 -5.21 -35.15 -9.42
N TRP B 848 -3.88 -35.17 -9.57
CA TRP B 848 -3.05 -35.48 -8.42
C TRP B 848 -3.09 -34.38 -7.39
N LEU B 849 -3.35 -33.14 -7.81
CA LEU B 849 -3.55 -32.07 -6.84
C LEU B 849 -4.76 -32.36 -5.96
N ASN B 850 -5.84 -32.86 -6.56
CA ASN B 850 -6.99 -33.30 -5.78
C ASN B 850 -6.64 -34.48 -4.88
N GLU B 851 -5.92 -35.46 -5.43
CA GLU B 851 -5.62 -36.67 -4.67
C GLU B 851 -4.77 -36.36 -3.44
N ILE B 852 -3.70 -35.58 -3.61
CA ILE B 852 -2.81 -35.26 -2.50
C ILE B 852 -3.56 -34.48 -1.42
N LEU B 853 -4.33 -33.49 -1.83
CA LEU B 853 -5.03 -32.63 -0.88
C LEU B 853 -6.24 -33.29 -0.26
N LEU B 854 -6.47 -34.58 -0.54
CA LEU B 854 -7.52 -35.35 0.12
C LEU B 854 -8.89 -34.70 -0.10
N GLU B 855 -9.29 -34.64 -1.36
CA GLU B 855 -10.52 -33.95 -1.71
C GLU B 855 -11.06 -34.56 -3.00
N LYS B 856 -12.06 -35.42 -2.86
CA LYS B 856 -12.77 -36.00 -3.97
C LYS B 856 -14.26 -35.99 -3.66
N LYS B 857 -15.07 -35.92 -4.70
CA LYS B 857 -16.51 -36.03 -4.51
C LYS B 857 -16.86 -37.45 -4.10
N THR B 858 -17.87 -37.58 -3.26
CA THR B 858 -18.35 -38.88 -2.83
C THR B 858 -19.62 -39.23 -3.59
N LYS B 859 -19.68 -40.46 -4.10
CA LYS B 859 -20.87 -40.91 -4.81
C LYS B 859 -22.03 -41.07 -3.84
N ARG B 860 -23.24 -41.10 -4.42
CA ARG B 860 -24.44 -41.19 -3.60
C ARG B 860 -24.49 -42.48 -2.79
N ASN B 861 -23.83 -43.54 -3.25
CA ASN B 861 -23.84 -44.82 -2.56
C ASN B 861 -22.69 -44.98 -1.56
N LYS B 862 -22.54 -43.98 -0.69
CA LYS B 862 -21.59 -44.04 0.41
C LYS B 862 -22.13 -43.51 1.73
N ILE B 863 -23.13 -42.64 1.71
CA ILE B 863 -23.73 -42.11 2.92
C ILE B 863 -25.05 -42.82 3.16
N LEU B 864 -25.51 -42.79 4.41
CA LEU B 864 -26.71 -43.55 4.77
C LEU B 864 -27.98 -42.77 4.43
N LYS B 865 -28.22 -41.67 5.13
CA LYS B 865 -29.48 -40.92 5.04
C LYS B 865 -29.22 -39.48 5.49
N LEU B 866 -30.29 -38.74 5.76
CA LEU B 866 -30.22 -37.36 6.23
C LEU B 866 -29.92 -37.33 7.72
N LYS B 867 -30.05 -36.15 8.33
CA LYS B 867 -29.81 -36.00 9.76
C LYS B 867 -31.13 -36.10 10.51
N PHE B 868 -31.23 -37.11 11.37
CA PHE B 868 -32.41 -37.39 12.19
C PHE B 868 -32.10 -38.52 13.15
N PRO B 869 -32.85 -38.67 14.24
CA PRO B 869 -32.50 -39.65 15.28
C PRO B 869 -32.80 -41.10 14.93
N ARG B 870 -33.09 -41.43 13.68
CA ARG B 870 -33.30 -42.83 13.32
C ARG B 870 -32.00 -43.53 12.91
N THR B 871 -31.27 -42.96 11.95
CA THR B 871 -29.98 -43.51 11.56
C THR B 871 -28.91 -43.22 12.61
N GLU B 872 -28.87 -41.99 13.12
CA GLU B 872 -27.92 -41.59 14.15
C GLU B 872 -28.66 -41.51 15.49
N GLU B 873 -28.16 -42.23 16.48
CA GLU B 873 -28.88 -42.41 17.72
C GLU B 873 -28.58 -41.29 18.71
N GLU B 874 -29.02 -41.49 19.96
CA GLU B 874 -29.00 -40.46 21.00
C GLU B 874 -27.63 -40.25 21.61
N ARG B 875 -26.68 -41.16 21.39
CA ARG B 875 -25.39 -41.11 22.08
C ARG B 875 -24.51 -40.01 21.47
N ARG B 876 -24.99 -38.77 21.64
CA ARG B 876 -24.27 -37.56 21.21
C ARG B 876 -23.97 -37.60 19.71
N MET B 877 -24.88 -38.16 18.92
CA MET B 877 -24.82 -38.13 17.46
C MET B 877 -23.46 -38.66 16.97
N ARG B 878 -23.25 -39.95 17.22
CA ARG B 878 -21.94 -40.57 17.15
C ARG B 878 -21.41 -40.79 15.74
N THR B 879 -22.25 -40.79 14.70
CA THR B 879 -21.75 -41.12 13.37
C THR B 879 -21.82 -39.95 12.39
N GLN B 880 -23.01 -39.40 12.14
CA GLN B 880 -23.13 -38.44 11.04
C GLN B 880 -22.74 -37.03 11.47
N SER B 881 -23.02 -36.66 12.72
CA SER B 881 -22.59 -35.37 13.23
C SER B 881 -21.13 -35.38 13.68
N LYS B 882 -20.50 -36.56 13.75
CA LYS B 882 -19.09 -36.66 14.09
C LYS B 882 -18.30 -36.90 12.81
N ARG B 883 -18.00 -35.81 12.11
CA ARG B 883 -17.26 -35.89 10.86
C ARG B 883 -15.76 -35.96 11.12
N ARG B 884 -15.23 -34.95 11.81
CA ARG B 884 -13.80 -34.76 12.09
C ARG B 884 -12.92 -35.08 10.89
N LEU B 885 -13.41 -34.77 9.68
CA LEU B 885 -12.53 -34.83 8.52
C LEU B 885 -11.47 -33.75 8.56
N GLU B 886 -11.67 -32.70 9.36
CA GLU B 886 -10.64 -31.69 9.52
C GLU B 886 -9.42 -32.22 10.24
N ALA B 887 -9.58 -33.26 11.05
CA ALA B 887 -8.40 -33.94 11.58
C ALA B 887 -7.65 -34.67 10.47
N LYS B 888 -8.39 -35.42 9.65
CA LYS B 888 -7.76 -36.12 8.53
C LYS B 888 -7.24 -35.12 7.50
N LYS B 889 -7.99 -34.04 7.26
CA LYS B 889 -7.48 -32.91 6.51
C LYS B 889 -6.61 -32.06 7.45
N GLU B 890 -6.21 -30.87 6.98
CA GLU B 890 -5.55 -29.86 7.79
C GLU B 890 -4.18 -30.36 8.22
N GLN B 891 -3.88 -31.62 7.93
CA GLN B 891 -2.55 -32.19 8.07
C GLN B 891 -1.91 -32.48 6.73
N ARG B 892 -2.68 -33.05 5.79
CA ARG B 892 -2.21 -33.14 4.42
C ARG B 892 -1.99 -31.75 3.84
N GLN B 893 -2.89 -30.81 4.12
CA GLN B 893 -2.76 -29.47 3.57
C GLN B 893 -1.50 -28.78 4.10
N LYS B 894 -1.32 -28.78 5.42
CA LYS B 894 -0.15 -28.14 6.00
C LYS B 894 1.12 -28.86 5.58
N ASN B 895 1.10 -30.19 5.53
CA ASN B 895 2.27 -30.94 5.11
C ASN B 895 2.64 -30.63 3.67
N PHE B 896 1.65 -30.52 2.78
CA PHE B 896 1.93 -30.18 1.40
C PHE B 896 2.47 -28.77 1.27
N VAL B 897 1.90 -27.82 2.01
CA VAL B 897 2.39 -26.45 1.94
C VAL B 897 3.82 -26.36 2.45
N ASP B 898 4.16 -27.14 3.48
CA ASP B 898 5.53 -27.17 3.96
C ASP B 898 6.45 -27.95 3.03
N LEU B 899 5.91 -28.88 2.26
CA LEU B 899 6.71 -29.56 1.25
C LEU B 899 7.06 -28.63 0.10
N ALA B 900 6.10 -27.83 -0.34
CA ALA B 900 6.35 -26.87 -1.41
C ALA B 900 7.21 -25.70 -0.95
N CYS B 901 7.45 -25.56 0.35
CA CYS B 901 8.32 -24.50 0.85
C CYS B 901 9.77 -24.71 0.47
N GLU B 902 10.19 -25.96 0.24
CA GLU B 902 11.59 -26.26 -0.03
C GLU B 902 11.76 -26.88 -1.41
N CYS B 903 11.10 -26.30 -2.41
CA CYS B 903 11.29 -26.68 -3.80
C CYS B 903 11.61 -25.42 -4.60
N SER B 904 12.51 -25.56 -5.57
CA SER B 904 13.00 -24.38 -6.28
C SER B 904 11.96 -23.81 -7.22
N ALA B 905 11.00 -24.63 -7.66
CA ALA B 905 9.98 -24.19 -8.59
C ALA B 905 8.85 -25.20 -8.60
N VAL B 906 7.61 -24.69 -8.57
CA VAL B 906 6.42 -25.54 -8.55
C VAL B 906 5.56 -25.16 -9.73
N ILE B 907 5.14 -26.16 -10.50
CA ILE B 907 4.32 -25.95 -11.70
C ILE B 907 3.10 -26.85 -11.60
N CYS B 908 1.92 -26.24 -11.58
CA CYS B 908 0.65 -26.97 -11.56
C CYS B 908 -0.01 -26.80 -12.92
N CYS B 909 -0.36 -27.92 -13.54
CA CYS B 909 -0.92 -27.92 -14.88
C CYS B 909 -2.26 -28.64 -14.91
N ARG B 910 -3.12 -28.21 -15.83
CA ARG B 910 -4.49 -28.73 -15.94
C ARG B 910 -5.27 -28.52 -14.64
N VAL B 911 -5.47 -27.26 -14.28
CA VAL B 911 -6.15 -26.90 -13.05
C VAL B 911 -7.41 -26.09 -13.37
N THR B 912 -8.48 -26.38 -12.62
CA THR B 912 -9.71 -25.62 -12.70
C THR B 912 -9.44 -24.18 -12.22
N PRO B 913 -10.20 -23.20 -12.74
CA PRO B 913 -10.02 -21.82 -12.23
C PRO B 913 -10.18 -21.70 -10.74
N LYS B 914 -11.00 -22.55 -10.11
CA LYS B 914 -11.16 -22.51 -8.67
C LYS B 914 -9.94 -23.05 -7.93
N GLN B 915 -9.25 -24.05 -8.51
CA GLN B 915 -8.13 -24.66 -7.82
C GLN B 915 -6.93 -23.72 -7.74
N LYS B 916 -6.79 -22.79 -8.68
CA LYS B 916 -5.72 -21.81 -8.58
C LYS B 916 -5.92 -20.92 -7.36
N ALA B 917 -7.14 -20.40 -7.18
CA ALA B 917 -7.44 -19.64 -5.98
C ALA B 917 -7.29 -20.50 -4.73
N MET B 918 -7.61 -21.79 -4.84
CA MET B 918 -7.43 -22.69 -3.70
C MET B 918 -5.97 -22.76 -3.28
N VAL B 919 -5.07 -22.90 -4.25
CA VAL B 919 -3.65 -22.97 -3.94
C VAL B 919 -3.17 -21.65 -3.34
N VAL B 920 -3.62 -20.53 -3.91
CA VAL B 920 -3.21 -19.23 -3.37
C VAL B 920 -3.66 -19.07 -1.93
N ASP B 921 -4.90 -19.43 -1.65
CA ASP B 921 -5.43 -19.32 -0.29
C ASP B 921 -4.72 -20.26 0.67
N LEU B 922 -4.34 -21.46 0.20
CA LEU B 922 -3.58 -22.36 1.05
C LEU B 922 -2.24 -21.74 1.42
N VAL B 923 -1.53 -21.18 0.44
CA VAL B 923 -0.22 -20.59 0.74
C VAL B 923 -0.36 -19.38 1.64
N LYS B 924 -1.48 -18.66 1.56
CA LYS B 924 -1.65 -17.50 2.42
C LYS B 924 -2.32 -17.81 3.77
N ARG B 925 -2.78 -19.04 3.97
CA ARG B 925 -3.36 -19.40 5.26
C ARG B 925 -2.30 -19.92 6.23
N TYR B 926 -1.52 -20.90 5.81
CA TYR B 926 -0.31 -21.29 6.53
C TYR B 926 0.85 -20.43 6.05
N LYS B 927 1.91 -20.40 6.85
CA LYS B 927 3.11 -19.60 6.57
C LYS B 927 2.74 -18.22 6.03
N LYS B 928 2.04 -17.45 6.87
CA LYS B 928 1.40 -16.22 6.46
C LYS B 928 2.31 -15.32 5.65
N ALA B 929 1.93 -15.07 4.40
CA ALA B 929 2.77 -14.38 3.44
C ALA B 929 1.92 -13.51 2.54
N ILE B 930 2.59 -12.54 1.90
CA ILE B 930 1.94 -11.62 0.96
C ILE B 930 2.11 -12.18 -0.44
N THR B 931 1.03 -12.24 -1.20
CA THR B 931 1.00 -12.92 -2.48
C THR B 931 0.58 -11.98 -3.60
N LEU B 932 1.19 -12.17 -4.76
CA LEU B 932 0.85 -11.46 -5.99
C LEU B 932 0.44 -12.47 -7.05
N ALA B 933 -0.61 -12.16 -7.80
CA ALA B 933 -1.08 -13.03 -8.86
C ALA B 933 -1.22 -12.24 -10.15
N ILE B 934 -0.64 -12.75 -11.22
CA ILE B 934 -0.60 -12.05 -12.49
C ILE B 934 -1.08 -13.00 -13.59
N GLY B 935 -1.84 -12.48 -14.53
CA GLY B 935 -2.28 -13.29 -15.65
C GLY B 935 -3.44 -12.64 -16.37
N ASP B 936 -3.58 -13.02 -17.64
CA ASP B 936 -4.66 -12.54 -18.48
C ASP B 936 -5.69 -13.65 -18.69
N GLY B 937 -6.80 -13.28 -19.33
CA GLY B 937 -7.85 -14.22 -19.63
C GLY B 937 -8.82 -14.40 -18.48
N ALA B 938 -9.95 -15.04 -18.80
CA ALA B 938 -11.05 -15.15 -17.87
C ALA B 938 -10.91 -16.33 -16.90
N ASN B 939 -9.84 -17.11 -17.01
CA ASN B 939 -9.60 -18.21 -16.08
C ASN B 939 -8.63 -17.82 -14.97
N ASP B 940 -8.28 -16.54 -14.86
CA ASP B 940 -7.43 -16.04 -13.79
C ASP B 940 -8.12 -14.99 -12.93
N VAL B 941 -9.41 -14.73 -13.17
CA VAL B 941 -10.10 -13.72 -12.39
C VAL B 941 -10.20 -14.13 -10.94
N ASN B 942 -10.53 -15.40 -10.68
CA ASN B 942 -10.64 -15.87 -9.31
C ASN B 942 -9.32 -15.72 -8.57
N MET B 943 -8.23 -16.18 -9.18
CA MET B 943 -6.92 -16.10 -8.55
C MET B 943 -6.47 -14.66 -8.37
N ILE B 944 -6.80 -13.78 -9.32
CA ILE B 944 -6.44 -12.38 -9.19
C ILE B 944 -7.20 -11.72 -8.05
N LYS B 945 -8.48 -12.07 -7.90
CA LYS B 945 -9.27 -11.51 -6.80
C LYS B 945 -8.82 -12.01 -5.44
N THR B 946 -8.40 -13.28 -5.36
CA THR B 946 -8.14 -13.89 -4.06
C THR B 946 -6.77 -13.51 -3.49
N ALA B 947 -5.78 -13.24 -4.34
CA ALA B 947 -4.44 -12.94 -3.84
C ALA B 947 -4.41 -11.57 -3.16
N HIS B 948 -3.27 -11.27 -2.55
CA HIS B 948 -3.12 -9.97 -1.90
C HIS B 948 -3.05 -8.85 -2.93
N ILE B 949 -2.38 -9.08 -4.06
CA ILE B 949 -2.32 -8.12 -5.15
C ILE B 949 -2.62 -8.84 -6.45
N GLY B 950 -3.45 -8.24 -7.29
CA GLY B 950 -3.78 -8.83 -8.56
C GLY B 950 -3.44 -7.95 -9.75
N VAL B 951 -2.48 -8.40 -10.56
CA VAL B 951 -2.01 -7.66 -11.73
C VAL B 951 -2.58 -8.33 -12.97
N GLY B 952 -3.10 -7.52 -13.88
CA GLY B 952 -3.68 -8.02 -15.12
C GLY B 952 -2.86 -7.60 -16.32
N ILE B 953 -2.70 -8.51 -17.27
CA ILE B 953 -1.96 -8.23 -18.49
C ILE B 953 -2.93 -7.71 -19.54
N SER B 954 -2.61 -6.54 -20.09
CA SER B 954 -3.50 -5.85 -21.02
C SER B 954 -2.80 -5.67 -22.36
N GLY B 955 -3.44 -4.93 -23.25
CA GLY B 955 -2.94 -4.70 -24.58
C GLY B 955 -3.46 -5.66 -25.63
N GLN B 956 -4.01 -6.79 -25.22
CA GLN B 956 -4.64 -7.74 -26.14
C GLN B 956 -6.10 -7.35 -26.33
N GLU B 957 -6.89 -8.22 -26.94
CA GLU B 957 -8.28 -7.90 -27.25
C GLU B 957 -9.22 -8.31 -26.12
N GLY B 958 -9.07 -9.53 -25.60
CA GLY B 958 -9.85 -9.95 -24.45
C GLY B 958 -9.31 -9.35 -23.16
N MET B 959 -10.16 -8.63 -22.44
CA MET B 959 -9.75 -7.86 -21.27
C MET B 959 -10.51 -8.28 -20.02
N GLN B 960 -10.74 -9.58 -19.86
CA GLN B 960 -11.54 -10.05 -18.73
C GLN B 960 -10.75 -10.04 -17.43
N ALA B 961 -9.43 -10.21 -17.49
CA ALA B 961 -8.59 -10.18 -16.29
C ALA B 961 -8.08 -8.78 -15.97
N VAL B 962 -8.35 -7.80 -16.81
CA VAL B 962 -7.89 -6.44 -16.56
C VAL B 962 -8.89 -5.64 -15.73
N MET B 963 -10.17 -5.96 -15.81
CA MET B 963 -11.19 -5.19 -15.12
C MET B 963 -11.36 -5.57 -13.66
N SER B 964 -10.76 -6.68 -13.22
CA SER B 964 -10.82 -7.08 -11.82
C SER B 964 -9.47 -6.98 -11.13
N SER B 965 -8.48 -6.41 -11.79
CA SER B 965 -7.13 -6.37 -11.28
C SER B 965 -6.92 -5.13 -10.40
N ASP B 966 -5.67 -4.85 -10.07
CA ASP B 966 -5.27 -3.65 -9.36
C ASP B 966 -4.31 -2.79 -10.19
N TYR B 967 -3.43 -3.43 -10.95
CA TYR B 967 -2.52 -2.75 -11.86
C TYR B 967 -2.54 -3.50 -13.17
N SER B 968 -2.20 -2.80 -14.26
CA SER B 968 -2.31 -3.44 -15.57
C SER B 968 -1.31 -2.79 -16.54
N PHE B 969 -0.19 -3.47 -16.75
CA PHE B 969 0.72 -3.15 -17.83
C PHE B 969 0.55 -4.17 -18.95
N ALA B 970 1.44 -4.12 -19.95
CA ALA B 970 1.27 -4.92 -21.16
C ALA B 970 2.34 -6.00 -21.37
N GLN B 971 3.41 -6.02 -20.58
CA GLN B 971 4.43 -7.05 -20.71
C GLN B 971 4.79 -7.59 -19.33
N PHE B 972 5.19 -8.87 -19.31
CA PHE B 972 5.59 -9.49 -18.05
C PHE B 972 6.84 -8.81 -17.48
N ARG B 973 7.78 -8.43 -18.35
CA ARG B 973 9.05 -7.90 -17.88
C ARG B 973 8.89 -6.61 -17.08
N TYR B 974 7.81 -5.87 -17.28
CA TYR B 974 7.61 -4.65 -16.50
C TYR B 974 7.46 -4.95 -15.01
N LEU B 975 7.23 -6.21 -14.66
CA LEU B 975 7.22 -6.62 -13.27
C LEU B 975 8.54 -6.30 -12.57
N GLN B 976 9.61 -6.05 -13.34
CA GLN B 976 10.87 -5.63 -12.76
C GLN B 976 10.75 -4.28 -12.07
N ARG B 977 10.03 -3.34 -12.69
CA ARG B 977 9.99 -1.99 -12.16
C ARG B 977 8.84 -1.76 -11.20
N LEU B 978 7.78 -2.56 -11.29
CA LEU B 978 6.68 -2.40 -10.35
C LEU B 978 7.08 -2.84 -8.95
N LEU B 979 8.08 -3.70 -8.83
CA LEU B 979 8.51 -4.22 -7.54
C LEU B 979 9.83 -3.63 -7.07
N LEU B 980 10.86 -3.69 -7.89
CA LEU B 980 12.19 -3.27 -7.45
C LEU B 980 12.40 -1.77 -7.50
N VAL B 981 11.46 -0.99 -8.03
CA VAL B 981 11.62 0.45 -8.06
C VAL B 981 10.46 1.13 -7.35
N HIS B 982 9.24 0.94 -7.84
CA HIS B 982 8.10 1.63 -7.26
C HIS B 982 7.73 1.06 -5.90
N GLY B 983 7.68 -0.26 -5.78
CA GLY B 983 7.20 -0.87 -4.55
C GLY B 983 8.08 -0.59 -3.36
N ARG B 984 9.39 -0.77 -3.52
CA ARG B 984 10.27 -0.59 -2.37
C ARG B 984 10.45 0.87 -2.02
N TRP B 985 10.48 1.75 -3.02
CA TRP B 985 10.47 3.19 -2.73
C TRP B 985 9.22 3.58 -1.97
N SER B 986 8.07 3.06 -2.37
CA SER B 986 6.82 3.41 -1.70
C SER B 986 6.82 2.93 -0.26
N TYR B 987 7.28 1.71 -0.03
CA TYR B 987 7.36 1.20 1.34
C TYR B 987 8.29 2.07 2.18
N ILE B 988 9.46 2.42 1.64
CA ILE B 988 10.42 3.22 2.39
C ILE B 988 9.82 4.58 2.74
N ARG B 989 9.19 5.24 1.78
CA ARG B 989 8.65 6.57 2.02
C ARG B 989 7.51 6.54 3.03
N MET B 990 6.62 5.55 2.94
CA MET B 990 5.54 5.47 3.91
C MET B 990 6.09 5.20 5.31
N CYS B 991 7.10 4.34 5.43
CA CYS B 991 7.67 4.09 6.75
C CYS B 991 8.35 5.32 7.33
N LYS B 992 9.05 6.10 6.49
CA LYS B 992 9.63 7.35 6.95
C LYS B 992 8.55 8.32 7.44
N PHE B 993 7.46 8.44 6.68
CA PHE B 993 6.37 9.33 7.09
C PHE B 993 5.78 8.90 8.41
N LEU B 994 5.53 7.60 8.59
CA LEU B 994 4.92 7.14 9.83
C LEU B 994 5.88 7.26 11.01
N ARG B 995 7.18 7.16 10.76
CA ARG B 995 8.13 7.35 11.86
C ARG B 995 8.21 8.80 12.28
N TYR B 996 8.16 9.74 11.33
CA TYR B 996 8.25 11.15 11.67
C TYR B 996 6.97 11.72 12.25
N PHE B 997 5.82 11.20 11.80
CA PHE B 997 4.54 11.78 12.24
C PHE B 997 4.33 11.59 13.73
N PHE B 998 4.54 10.37 14.22
CA PHE B 998 4.36 10.09 15.63
C PHE B 998 5.52 10.57 16.47
N TYR B 999 6.47 11.30 15.88
CA TYR B 999 7.49 12.02 16.63
C TYR B 999 7.18 13.50 16.73
N LYS B 1000 6.74 14.13 15.65
CA LYS B 1000 6.36 15.54 15.73
C LYS B 1000 5.16 15.76 16.63
N ASN B 1001 4.36 14.73 16.90
CA ASN B 1001 3.12 14.91 17.63
C ASN B 1001 3.28 14.79 19.14
N PHE B 1002 4.15 13.91 19.64
CA PHE B 1002 4.34 13.84 21.08
C PHE B 1002 5.22 14.97 21.58
N ALA B 1003 6.23 15.35 20.81
CA ALA B 1003 7.05 16.49 21.19
C ALA B 1003 6.19 17.73 21.38
N PHE B 1004 5.06 17.81 20.66
CA PHE B 1004 4.17 18.95 20.78
C PHE B 1004 3.26 18.81 21.99
N THR B 1005 2.50 17.71 22.05
CA THR B 1005 1.43 17.60 23.05
C THR B 1005 1.96 17.33 24.45
N LEU B 1006 3.07 16.62 24.59
CA LEU B 1006 3.47 16.10 25.88
C LEU B 1006 4.16 17.13 26.75
N VAL B 1007 4.04 18.42 26.40
CA VAL B 1007 4.61 19.49 27.21
C VAL B 1007 3.64 19.91 28.31
N HIS B 1008 2.34 19.89 28.03
CA HIS B 1008 1.35 20.20 29.06
C HIS B 1008 1.43 19.21 30.21
N PHE B 1009 1.75 17.95 29.92
CA PHE B 1009 1.89 16.96 30.98
C PHE B 1009 2.98 17.38 31.97
N TRP B 1010 4.17 17.72 31.45
CA TRP B 1010 5.25 18.13 32.34
C TRP B 1010 4.94 19.46 33.00
N TYR B 1011 4.19 20.34 32.33
CA TYR B 1011 3.80 21.60 32.94
C TYR B 1011 2.83 21.41 34.09
N SER B 1012 2.04 20.34 34.06
CA SER B 1012 1.00 20.12 35.06
C SER B 1012 1.53 20.08 36.48
N PHE B 1013 2.80 19.72 36.69
CA PHE B 1013 3.33 19.62 38.03
C PHE B 1013 3.61 20.98 38.66
N PHE B 1014 3.52 22.06 37.89
CA PHE B 1014 3.90 23.38 38.37
C PHE B 1014 2.73 24.36 38.43
N ASN B 1015 1.52 23.93 38.12
CA ASN B 1015 0.36 24.83 38.19
C ASN B 1015 -0.83 24.18 38.87
N GLY B 1016 -0.60 23.22 39.76
CA GLY B 1016 -1.68 22.63 40.51
C GLY B 1016 -2.57 21.68 39.75
N TYR B 1017 -2.06 21.07 38.67
CA TYR B 1017 -2.80 20.10 37.89
C TYR B 1017 -4.13 20.68 37.42
N SER B 1018 -4.09 21.89 36.87
CA SER B 1018 -5.28 22.64 36.52
C SER B 1018 -5.57 22.63 35.02
N ALA B 1019 -4.88 21.78 34.25
CA ALA B 1019 -5.11 21.63 32.81
C ALA B 1019 -4.83 22.93 32.06
N GLN B 1020 -3.82 23.66 32.51
CA GLN B 1020 -3.39 24.87 31.82
C GLN B 1020 -2.44 24.51 30.68
N THR B 1021 -2.61 25.16 29.53
CA THR B 1021 -1.78 24.88 28.37
C THR B 1021 -0.51 25.74 28.40
N ALA B 1022 0.54 25.23 27.77
CA ALA B 1022 1.83 25.89 27.73
C ALA B 1022 2.11 26.57 26.40
N TYR B 1023 1.10 26.73 25.55
CA TYR B 1023 1.23 27.41 24.27
C TYR B 1023 0.17 28.48 24.14
N GLU B 1024 0.33 29.32 23.14
CA GLU B 1024 -0.72 30.28 22.81
C GLU B 1024 -1.95 29.54 22.29
N ASP B 1025 -3.07 30.25 22.27
CA ASP B 1025 -4.30 29.66 21.78
C ASP B 1025 -4.30 29.51 20.26
N TRP B 1026 -3.67 30.43 19.54
CA TRP B 1026 -3.64 30.38 18.08
C TRP B 1026 -2.52 29.51 17.55
N PHE B 1027 -1.61 29.03 18.41
CA PHE B 1027 -0.56 28.13 17.99
C PHE B 1027 -0.98 26.68 18.02
N ILE B 1028 -1.97 26.33 18.83
CA ILE B 1028 -2.40 24.94 18.92
C ILE B 1028 -3.30 24.57 17.75
N THR B 1029 -4.00 25.53 17.15
CA THR B 1029 -4.88 25.26 16.02
C THR B 1029 -4.21 25.50 14.68
N LEU B 1030 -2.92 25.84 14.66
CA LEU B 1030 -2.20 26.07 13.41
C LEU B 1030 -0.89 25.30 13.35
N TYR B 1031 -0.60 24.46 14.35
CA TYR B 1031 0.69 23.78 14.38
C TYR B 1031 0.79 22.73 13.29
N ASN B 1032 -0.09 21.74 13.33
CA ASN B 1032 -0.06 20.65 12.37
C ASN B 1032 -0.96 20.90 11.17
N VAL B 1033 -1.22 22.17 10.85
CA VAL B 1033 -1.92 22.56 9.64
C VAL B 1033 -1.01 23.37 8.72
N LEU B 1034 -0.34 24.37 9.27
CA LEU B 1034 0.53 25.26 8.51
C LEU B 1034 2.01 25.04 8.81
N TYR B 1035 2.38 24.99 10.09
CA TYR B 1035 3.79 25.06 10.44
C TYR B 1035 4.54 23.78 10.09
N THR B 1036 3.97 22.62 10.40
CA THR B 1036 4.60 21.35 10.03
C THR B 1036 3.56 20.44 9.38
N SER B 1037 3.32 20.67 8.08
CA SER B 1037 2.55 19.71 7.29
C SER B 1037 3.09 19.49 5.89
N LEU B 1038 3.80 20.44 5.29
CA LEU B 1038 4.26 20.33 3.91
C LEU B 1038 5.57 19.55 3.78
N PRO B 1039 6.58 19.78 4.62
CA PRO B 1039 7.83 19.03 4.45
C PRO B 1039 7.64 17.53 4.48
N VAL B 1040 6.76 17.03 5.35
CA VAL B 1040 6.58 15.58 5.43
C VAL B 1040 5.92 15.04 4.17
N LEU B 1041 4.99 15.81 3.58
CA LEU B 1041 4.40 15.40 2.32
C LEU B 1041 5.43 15.36 1.21
N LEU B 1042 6.27 16.40 1.11
CA LEU B 1042 7.29 16.40 0.08
C LEU B 1042 8.30 15.28 0.27
N MET B 1043 8.63 14.94 1.51
CA MET B 1043 9.54 13.82 1.73
C MET B 1043 8.87 12.49 1.41
N GLY B 1044 7.58 12.35 1.72
CA GLY B 1044 6.89 11.13 1.42
C GLY B 1044 6.56 10.95 -0.04
N LEU B 1045 6.67 12.01 -0.84
CA LEU B 1045 6.50 11.91 -2.29
C LEU B 1045 7.82 11.77 -3.03
N LEU B 1046 8.77 12.69 -2.81
CA LEU B 1046 9.92 12.82 -3.67
C LEU B 1046 11.14 12.02 -3.22
N ASP B 1047 11.16 11.49 -2.01
CA ASP B 1047 12.37 10.85 -1.50
C ASP B 1047 12.70 9.59 -2.28
N GLN B 1048 13.99 9.27 -2.34
CA GLN B 1048 14.42 8.00 -2.90
C GLN B 1048 15.80 7.65 -2.36
N ASP B 1049 16.01 6.36 -2.10
CA ASP B 1049 17.23 5.90 -1.46
C ASP B 1049 18.40 5.91 -2.44
N VAL B 1050 18.29 5.14 -3.51
CA VAL B 1050 19.27 5.13 -4.60
C VAL B 1050 18.51 5.22 -5.91
N SER B 1051 19.19 5.71 -6.95
CA SER B 1051 18.52 5.91 -8.22
C SER B 1051 18.09 4.58 -8.82
N ASP B 1052 17.09 4.64 -9.69
CA ASP B 1052 16.56 3.42 -10.29
C ASP B 1052 17.47 2.85 -11.36
N LYS B 1053 18.42 3.62 -11.87
CA LYS B 1053 19.38 3.07 -12.83
C LYS B 1053 20.21 1.97 -12.20
N LEU B 1054 20.41 2.02 -10.89
CA LEU B 1054 21.12 0.97 -10.18
C LEU B 1054 20.29 0.39 -9.04
N SER B 1055 18.98 0.62 -9.04
CA SER B 1055 18.08 -0.11 -8.14
C SER B 1055 17.57 -1.40 -8.76
N LEU B 1056 17.76 -1.58 -10.07
CA LEU B 1056 17.53 -2.86 -10.72
C LEU B 1056 18.79 -3.69 -10.80
N ARG B 1057 19.95 -3.07 -10.62
CA ARG B 1057 21.21 -3.79 -10.60
C ARG B 1057 21.44 -4.53 -9.29
N PHE B 1058 20.77 -4.12 -8.22
CA PHE B 1058 20.94 -4.71 -6.89
C PHE B 1058 19.59 -5.09 -6.31
N PRO B 1059 18.97 -6.16 -6.80
CA PRO B 1059 17.65 -6.55 -6.28
C PRO B 1059 17.66 -6.94 -4.82
N GLY B 1060 18.82 -7.28 -4.24
CA GLY B 1060 18.86 -7.69 -2.85
C GLY B 1060 18.34 -6.64 -1.90
N LEU B 1061 18.37 -5.37 -2.31
CA LEU B 1061 17.88 -4.28 -1.47
C LEU B 1061 16.40 -4.44 -1.15
N TYR B 1062 15.70 -5.28 -1.91
CA TYR B 1062 14.29 -5.55 -1.64
C TYR B 1062 14.09 -6.22 -0.28
N ILE B 1063 15.08 -7.01 0.16
CA ILE B 1063 14.87 -7.91 1.30
C ILE B 1063 14.54 -7.15 2.57
N VAL B 1064 15.10 -5.95 2.75
CA VAL B 1064 14.92 -5.20 3.99
C VAL B 1064 13.49 -4.72 4.13
N GLY B 1065 12.68 -4.88 3.08
CA GLY B 1065 11.29 -4.53 3.19
C GLY B 1065 10.42 -5.76 3.34
N GLN B 1066 10.96 -6.89 2.90
CA GLN B 1066 10.21 -8.14 2.89
C GLN B 1066 10.04 -8.73 4.28
N ARG B 1067 10.93 -8.41 5.23
CA ARG B 1067 10.91 -8.98 6.57
C ARG B 1067 10.45 -8.00 7.63
N ASP B 1068 9.90 -6.84 7.25
CA ASP B 1068 9.41 -5.83 8.19
C ASP B 1068 10.53 -5.33 9.09
N LEU B 1069 11.60 -4.82 8.49
CA LEU B 1069 12.76 -4.36 9.24
C LEU B 1069 12.92 -2.85 9.25
N LEU B 1070 12.05 -2.12 8.57
CA LEU B 1070 12.11 -0.67 8.63
C LEU B 1070 11.07 -0.07 9.57
N PHE B 1071 9.92 -0.72 9.74
CA PHE B 1071 8.93 -0.23 10.69
C PHE B 1071 8.06 -1.41 11.13
N ASN B 1072 8.35 -1.94 12.31
CA ASN B 1072 7.50 -2.91 12.99
C ASN B 1072 7.06 -2.30 14.32
N TYR B 1073 6.43 -3.12 15.17
CA TYR B 1073 5.91 -2.61 16.43
C TYR B 1073 7.03 -2.15 17.36
N LYS B 1074 8.17 -2.83 17.32
CA LYS B 1074 9.27 -2.47 18.21
C LYS B 1074 9.87 -1.12 17.88
N ARG B 1075 9.72 -0.63 16.65
CA ARG B 1075 10.26 0.66 16.27
C ARG B 1075 9.32 1.81 16.61
N PHE B 1076 8.02 1.54 16.68
CA PHE B 1076 7.06 2.56 17.05
C PHE B 1076 7.29 3.02 18.49
N PHE B 1077 7.61 2.09 19.38
CA PHE B 1077 7.94 2.45 20.76
C PHE B 1077 9.29 3.12 20.90
N VAL B 1078 10.11 3.12 19.85
CA VAL B 1078 11.34 3.90 19.88
C VAL B 1078 11.09 5.32 19.38
N SER B 1079 10.22 5.45 18.37
CA SER B 1079 9.82 6.79 17.94
C SER B 1079 9.09 7.53 19.07
N LEU B 1080 8.26 6.80 19.82
CA LEU B 1080 7.57 7.46 20.94
C LEU B 1080 8.55 7.86 22.03
N LEU B 1081 9.59 7.05 22.27
CA LEU B 1081 10.60 7.41 23.26
C LEU B 1081 11.36 8.65 22.84
N HIS B 1082 11.73 8.74 21.56
CA HIS B 1082 12.30 9.97 21.03
C HIS B 1082 11.37 11.16 21.28
N GLY B 1083 10.08 10.98 21.05
CA GLY B 1083 9.15 12.07 21.27
C GLY B 1083 9.10 12.53 22.72
N VAL B 1084 9.03 11.57 23.65
CA VAL B 1084 8.93 11.95 25.06
C VAL B 1084 10.21 12.62 25.55
N LEU B 1085 11.37 12.14 25.08
CA LEU B 1085 12.61 12.79 25.47
C LEU B 1085 12.70 14.19 24.90
N THR B 1086 12.25 14.38 23.65
CA THR B 1086 12.26 15.72 23.07
C THR B 1086 11.36 16.66 23.85
N SER B 1087 10.17 16.20 24.25
CA SER B 1087 9.29 17.06 25.02
C SER B 1087 9.88 17.39 26.38
N MET B 1088 10.50 16.41 27.03
CA MET B 1088 11.12 16.64 28.33
C MET B 1088 12.21 17.71 28.23
N ILE B 1089 13.09 17.58 27.23
CA ILE B 1089 14.20 18.52 27.11
C ILE B 1089 13.75 19.85 26.54
N LEU B 1090 12.58 19.92 25.90
CA LEU B 1090 12.05 21.18 25.43
C LEU B 1090 11.33 21.93 26.54
N PHE B 1091 10.81 21.23 27.54
CA PHE B 1091 10.16 21.94 28.64
C PHE B 1091 11.12 22.29 29.77
N PHE B 1092 12.04 21.40 30.13
CA PHE B 1092 12.79 21.58 31.37
C PHE B 1092 14.01 22.49 31.23
N ILE B 1093 14.45 22.81 30.03
CA ILE B 1093 15.52 23.80 29.87
C ILE B 1093 14.94 25.21 30.01
N PRO B 1094 13.89 25.58 29.26
CA PRO B 1094 13.31 26.92 29.46
C PRO B 1094 12.82 27.15 30.88
N LEU B 1095 12.31 26.13 31.55
CA LEU B 1095 11.91 26.31 32.95
C LEU B 1095 13.11 26.65 33.82
N GLY B 1096 14.23 25.95 33.62
CA GLY B 1096 15.43 26.27 34.37
C GLY B 1096 15.92 27.68 34.10
N ALA B 1097 15.83 28.12 32.85
CA ALA B 1097 16.25 29.48 32.55
C ALA B 1097 15.27 30.52 33.08
N TYR B 1098 14.00 30.16 33.20
CA TYR B 1098 12.94 31.07 33.61
C TYR B 1098 12.63 31.01 35.09
N LEU B 1099 13.37 30.21 35.86
CA LEU B 1099 13.15 30.15 37.30
C LEU B 1099 13.23 31.55 37.92
N GLN B 1100 14.18 32.36 37.47
CA GLN B 1100 14.38 33.68 38.04
C GLN B 1100 14.33 34.71 36.91
N THR B 1101 14.57 35.97 37.28
CA THR B 1101 14.24 37.11 36.43
C THR B 1101 14.85 36.99 35.04
N VAL B 1102 14.16 37.57 34.06
CA VAL B 1102 14.65 37.62 32.68
C VAL B 1102 14.57 39.00 32.06
N GLY B 1103 14.10 40.00 32.79
CA GLY B 1103 13.92 41.32 32.20
C GLY B 1103 15.26 41.97 31.90
N GLN B 1104 15.29 42.81 30.86
CA GLN B 1104 16.50 43.55 30.50
C GLN B 1104 16.46 45.00 30.98
N ASP B 1105 15.50 45.78 30.50
CA ASP B 1105 15.28 47.13 31.02
C ASP B 1105 13.81 47.48 31.24
N GLY B 1106 12.87 46.69 30.74
CA GLY B 1106 11.47 46.87 31.10
C GLY B 1106 11.11 46.03 32.31
N GLU B 1107 11.93 45.02 32.59
CA GLU B 1107 11.78 44.13 33.73
C GLU B 1107 10.32 43.67 33.90
N ALA B 1108 9.88 42.91 32.93
CA ALA B 1108 8.73 42.07 33.19
C ALA B 1108 9.27 40.70 33.57
N PRO B 1109 9.49 40.44 34.85
CA PRO B 1109 10.14 39.19 35.25
C PRO B 1109 9.28 38.00 34.86
N SER B 1110 9.87 36.81 34.97
CA SER B 1110 9.41 35.62 34.27
C SER B 1110 7.90 35.53 34.25
N ASP B 1111 7.35 35.52 33.05
CA ASP B 1111 5.91 35.67 32.87
C ASP B 1111 5.41 34.66 31.85
N TYR B 1112 4.12 34.36 31.94
CA TYR B 1112 3.55 33.26 31.18
C TYR B 1112 3.66 33.50 29.68
N GLN B 1113 3.43 34.74 29.24
CA GLN B 1113 3.42 35.05 27.81
C GLN B 1113 4.76 34.76 27.16
N SER B 1114 5.84 35.34 27.72
CA SER B 1114 7.16 35.14 27.16
C SER B 1114 7.58 33.68 27.26
N PHE B 1115 7.22 33.02 28.35
CA PHE B 1115 7.52 31.61 28.52
C PHE B 1115 6.87 30.78 27.42
N ALA B 1116 5.61 31.04 27.11
CA ALA B 1116 4.92 30.30 26.06
C ALA B 1116 5.54 30.57 24.69
N VAL B 1117 5.88 31.83 24.41
CA VAL B 1117 6.52 32.14 23.14
C VAL B 1117 7.85 31.42 23.01
N THR B 1118 8.65 31.41 24.09
CA THR B 1118 9.95 30.76 24.07
C THR B 1118 9.81 29.26 23.83
N ILE B 1119 8.86 28.63 24.52
CA ILE B 1119 8.69 27.18 24.35
C ILE B 1119 8.21 26.86 22.94
N ALA B 1120 7.27 27.64 22.42
CA ALA B 1120 6.74 27.35 21.09
C ALA B 1120 7.78 27.56 20.00
N SER B 1121 8.50 28.68 20.05
CA SER B 1121 9.44 29.00 18.98
C SER B 1121 10.67 28.11 18.97
N ALA B 1122 10.95 27.39 20.05
CA ALA B 1122 12.05 26.44 20.09
C ALA B 1122 11.62 25.03 19.73
N LEU B 1123 10.34 24.82 19.41
CA LEU B 1123 9.86 23.55 18.91
C LEU B 1123 9.70 23.56 17.39
N VAL B 1124 9.21 24.67 16.84
CA VAL B 1124 9.06 24.81 15.40
C VAL B 1124 10.39 24.83 14.67
N ILE B 1125 11.50 24.96 15.39
CA ILE B 1125 12.82 24.91 14.79
C ILE B 1125 13.42 23.51 14.86
N THR B 1126 13.29 22.83 16.00
CA THR B 1126 13.84 21.49 16.10
C THR B 1126 13.04 20.50 15.28
N VAL B 1127 11.71 20.67 15.23
CA VAL B 1127 10.90 19.71 14.50
C VAL B 1127 11.08 19.88 12.99
N ASN B 1128 11.63 21.00 12.55
CA ASN B 1128 11.90 21.22 11.13
C ASN B 1128 13.36 21.03 10.76
N PHE B 1129 14.28 21.10 11.72
CA PHE B 1129 15.64 20.67 11.44
C PHE B 1129 15.76 19.16 11.43
N GLN B 1130 14.92 18.48 12.21
CA GLN B 1130 14.93 17.02 12.22
C GLN B 1130 14.51 16.45 10.87
N ILE B 1131 13.52 17.06 10.23
CA ILE B 1131 13.09 16.61 8.90
C ILE B 1131 14.16 16.85 7.85
N GLY B 1132 15.14 17.71 8.14
CA GLY B 1132 16.29 17.82 7.26
C GLY B 1132 17.32 16.73 7.45
N LEU B 1133 17.33 16.09 8.63
CA LEU B 1133 18.19 14.94 8.87
C LEU B 1133 17.56 13.64 8.40
N ASP B 1134 16.35 13.68 7.87
CA ASP B 1134 15.66 12.50 7.35
C ASP B 1134 15.68 12.43 5.83
N THR B 1135 15.41 13.56 5.16
CA THR B 1135 15.43 13.57 3.70
C THR B 1135 16.82 13.24 3.19
N SER B 1136 16.89 12.34 2.22
CA SER B 1136 18.15 11.98 1.57
C SER B 1136 18.14 12.35 0.10
N TYR B 1137 17.12 13.08 -0.36
CA TYR B 1137 17.01 13.53 -1.75
C TYR B 1137 16.54 14.98 -1.69
N TRP B 1138 17.50 15.90 -1.61
CA TRP B 1138 17.20 17.32 -1.40
C TRP B 1138 16.93 18.00 -2.71
N THR B 1139 15.68 17.98 -3.15
CA THR B 1139 15.27 18.80 -4.27
C THR B 1139 15.21 20.27 -3.82
N PHE B 1140 14.98 21.16 -4.78
CA PHE B 1140 14.81 22.57 -4.43
C PHE B 1140 13.57 22.79 -3.59
N VAL B 1141 12.47 22.12 -3.94
CA VAL B 1141 11.21 22.35 -3.27
C VAL B 1141 11.26 21.89 -1.82
N ASN B 1142 12.12 20.92 -1.50
CA ASN B 1142 12.22 20.45 -0.11
C ASN B 1142 12.79 21.54 0.79
N ALA B 1143 13.93 22.11 0.40
CA ALA B 1143 14.52 23.19 1.19
C ALA B 1143 13.59 24.39 1.24
N PHE B 1144 12.97 24.71 0.10
CA PHE B 1144 12.02 25.81 0.09
C PHE B 1144 10.90 25.56 1.09
N SER B 1145 10.40 24.32 1.16
CA SER B 1145 9.32 24.01 2.08
C SER B 1145 9.75 24.14 3.53
N ILE B 1146 10.94 23.64 3.87
CA ILE B 1146 11.38 23.71 5.26
C ILE B 1146 11.52 25.16 5.71
N PHE B 1147 12.25 25.96 4.94
CA PHE B 1147 12.46 27.33 5.38
C PHE B 1147 11.19 28.16 5.24
N GLY B 1148 10.29 27.79 4.33
CA GLY B 1148 9.00 28.42 4.28
C GLY B 1148 8.19 28.14 5.54
N SER B 1149 8.27 26.93 6.06
CA SER B 1149 7.58 26.61 7.31
C SER B 1149 8.09 27.48 8.45
N ILE B 1150 9.42 27.54 8.61
CA ILE B 1150 9.97 28.34 9.71
C ILE B 1150 9.59 29.82 9.54
N ALA B 1151 9.78 30.36 8.34
CA ALA B 1151 9.49 31.77 8.11
C ALA B 1151 8.00 32.06 8.25
N LEU B 1152 7.14 31.13 7.84
CA LEU B 1152 5.71 31.32 8.00
C LEU B 1152 5.34 31.42 9.47
N TYR B 1153 5.88 30.52 10.30
CA TYR B 1153 5.60 30.60 11.72
C TYR B 1153 6.01 31.95 12.28
N PHE B 1154 7.26 32.36 12.03
CA PHE B 1154 7.74 33.60 12.63
C PHE B 1154 6.97 34.81 12.11
N GLY B 1155 6.75 34.88 10.80
CA GLY B 1155 6.08 36.01 10.20
C GLY B 1155 4.59 36.08 10.41
N ILE B 1156 3.97 35.01 10.88
CA ILE B 1156 2.55 35.10 11.21
C ILE B 1156 2.43 35.39 12.69
N MET B 1157 3.42 34.96 13.48
CA MET B 1157 3.43 35.32 14.89
C MET B 1157 3.65 36.81 15.08
N PHE B 1158 4.57 37.40 14.32
CA PHE B 1158 4.76 38.85 14.43
C PHE B 1158 3.58 39.64 13.88
N ASP B 1159 2.63 39.00 13.20
CA ASP B 1159 1.42 39.68 12.75
C ASP B 1159 0.27 39.55 13.73
N PHE B 1160 0.10 38.36 14.33
CA PHE B 1160 -0.94 38.21 15.34
C PHE B 1160 -0.64 39.07 16.57
N HIS B 1161 0.61 39.08 17.03
CA HIS B 1161 1.01 39.88 18.18
C HIS B 1161 1.44 41.25 17.67
N SER B 1162 0.46 42.08 17.38
CA SER B 1162 0.75 43.40 16.84
C SER B 1162 -0.33 44.38 17.27
N ALA B 1163 0.04 45.66 17.27
CA ALA B 1163 -0.92 46.70 17.59
C ALA B 1163 -1.91 46.94 16.45
N GLY B 1164 -1.62 46.43 15.26
CA GLY B 1164 -2.50 46.66 14.13
C GLY B 1164 -3.86 46.03 14.31
N ILE B 1165 -3.89 44.74 14.64
CA ILE B 1165 -5.16 44.01 14.72
C ILE B 1165 -5.67 43.90 16.14
N HIS B 1166 -5.03 44.56 17.11
CA HIS B 1166 -5.66 44.68 18.42
C HIS B 1166 -6.93 45.52 18.32
N VAL B 1167 -6.86 46.64 17.60
CA VAL B 1167 -8.08 47.33 17.23
C VAL B 1167 -8.85 46.46 16.24
N LEU B 1168 -10.16 46.68 16.18
CA LEU B 1168 -11.12 45.93 15.36
C LEU B 1168 -11.07 44.43 15.60
N PHE B 1169 -10.36 43.98 16.64
CA PHE B 1169 -10.40 42.59 17.10
C PHE B 1169 -9.88 42.50 18.52
N PRO B 1170 -10.53 43.14 19.50
CA PRO B 1170 -9.94 43.21 20.84
C PRO B 1170 -9.85 41.87 21.56
N SER B 1171 -10.97 41.19 21.76
CA SER B 1171 -11.00 39.98 22.59
C SER B 1171 -10.85 38.72 21.75
N ALA B 1172 -9.84 38.66 20.90
CA ALA B 1172 -9.61 37.47 20.11
C ALA B 1172 -8.17 36.98 20.19
N PHE B 1173 -7.21 37.90 20.24
CA PHE B 1173 -5.79 37.57 20.26
C PHE B 1173 -5.23 37.96 21.62
N GLN B 1174 -4.97 36.96 22.46
CA GLN B 1174 -4.54 37.24 23.83
C GLN B 1174 -3.16 37.87 23.87
N PHE B 1175 -2.21 37.32 23.11
CA PHE B 1175 -0.83 37.79 23.19
C PHE B 1175 -0.69 38.98 22.26
N THR B 1176 -0.71 40.18 22.81
CA THR B 1176 -0.53 41.40 22.05
C THR B 1176 0.77 42.08 22.47
N GLY B 1177 1.64 42.35 21.51
CA GLY B 1177 2.87 43.07 21.79
C GLY B 1177 3.92 42.29 22.55
N THR B 1178 3.74 40.99 22.73
CA THR B 1178 4.73 40.20 23.46
C THR B 1178 5.79 39.61 22.55
N ALA B 1179 5.45 39.27 21.31
CA ALA B 1179 6.45 38.69 20.40
C ALA B 1179 7.56 39.69 20.11
N SER B 1180 7.20 40.93 19.83
CA SER B 1180 8.17 41.97 19.54
C SER B 1180 8.73 42.61 20.80
N ASN B 1181 8.57 41.96 21.94
CA ASN B 1181 9.07 42.46 23.20
C ASN B 1181 9.83 41.42 24.02
N ALA B 1182 9.60 40.12 23.77
CA ALA B 1182 10.37 39.06 24.40
C ALA B 1182 11.53 38.62 23.54
N LEU B 1183 11.35 38.61 22.22
CA LEU B 1183 12.38 38.18 21.28
C LEU B 1183 13.41 39.25 20.99
N ARG B 1184 13.47 40.31 21.80
CA ARG B 1184 14.41 41.40 21.58
C ARG B 1184 15.54 41.40 22.60
N GLN B 1185 15.71 40.31 23.35
CA GLN B 1185 16.75 40.28 24.36
C GLN B 1185 17.61 39.02 24.21
N PRO B 1186 18.93 39.16 24.37
CA PRO B 1186 19.82 38.02 24.11
C PRO B 1186 19.55 36.82 24.98
N TYR B 1187 19.15 37.02 26.23
CA TYR B 1187 18.98 35.89 27.15
C TYR B 1187 17.94 34.91 26.64
N ILE B 1188 16.89 35.40 26.00
CA ILE B 1188 15.86 34.52 25.46
C ILE B 1188 16.40 33.72 24.28
N TRP B 1189 17.22 34.37 23.44
CA TRP B 1189 17.77 33.66 22.29
C TRP B 1189 18.82 32.65 22.71
N LEU B 1190 19.54 32.91 23.79
CA LEU B 1190 20.50 31.94 24.30
C LEU B 1190 19.82 30.72 24.92
N THR B 1191 18.52 30.79 25.15
CA THR B 1191 17.76 29.65 25.67
C THR B 1191 17.23 28.76 24.55
N ILE B 1192 16.79 29.36 23.45
CA ILE B 1192 16.31 28.58 22.31
C ILE B 1192 17.45 27.81 21.67
N ILE B 1193 18.59 28.46 21.50
CA ILE B 1193 19.73 27.81 20.84
C ILE B 1193 20.18 26.58 21.62
N LEU B 1194 20.24 26.68 22.94
CA LEU B 1194 20.67 25.54 23.75
C LEU B 1194 19.68 24.39 23.64
N ALA B 1195 18.38 24.69 23.67
CA ALA B 1195 17.39 23.63 23.56
C ALA B 1195 17.48 22.92 22.22
N VAL B 1196 17.60 23.70 21.14
CA VAL B 1196 17.76 23.09 19.82
C VAL B 1196 19.01 22.23 19.78
N ALA B 1197 20.14 22.77 20.25
CA ALA B 1197 21.41 22.06 20.18
C ALA B 1197 21.42 20.81 21.06
N VAL B 1198 20.61 20.75 22.10
CA VAL B 1198 20.61 19.56 22.94
C VAL B 1198 19.66 18.50 22.40
N CYS B 1199 18.48 18.86 21.92
CA CYS B 1199 17.55 17.86 21.42
C CYS B 1199 17.79 17.51 19.95
N LEU B 1200 18.95 17.86 19.39
CA LEU B 1200 19.24 17.59 17.99
C LEU B 1200 20.62 17.04 17.73
N LEU B 1201 21.59 17.28 18.60
CA LEU B 1201 22.99 16.97 18.37
C LEU B 1201 23.29 15.49 18.65
N PRO B 1202 22.77 14.91 19.75
CA PRO B 1202 22.95 13.47 19.95
C PRO B 1202 22.33 12.61 18.87
N VAL B 1203 21.33 13.10 18.13
CA VAL B 1203 20.82 12.34 16.99
C VAL B 1203 21.88 12.20 15.91
N VAL B 1204 22.59 13.29 15.63
CA VAL B 1204 23.70 13.23 14.68
C VAL B 1204 24.79 12.29 15.21
N ALA B 1205 25.08 12.39 16.51
CA ALA B 1205 26.10 11.50 17.08
C ALA B 1205 25.71 10.03 16.92
N ILE B 1206 24.45 9.71 17.21
CA ILE B 1206 23.99 8.33 17.10
C ILE B 1206 24.04 7.85 15.66
N ARG B 1207 23.61 8.69 14.72
CA ARG B 1207 23.65 8.29 13.31
C ARG B 1207 25.08 8.02 12.87
N PHE B 1208 26.01 8.91 13.20
CA PHE B 1208 27.39 8.69 12.77
C PHE B 1208 28.01 7.48 13.45
N LEU B 1209 27.63 7.22 14.71
CA LEU B 1209 28.20 6.10 15.44
C LEU B 1209 27.54 4.77 15.08
N SER B 1210 26.41 4.81 14.37
CA SER B 1210 25.74 3.61 13.92
C SER B 1210 25.85 3.42 12.42
N MET B 1211 26.80 4.10 11.78
CA MET B 1211 27.00 4.00 10.34
C MET B 1211 28.40 3.53 9.96
N THR B 1212 29.40 3.78 10.79
CA THR B 1212 30.74 3.24 10.58
C THR B 1212 30.99 1.99 11.41
N ILE B 1213 29.98 1.50 12.12
CA ILE B 1213 30.06 0.22 12.79
C ILE B 1213 29.10 -0.82 12.22
N TRP B 1214 27.93 -0.41 11.74
CA TRP B 1214 26.99 -1.33 11.13
C TRP B 1214 26.44 -0.72 9.83
N PRO B 1215 27.25 -0.51 8.81
CA PRO B 1215 26.76 0.12 7.57
C PRO B 1215 25.73 -0.77 6.89
N SER B 1216 24.53 -0.24 6.69
CA SER B 1216 23.47 -0.98 6.04
C SER B 1216 23.77 -1.13 4.55
N GLU B 1217 22.99 -1.99 3.89
CA GLU B 1217 23.26 -2.35 2.52
C GLU B 1217 23.23 -1.12 1.61
N SER B 1218 22.21 -0.29 1.75
CA SER B 1218 22.13 0.92 0.94
C SER B 1218 23.26 1.89 1.25
N ASP B 1219 23.68 1.95 2.51
CA ASP B 1219 24.84 2.77 2.85
C ASP B 1219 26.08 2.30 2.10
N LYS B 1220 26.29 0.98 2.07
CA LYS B 1220 27.44 0.44 1.36
C LYS B 1220 27.36 0.74 -0.13
N ILE B 1221 26.17 0.61 -0.72
CA ILE B 1221 26.02 0.90 -2.15
C ILE B 1221 26.34 2.37 -2.42
N GLN B 1222 25.79 3.28 -1.62
CA GLN B 1222 25.99 4.70 -1.86
C GLN B 1222 27.44 5.12 -1.62
N LYS B 1223 28.13 4.45 -0.69
CA LYS B 1223 29.49 4.85 -0.37
C LYS B 1223 30.46 4.51 -1.49
N HIS B 1224 30.23 3.39 -2.18
CA HIS B 1224 31.16 2.89 -3.19
C HIS B 1224 30.71 3.19 -4.61
N ARG B 1225 29.72 4.07 -4.80
CA ARG B 1225 29.18 4.32 -6.13
C ARG B 1225 30.16 5.03 -7.04
N LYS B 1226 31.21 5.66 -6.50
CA LYS B 1226 32.06 6.52 -7.31
C LYS B 1226 32.76 5.74 -8.42
N ARG B 1227 33.33 4.59 -8.09
CA ARG B 1227 34.08 3.79 -9.06
C ARG B 1227 33.58 2.35 -9.02
N LEU B 1228 32.84 1.95 -10.05
CA LEU B 1228 32.43 0.56 -10.18
C LEU B 1228 32.28 0.23 -11.66
N LYS B 1229 32.33 -1.05 -11.98
CA LYS B 1229 32.30 -1.49 -13.36
C LYS B 1229 30.87 -1.55 -13.88
N ALA B 1230 30.74 -1.57 -15.20
CA ALA B 1230 29.46 -1.73 -15.85
C ALA B 1230 29.06 -3.21 -15.81
N GLU B 1231 27.96 -3.56 -16.49
CA GLU B 1231 27.52 -4.94 -16.51
C GLU B 1231 26.61 -5.18 -17.70
N GLU B 1232 26.75 -6.36 -18.31
CA GLU B 1232 25.91 -6.79 -19.43
C GLU B 1232 26.04 -8.30 -19.54
N GLN B 1233 24.95 -9.02 -19.30
CA GLN B 1233 25.04 -10.45 -19.00
C GLN B 1233 23.80 -11.16 -19.53
N TRP B 1234 23.57 -12.38 -19.03
CA TRP B 1234 22.46 -13.26 -19.42
C TRP B 1234 22.55 -13.62 -20.91
N GLN B 1235 23.53 -14.45 -21.26
CA GLN B 1235 23.51 -14.91 -22.63
C GLN B 1235 22.55 -16.09 -22.82
N ARG B 1236 22.92 -17.28 -22.35
CA ARG B 1236 21.96 -18.37 -22.32
C ARG B 1236 22.20 -19.32 -21.14
N ARG B 1237 23.38 -19.24 -20.54
CA ARG B 1237 23.93 -20.30 -19.68
C ARG B 1237 24.10 -21.59 -20.50
N GLN B 1238 24.99 -21.51 -21.48
CA GLN B 1238 25.27 -22.64 -22.36
C GLN B 1238 25.92 -23.78 -21.59
N GLN B 1239 25.51 -25.00 -21.92
CA GLN B 1239 25.82 -26.21 -21.15
C GLN B 1239 26.10 -27.38 -22.07
N VAL B 1240 26.95 -27.15 -23.07
CA VAL B 1240 27.03 -27.95 -24.30
C VAL B 1240 26.87 -29.44 -24.04
N PHE B 1241 27.58 -29.97 -23.05
CA PHE B 1241 27.38 -31.36 -22.65
C PHE B 1241 27.75 -31.53 -21.19
N ARG B 1242 27.23 -32.60 -20.60
CA ARG B 1242 27.50 -32.97 -19.22
C ARG B 1242 28.29 -34.28 -19.18
N ARG B 1243 29.17 -34.40 -18.18
CA ARG B 1243 29.96 -35.60 -17.99
C ARG B 1243 29.23 -36.67 -17.19
N GLY B 1244 28.00 -36.39 -16.76
CA GLY B 1244 27.22 -37.33 -15.98
C GLY B 1244 25.87 -37.61 -16.61
N VAL B 1245 25.85 -37.84 -17.93
CA VAL B 1245 24.61 -37.88 -18.71
C VAL B 1245 23.58 -38.80 -18.06
N SER B 1246 22.44 -38.21 -17.69
CA SER B 1246 21.40 -38.94 -16.96
C SER B 1246 19.99 -38.62 -17.38
N THR B 1247 19.75 -37.60 -18.21
CA THR B 1247 18.39 -37.12 -18.44
C THR B 1247 17.49 -38.19 -19.06
N ARG B 1248 17.80 -38.59 -20.29
CA ARG B 1248 16.95 -39.52 -21.05
C ARG B 1248 15.49 -39.08 -21.04
N ARG B 1249 15.26 -37.78 -20.89
CA ARG B 1249 13.91 -37.20 -20.89
C ARG B 1249 13.69 -36.50 -22.22
N SER B 1250 12.59 -36.84 -22.88
CA SER B 1250 12.31 -36.35 -24.22
C SER B 1250 11.48 -35.08 -24.15
N ALA B 1251 11.83 -34.12 -25.00
CA ALA B 1251 11.08 -32.87 -25.10
C ALA B 1251 9.95 -32.99 -26.10
N TYR B 1252 9.13 -34.03 -25.95
CA TYR B 1252 7.99 -34.23 -26.82
C TYR B 1252 6.80 -33.42 -26.32
N ALA B 1253 6.13 -32.75 -27.25
CA ALA B 1253 4.95 -31.95 -26.92
C ALA B 1253 4.18 -31.71 -28.21
N PHE B 1254 2.90 -32.05 -28.20
CA PHE B 1254 2.05 -31.89 -29.38
C PHE B 1254 0.69 -31.39 -28.92
N SER B 1255 0.32 -30.18 -29.34
CA SER B 1255 -0.94 -29.58 -28.94
C SER B 1255 -1.97 -29.88 -30.02
N HIS B 1256 -2.81 -30.87 -29.78
CA HIS B 1256 -3.82 -31.30 -30.75
C HIS B 1256 -4.81 -32.21 -30.06
N GLN B 1257 -6.00 -32.32 -30.64
CA GLN B 1257 -7.05 -33.18 -30.11
C GLN B 1257 -7.29 -34.39 -31.00
N ARG B 1258 -8.31 -35.15 -30.65
CA ARG B 1258 -8.68 -36.38 -31.33
C ARG B 1258 -9.98 -36.16 -32.08
N GLY B 1259 -10.18 -36.95 -33.13
CA GLY B 1259 -11.44 -36.95 -33.85
C GLY B 1259 -11.49 -36.11 -35.10
N TYR B 1260 -10.35 -35.60 -35.57
CA TYR B 1260 -10.31 -34.83 -36.80
C TYR B 1260 -10.28 -35.71 -38.05
N ALA B 1261 -10.66 -36.97 -37.93
CA ALA B 1261 -10.72 -37.89 -39.06
C ALA B 1261 -12.03 -37.77 -39.83
N ASP B 1262 -12.71 -36.62 -39.72
CA ASP B 1262 -13.94 -36.39 -40.46
C ASP B 1262 -13.74 -36.60 -41.95
N LEU B 1263 -12.52 -36.37 -42.44
CA LEU B 1263 -12.23 -36.58 -43.85
C LEU B 1263 -12.52 -38.00 -44.29
N ILE B 1264 -12.21 -38.97 -43.43
CA ILE B 1264 -12.47 -40.36 -43.81
C ILE B 1264 -13.97 -40.66 -43.80
N SER B 1265 -14.78 -39.79 -43.21
CA SER B 1265 -16.22 -39.95 -43.31
C SER B 1265 -16.76 -39.26 -44.56
N SER B 1266 -16.44 -37.98 -44.72
CA SER B 1266 -16.84 -37.23 -45.90
C SER B 1266 -15.93 -36.03 -46.03
N GLY B 1267 -15.95 -35.42 -47.21
CA GLY B 1267 -15.07 -34.30 -47.48
C GLY B 1267 -15.66 -32.96 -47.08
N ARG B 1268 -15.29 -32.47 -45.90
CA ARG B 1268 -15.75 -31.18 -45.43
C ARG B 1268 -14.88 -30.09 -46.05
N SER B 1269 -14.79 -30.07 -47.37
CA SER B 1269 -13.93 -29.13 -48.09
C SER B 1269 -14.71 -27.94 -48.63
N ILE B 1270 -15.74 -28.19 -49.43
CA ILE B 1270 -16.50 -27.12 -50.03
C ILE B 1270 -17.96 -27.54 -50.23
C1 NAG C . -13.47 26.25 50.19
C2 NAG C . -14.08 27.33 49.26
C3 NAG C . -15.37 27.89 49.84
C4 NAG C . -16.33 26.76 50.22
C5 NAG C . -15.62 25.75 51.11
C6 NAG C . -16.47 24.54 51.43
C7 NAG C . -12.52 29.30 49.65
C8 NAG C . -12.79 29.26 51.13
N2 NAG C . -13.14 28.38 48.87
O3 NAG C . -15.99 28.75 48.90
O4 NAG C . -17.46 27.29 50.89
O5 NAG C . -14.44 25.25 50.46
O6 NAG C . -16.05 23.41 50.68
O7 NAG C . -11.76 30.12 49.17
C1 NAG C . -18.62 27.09 50.07
C2 NAG C . -19.81 26.88 50.99
C3 NAG C . -21.08 26.68 50.17
C4 NAG C . -21.26 27.81 49.17
C5 NAG C . -19.99 28.02 48.35
C6 NAG C . -20.05 29.24 47.46
C7 NAG C . -20.24 25.59 53.03
C8 NAG C . -19.88 24.37 53.82
N2 NAG C . -19.59 25.76 51.88
O3 NAG C . -22.20 26.60 51.05
O4 NAG C . -22.32 27.49 48.27
O5 NAG C . -18.87 28.21 49.22
O6 NAG C . -21.21 30.02 47.71
O7 NAG C . -21.09 26.39 53.42
C1 MAN C . -23.57 28.06 48.70
C2 MAN C . -24.40 28.31 47.42
C3 MAN C . -25.25 29.56 47.59
C4 MAN C . -25.77 29.64 49.02
C5 MAN C . -24.59 29.88 49.96
C6 MAN C . -24.80 29.34 51.37
O2 MAN C . -25.32 27.24 47.19
O3 MAN C . -26.32 29.59 46.65
O4 MAN C . -26.71 30.70 49.14
O5 MAN C . -23.38 29.26 49.43
O6 MAN C . -26.12 29.66 51.78
C1 MAN C . -26.04 30.61 45.68
C2 MAN C . -27.03 30.50 44.50
C3 MAN C . -27.11 31.82 43.75
C4 MAN C . -27.34 32.98 44.72
C5 MAN C . -26.20 33.02 45.73
C6 MAN C . -26.35 34.13 46.75
O1 MAN C . -24.74 30.49 45.11
O2 MAN C . -28.35 30.24 44.97
O3 MAN C . -28.13 31.80 42.75
O4 MAN C . -27.40 34.20 44.01
O5 MAN C . -26.19 31.78 46.45
O6 MAN C . -26.91 35.26 46.10
C1 NAG D . -5.89 44.49 50.62
C2 NAG D . -6.98 45.24 51.37
C3 NAG D . -7.76 44.28 52.27
C4 NAG D . -8.24 43.06 51.50
C5 NAG D . -7.09 42.44 50.71
C6 NAG D . -7.54 41.34 49.79
C7 NAG D . -6.41 47.60 51.76
C8 NAG D . -7.04 47.89 50.43
N2 NAG D . -6.43 46.32 52.16
O3 NAG D . -8.88 44.97 52.82
O4 NAG D . -8.75 42.10 52.42
O5 NAG D . -6.46 43.43 49.89
O6 NAG D . -7.30 40.06 50.36
O7 NAG D . -5.92 48.50 52.45
C1 NAG D . -10.14 41.75 52.14
C2 NAG D . -10.60 40.70 53.16
C3 NAG D . -12.04 40.31 52.90
C4 NAG D . -12.94 41.53 52.79
C5 NAG D . -12.34 42.60 51.88
C6 NAG D . -13.08 43.91 51.94
C7 NAG D . -9.43 38.59 52.38
C8 NAG D . -10.09 38.68 51.02
N2 NAG D . -9.71 39.55 53.28
O3 NAG D . -12.50 39.46 53.95
O4 NAG D . -14.18 41.13 52.20
O5 NAG D . -10.98 42.89 52.22
O6 NAG D . -12.92 44.66 50.75
O7 NAG D . -8.65 37.67 52.64
C1 MAN D . -15.30 40.97 53.11
C2 MAN D . -16.06 42.32 53.12
C3 MAN D . -17.24 42.28 54.13
C4 MAN D . -16.88 41.60 55.49
C5 MAN D . -16.01 40.34 55.31
C6 MAN D . -16.77 39.17 54.73
O2 MAN D . -16.61 42.60 51.82
O3 MAN D . -18.45 41.71 53.59
O4 MAN D . -16.22 42.53 56.33
O5 MAN D . -14.90 40.63 54.42
O6 MAN D . -16.74 38.10 55.66
C1 MAN D . -18.10 37.84 56.07
C2 MAN D . -18.14 37.91 57.61
C3 MAN D . -17.39 36.71 58.20
C4 MAN D . -17.90 35.39 57.62
C5 MAN D . -17.79 35.43 56.08
C6 MAN D . -18.37 34.19 55.43
O2 MAN D . -19.47 37.83 58.11
O3 MAN D . -17.48 36.67 59.62
O4 MAN D . -17.14 34.31 58.12
O5 MAN D . -18.52 36.56 55.59
O6 MAN D . -17.88 34.13 54.08
C1 MAN D . -18.98 33.77 53.22
C2 MAN D . -18.42 33.57 51.77
C3 MAN D . -19.56 33.28 50.78
C4 MAN D . -20.92 33.71 51.33
C5 MAN D . -20.76 35.02 52.08
C6 MAN D . -22.07 35.65 52.47
O2 MAN D . -17.56 32.43 51.71
O3 MAN D . -19.57 31.92 50.37
O4 MAN D . -21.85 33.88 50.26
O5 MAN D . -20.01 34.76 53.30
O6 MAN D . -22.48 35.07 53.70
C1 MAN D . -19.40 42.67 53.01
C2 MAN D . -19.23 44.12 53.59
C3 MAN D . -20.51 44.92 53.39
C4 MAN D . -21.32 44.35 52.22
C5 MAN D . -21.81 42.95 52.60
C6 MAN D . -22.35 42.14 51.43
O2 MAN D . -18.25 44.88 52.87
O3 MAN D . -20.27 46.29 53.18
O4 MAN D . -22.42 45.19 51.92
O5 MAN D . -20.73 42.18 53.22
O6 MAN D . -23.31 42.94 50.76
C1 NAG E . 13.10 46.80 63.56
C2 NAG E . 12.86 47.31 64.97
C3 NAG E . 13.91 48.33 65.35
C4 NAG E . 15.32 47.81 65.09
C5 NAG E . 15.42 47.19 63.69
C6 NAG E . 16.73 46.47 63.46
C7 NAG E . 10.66 47.46 66.04
C8 NAG E . 11.14 46.41 66.99
N2 NAG E . 11.52 47.85 65.11
O3 NAG E . 13.75 48.67 66.72
O4 NAG E . 16.26 48.88 65.16
O5 NAG E . 14.38 46.23 63.48
O6 NAG E . 16.54 45.33 62.64
O7 NAG E . 9.53 47.96 66.14
C1 NAG E . 16.82 49.09 66.47
C2 NAG E . 17.97 50.10 66.34
C3 NAG E . 18.54 50.42 67.72
C4 NAG E . 17.43 50.87 68.67
C5 NAG E . 16.35 49.80 68.71
C6 NAG E . 15.17 50.19 69.57
C7 NAG E . 19.64 50.39 64.56
C8 NAG E . 19.24 51.84 64.52
N2 NAG E . 19.01 49.62 65.44
O3 NAG E . 19.54 51.43 67.62
O4 NAG E . 17.96 51.09 69.97
O5 NAG E . 15.85 49.57 67.39
O6 NAG E . 13.95 50.10 68.84
O7 NAG E . 20.52 49.94 63.82
C1 NAG F . 8.72 55.51 59.10
C2 NAG F . 7.37 56.07 59.52
C3 NAG F . 7.34 56.35 61.03
C4 NAG F . 8.72 56.70 61.57
C5 NAG F . 9.74 55.61 61.24
C6 NAG F . 10.02 54.70 62.42
C7 NAG F . 6.22 57.25 57.71
C8 NAG F . 5.98 58.58 57.05
N2 NAG F . 7.03 57.26 58.77
O3 NAG F . 6.82 55.22 61.71
O4 NAG F . 9.16 57.94 61.03
O5 NAG F . 9.28 54.77 60.17
O6 NAG F . 9.04 54.86 63.43
O7 NAG F . 5.69 56.22 57.31
MG MG G . -3.88 -17.01 -20.24
#